data_1EVL
#
_entry.id   1EVL
#
_cell.length_a   86.7
_cell.length_b   111.1
_cell.length_c   135.2
_cell.angle_alpha   90.0
_cell.angle_beta   93.5
_cell.angle_gamma   90.0
#
_symmetry.space_group_name_H-M   'P 1 21 1'
#
loop_
_entity.id
_entity.type
_entity.pdbx_description
1 polymer 'THREONYL-TRNA SYNTHETASE'
2 non-polymer 'ZINC ION'
3 non-polymer "5'-O-(N-(L-THREONYL)-SULFAMOYL)ADENOSINE"
4 water water
#
_entity_poly.entity_id   1
_entity_poly.type   'polypeptide(L)'
_entity_poly.pdbx_seq_one_letter_code
;RDHRKIGKQLDLYHMQEEAPGMVFWHNDGWTIFRELEVFVRSKLKEYQYQEVKGPFMMDRVLWEKTGHWDNYKDAMFTTS
SENREYCIKPMNCPGHVQIFNQGLKSYRDLPLRMAEFGSCHRNEPSGSLHGLMRVRGFTQDDAHIFCTEEQIRDEVNGCI
RLVYDMYSTFGFEKIVVKLSTRPEKRIGSDEMWDRAEADLAVALEENNIPFEYQLGEGAFYGPKIEFTLYDCLDRAWQCG
TVQLDFSLPSRLSASYVGEDNERKVPVMIHRAILGSMERFIGILTEEFAGFFPTWLAPVQVVIMNITDSQSEYVNELTQK
LSNAGIRVKADLRNEKIGFKIREHTLRRVPYMLVCGDKEVESGKVAVRTRRGKDLGSMDVNEVIEKLQQEIRSRSLKQLE
E
;
_entity_poly.pdbx_strand_id   A,B,C,D
#
loop_
_chem_comp.id
_chem_comp.type
_chem_comp.name
_chem_comp.formula
TSB non-polymer 5'-O-(N-(L-THREONYL)-SULFAMOYL)ADENOSINE 'C14 H21 N7 O8 S'
ZN non-polymer 'ZINC ION' 'Zn 2'
#
# COMPACT_ATOMS: atom_id res chain seq x y z
N ARG A 1 -23.87 -37.13 3.50
CA ARG A 1 -24.38 -36.20 4.50
C ARG A 1 -23.59 -34.89 4.53
N ASP A 2 -22.40 -34.89 3.95
CA ASP A 2 -21.57 -33.69 3.93
C ASP A 2 -22.05 -32.67 2.89
N HIS A 3 -22.17 -31.41 3.31
CA HIS A 3 -22.67 -30.37 2.39
C HIS A 3 -21.82 -30.13 1.17
N ARG A 4 -20.52 -30.42 1.25
CA ARG A 4 -19.65 -30.21 0.10
C ARG A 4 -19.99 -31.25 -0.97
N LYS A 5 -20.26 -32.48 -0.55
CA LYS A 5 -20.61 -33.54 -1.48
C LYS A 5 -22.01 -33.33 -2.05
N ILE A 6 -22.93 -32.90 -1.20
CA ILE A 6 -24.30 -32.65 -1.64
C ILE A 6 -24.29 -31.44 -2.56
N GLY A 7 -23.48 -30.45 -2.23
CA GLY A 7 -23.39 -29.27 -3.07
C GLY A 7 -22.93 -29.61 -4.46
N LYS A 8 -22.04 -30.58 -4.58
CA LYS A 8 -21.55 -30.99 -5.89
C LYS A 8 -22.64 -31.76 -6.63
N GLN A 9 -23.31 -32.67 -5.92
CA GLN A 9 -24.37 -33.47 -6.51
C GLN A 9 -25.51 -32.61 -7.05
N LEU A 10 -25.76 -31.47 -6.39
CA LEU A 10 -26.84 -30.59 -6.83
C LEU A 10 -26.38 -29.36 -7.62
N ASP A 11 -25.08 -29.28 -7.93
CA ASP A 11 -24.51 -28.18 -8.69
C ASP A 11 -24.86 -26.82 -8.07
N LEU A 12 -24.72 -26.74 -6.76
CA LEU A 12 -25.04 -25.51 -6.04
C LEU A 12 -23.96 -24.44 -6.06
N TYR A 13 -22.71 -24.86 -5.94
CA TYR A 13 -21.60 -23.92 -5.92
C TYR A 13 -20.30 -24.68 -6.09
N HIS A 14 -19.20 -23.94 -6.17
CA HIS A 14 -17.89 -24.58 -6.22
C HIS A 14 -16.85 -23.59 -5.69
N MET A 15 -15.69 -24.11 -5.35
CA MET A 15 -14.61 -23.27 -4.90
C MET A 15 -13.34 -23.74 -5.59
N GLN A 16 -12.37 -22.84 -5.71
CA GLN A 16 -11.11 -23.19 -6.35
C GLN A 16 -9.93 -22.46 -5.75
N GLU A 17 -8.73 -22.97 -6.06
CA GLU A 17 -7.48 -22.42 -5.54
C GLU A 17 -7.23 -20.93 -5.80
N GLU A 18 -7.73 -20.40 -6.92
CA GLU A 18 -7.52 -19.00 -7.21
C GLU A 18 -8.30 -18.05 -6.31
N ALA A 19 -9.17 -18.59 -5.47
CA ALA A 19 -9.96 -17.77 -4.55
C ALA A 19 -10.25 -18.54 -3.25
N PRO A 20 -9.22 -18.81 -2.44
CA PRO A 20 -9.43 -19.55 -1.19
C PRO A 20 -10.57 -18.98 -0.34
N GLY A 21 -11.50 -19.84 0.08
CA GLY A 21 -12.60 -19.39 0.90
C GLY A 21 -13.58 -18.41 0.26
N MET A 22 -13.58 -18.33 -1.07
CA MET A 22 -14.48 -17.44 -1.81
C MET A 22 -15.41 -18.35 -2.61
N VAL A 23 -16.71 -18.25 -2.37
CA VAL A 23 -17.68 -19.10 -3.05
C VAL A 23 -18.14 -18.61 -4.41
N PHE A 24 -18.19 -19.55 -5.37
CA PHE A 24 -18.71 -19.27 -6.70
C PHE A 24 -20.11 -19.88 -6.61
N TRP A 25 -21.13 -19.05 -6.45
CA TRP A 25 -22.51 -19.54 -6.36
C TRP A 25 -23.08 -19.80 -7.74
N HIS A 26 -23.40 -21.07 -8.02
CA HIS A 26 -23.99 -21.42 -9.30
C HIS A 26 -25.46 -21.01 -9.27
N ASN A 27 -26.13 -21.09 -10.41
CA ASN A 27 -27.53 -20.71 -10.46
C ASN A 27 -28.38 -21.34 -9.37
N ASP A 28 -28.24 -22.66 -9.20
CA ASP A 28 -29.06 -23.34 -8.23
C ASP A 28 -28.76 -23.00 -6.77
N GLY A 29 -27.48 -22.80 -6.43
CA GLY A 29 -27.15 -22.42 -5.06
C GLY A 29 -27.59 -20.98 -4.82
N TRP A 30 -27.44 -20.12 -5.82
CA TRP A 30 -27.83 -18.72 -5.69
C TRP A 30 -29.34 -18.62 -5.50
N THR A 31 -30.09 -19.57 -6.06
CA THR A 31 -31.53 -19.56 -5.90
C THR A 31 -31.88 -19.74 -4.41
N ILE A 32 -31.17 -20.64 -3.74
CA ILE A 32 -31.42 -20.89 -2.32
C ILE A 32 -31.08 -19.63 -1.52
N PHE A 33 -29.93 -19.04 -1.83
CA PHE A 33 -29.44 -17.83 -1.18
C PHE A 33 -30.50 -16.74 -1.31
N ARG A 34 -30.98 -16.53 -2.53
CA ARG A 34 -32.00 -15.51 -2.74
C ARG A 34 -33.32 -15.80 -2.03
N GLU A 35 -33.72 -17.07 -1.94
CA GLU A 35 -34.96 -17.37 -1.23
C GLU A 35 -34.81 -17.11 0.27
N LEU A 36 -33.61 -17.33 0.80
CA LEU A 36 -33.37 -17.04 2.21
C LEU A 36 -33.46 -15.53 2.43
N GLU A 37 -32.96 -14.76 1.46
CA GLU A 37 -33.04 -13.30 1.58
C GLU A 37 -34.49 -12.84 1.60
N VAL A 38 -35.32 -13.42 0.72
CA VAL A 38 -36.74 -13.06 0.67
C VAL A 38 -37.37 -13.37 2.03
N PHE A 39 -37.04 -14.54 2.58
CA PHE A 39 -37.55 -14.95 3.88
C PHE A 39 -37.14 -13.95 4.97
N VAL A 40 -35.85 -13.63 5.05
CA VAL A 40 -35.38 -12.69 6.06
C VAL A 40 -36.09 -11.35 5.91
N ARG A 41 -36.20 -10.86 4.68
CA ARG A 41 -36.85 -9.58 4.45
C ARG A 41 -38.29 -9.60 4.92
N SER A 42 -38.98 -10.74 4.75
CA SER A 42 -40.36 -10.82 5.20
C SER A 42 -40.41 -10.61 6.71
N LYS A 43 -39.42 -11.16 7.41
CA LYS A 43 -39.36 -10.99 8.86
C LYS A 43 -38.88 -9.59 9.25
N LEU A 44 -37.96 -9.02 8.48
CA LEU A 44 -37.46 -7.66 8.78
C LEU A 44 -38.64 -6.68 8.76
N LYS A 45 -39.51 -6.85 7.76
CA LYS A 45 -40.67 -5.98 7.62
C LYS A 45 -41.58 -6.06 8.82
N GLU A 46 -41.88 -7.28 9.23
CA GLU A 46 -42.73 -7.55 10.38
C GLU A 46 -42.13 -6.98 11.66
N TYR A 47 -40.82 -7.13 11.84
CA TYR A 47 -40.16 -6.65 13.04
C TYR A 47 -39.68 -5.20 12.97
N GLN A 48 -40.08 -4.49 11.91
CA GLN A 48 -39.74 -3.07 11.73
C GLN A 48 -38.27 -2.68 11.60
N TYR A 49 -37.63 -3.08 10.51
CA TYR A 49 -36.24 -2.76 10.26
C TYR A 49 -36.07 -2.01 8.95
N GLN A 50 -35.12 -1.09 8.93
CA GLN A 50 -34.78 -0.40 7.69
C GLN A 50 -33.80 -1.38 7.06
N GLU A 51 -33.50 -1.20 5.77
CA GLU A 51 -32.50 -2.03 5.10
C GLU A 51 -31.61 -1.07 4.30
N VAL A 52 -30.30 -1.17 4.52
CA VAL A 52 -29.34 -0.28 3.86
C VAL A 52 -28.23 -1.09 3.20
N LYS A 53 -27.27 -0.40 2.60
CA LYS A 53 -26.10 -1.05 1.99
C LYS A 53 -24.91 -0.12 2.22
N GLY A 54 -23.90 -0.61 2.93
CA GLY A 54 -22.72 0.20 3.20
C GLY A 54 -21.60 -0.11 2.22
N PRO A 55 -20.58 0.74 2.13
CA PRO A 55 -19.47 0.49 1.21
C PRO A 55 -18.59 -0.70 1.59
N PHE A 56 -17.94 -1.28 0.58
CA PHE A 56 -17.08 -2.43 0.80
C PHE A 56 -15.79 -2.09 1.53
N MET A 57 -15.36 -0.84 1.43
CA MET A 57 -14.16 -0.47 2.15
C MET A 57 -14.24 0.97 2.62
N MET A 58 -13.46 1.27 3.65
CA MET A 58 -13.38 2.60 4.21
C MET A 58 -11.97 2.82 4.70
N ASP A 59 -11.62 4.10 4.87
CA ASP A 59 -10.30 4.53 5.31
C ASP A 59 -9.87 3.77 6.57
N ARG A 60 -8.62 3.34 6.59
CA ARG A 60 -8.10 2.60 7.72
C ARG A 60 -8.21 3.42 9.02
N VAL A 61 -8.19 4.74 8.90
CA VAL A 61 -8.30 5.59 10.08
C VAL A 61 -9.61 5.34 10.82
N LEU A 62 -10.69 5.07 10.09
CA LEU A 62 -11.96 4.80 10.75
C LEU A 62 -11.87 3.48 11.52
N TRP A 63 -11.19 2.50 10.95
CA TRP A 63 -11.04 1.21 11.60
C TRP A 63 -10.11 1.31 12.81
N GLU A 64 -9.29 2.35 12.85
CA GLU A 64 -8.42 2.56 14.00
C GLU A 64 -9.31 3.10 15.12
N LYS A 65 -10.18 4.04 14.78
CA LYS A 65 -11.08 4.64 15.77
C LYS A 65 -12.00 3.62 16.45
N THR A 66 -12.52 2.66 15.68
CA THR A 66 -13.43 1.66 16.23
C THR A 66 -12.74 0.63 17.11
N GLY A 67 -11.42 0.52 16.96
CA GLY A 67 -10.66 -0.45 17.72
C GLY A 67 -10.38 -1.70 16.90
N HIS A 68 -10.88 -1.75 15.66
CA HIS A 68 -10.60 -2.92 14.84
C HIS A 68 -9.13 -3.06 14.48
N TRP A 69 -8.45 -1.94 14.26
CA TRP A 69 -7.04 -2.01 13.87
C TRP A 69 -6.17 -2.63 14.96
N ASP A 70 -6.49 -2.36 16.22
CA ASP A 70 -5.70 -2.90 17.31
C ASP A 70 -6.17 -4.25 17.84
N ASN A 71 -7.46 -4.55 17.63
CA ASN A 71 -8.03 -5.79 18.14
C ASN A 71 -8.50 -6.78 17.09
N TYR A 72 -8.41 -6.42 15.82
CA TYR A 72 -8.91 -7.28 14.76
C TYR A 72 -8.03 -7.16 13.52
N LYS A 73 -6.79 -6.73 13.73
CA LYS A 73 -5.85 -6.52 12.63
C LYS A 73 -5.62 -7.67 11.67
N ASP A 74 -5.35 -8.86 12.21
CA ASP A 74 -5.06 -10.05 11.41
C ASP A 74 -6.20 -10.48 10.49
N ALA A 75 -7.43 -10.15 10.86
CA ALA A 75 -8.57 -10.57 10.05
C ALA A 75 -8.89 -9.64 8.90
N MET A 76 -8.33 -8.44 8.91
CA MET A 76 -8.66 -7.49 7.86
C MET A 76 -7.76 -7.43 6.64
N PHE A 77 -8.40 -7.40 5.48
CA PHE A 77 -7.69 -7.27 4.20
C PHE A 77 -7.52 -5.77 4.02
N THR A 78 -6.35 -5.36 3.51
CA THR A 78 -6.11 -3.96 3.27
C THR A 78 -5.75 -3.71 1.82
N THR A 79 -5.99 -2.48 1.37
CA THR A 79 -5.66 -2.08 0.02
C THR A 79 -5.42 -0.58 0.07
N SER A 80 -4.91 -0.01 -1.01
CA SER A 80 -4.66 1.42 -0.99
C SER A 80 -4.99 2.09 -2.30
N SER A 81 -5.07 3.41 -2.23
CA SER A 81 -5.33 4.24 -3.40
C SER A 81 -4.91 5.66 -3.11
N GLU A 82 -4.15 6.25 -4.04
CA GLU A 82 -3.70 7.62 -3.91
C GLU A 82 -3.16 8.01 -2.54
N ASN A 83 -2.18 7.24 -2.07
CA ASN A 83 -1.50 7.49 -0.80
C ASN A 83 -2.32 7.20 0.47
N ARG A 84 -3.50 6.64 0.31
CA ARG A 84 -4.35 6.32 1.45
C ARG A 84 -4.62 4.83 1.59
N GLU A 85 -4.66 4.35 2.84
CA GLU A 85 -4.89 2.94 3.14
C GLU A 85 -6.36 2.71 3.48
N TYR A 86 -6.90 1.60 2.98
CA TYR A 86 -8.29 1.22 3.23
C TYR A 86 -8.39 -0.21 3.72
N CYS A 87 -9.42 -0.49 4.50
CA CYS A 87 -9.66 -1.86 4.96
C CYS A 87 -10.94 -2.32 4.30
N ILE A 88 -10.93 -3.54 3.76
CA ILE A 88 -12.14 -4.13 3.16
C ILE A 88 -12.93 -4.48 4.42
N LYS A 89 -14.22 -4.19 4.45
CA LYS A 89 -14.93 -4.41 5.71
C LYS A 89 -15.09 -5.83 6.18
N PRO A 90 -14.75 -6.08 7.47
CA PRO A 90 -14.89 -7.42 8.03
C PRO A 90 -16.23 -7.47 8.77
N MET A 91 -16.82 -6.29 8.98
CA MET A 91 -18.09 -6.12 9.69
C MET A 91 -18.84 -4.93 9.12
N ASN A 92 -20.16 -4.90 9.32
CA ASN A 92 -21.01 -3.84 8.79
C ASN A 92 -21.35 -2.71 9.75
N CYS A 93 -21.04 -2.91 11.04
CA CYS A 93 -21.36 -1.92 12.06
C CYS A 93 -20.87 -0.49 11.85
N PRO A 94 -19.56 -0.32 11.59
CA PRO A 94 -19.08 1.05 11.40
C PRO A 94 -19.82 1.78 10.29
N GLY A 95 -20.13 1.07 9.19
CA GLY A 95 -20.86 1.67 8.10
C GLY A 95 -22.26 2.10 8.53
N HIS A 96 -22.90 1.28 9.37
CA HIS A 96 -24.22 1.62 9.85
C HIS A 96 -24.18 2.84 10.74
N VAL A 97 -23.12 2.98 11.53
CA VAL A 97 -23.01 4.16 12.38
C VAL A 97 -22.82 5.39 11.50
N GLN A 98 -22.05 5.25 10.41
CA GLN A 98 -21.85 6.40 9.52
C GLN A 98 -23.19 6.84 8.96
N ILE A 99 -24.06 5.88 8.66
CA ILE A 99 -25.38 6.22 8.14
C ILE A 99 -26.22 6.89 9.22
N PHE A 100 -26.15 6.34 10.43
CA PHE A 100 -26.88 6.89 11.57
C PHE A 100 -26.46 8.34 11.81
N ASN A 101 -25.16 8.61 11.63
CA ASN A 101 -24.60 9.94 11.86
C ASN A 101 -25.05 11.00 10.87
N GLN A 102 -25.76 10.59 9.82
CA GLN A 102 -26.23 11.55 8.82
C GLN A 102 -27.61 12.03 9.22
N GLY A 103 -27.68 13.28 9.64
CA GLY A 103 -28.96 13.84 10.05
C GLY A 103 -29.15 13.77 11.55
N LEU A 104 -29.59 14.89 12.13
CA LEU A 104 -29.81 14.97 13.57
C LEU A 104 -30.81 13.92 14.03
N LYS A 105 -30.46 13.20 15.09
CA LYS A 105 -31.32 12.17 15.63
C LYS A 105 -31.91 12.59 16.97
N SER A 106 -33.14 12.18 17.20
CA SER A 106 -33.86 12.48 18.44
C SER A 106 -34.21 11.17 19.13
N TYR A 107 -34.56 11.25 20.41
CA TYR A 107 -34.93 10.05 21.15
C TYR A 107 -36.16 9.46 20.48
N ARG A 108 -36.91 10.29 19.76
CA ARG A 108 -38.12 9.83 19.08
C ARG A 108 -37.81 8.90 17.90
N ASP A 109 -36.56 8.90 17.45
CA ASP A 109 -36.15 8.06 16.33
C ASP A 109 -35.71 6.68 16.80
N LEU A 110 -35.62 6.51 18.11
CA LEU A 110 -35.18 5.25 18.70
C LEU A 110 -36.33 4.41 19.24
N PRO A 111 -36.20 3.08 19.18
CA PRO A 111 -35.06 2.34 18.63
C PRO A 111 -35.04 2.40 17.12
N LEU A 112 -33.84 2.49 16.55
CA LEU A 112 -33.68 2.54 15.11
C LEU A 112 -32.99 1.23 14.73
N ARG A 113 -33.74 0.38 14.02
CA ARG A 113 -33.24 -0.95 13.62
C ARG A 113 -32.79 -0.89 12.17
N MET A 114 -31.49 -1.06 11.96
CA MET A 114 -30.89 -0.96 10.64
C MET A 114 -30.27 -2.27 10.18
N ALA A 115 -30.89 -2.91 9.19
CA ALA A 115 -30.40 -4.20 8.69
C ALA A 115 -29.66 -4.06 7.37
N GLU A 116 -28.87 -5.08 7.06
CA GLU A 116 -28.13 -5.13 5.80
C GLU A 116 -27.70 -6.56 5.53
N PHE A 117 -27.79 -7.01 4.28
CA PHE A 117 -27.25 -8.31 3.94
C PHE A 117 -25.85 -7.82 3.57
N GLY A 118 -24.98 -7.81 4.57
CA GLY A 118 -23.64 -7.27 4.39
C GLY A 118 -22.52 -8.21 4.07
N SER A 119 -21.87 -7.93 2.95
CA SER A 119 -20.74 -8.72 2.49
C SER A 119 -19.50 -8.39 3.31
N CYS A 120 -19.03 -9.37 4.06
CA CYS A 120 -17.84 -9.22 4.91
C CYS A 120 -16.71 -10.08 4.35
N HIS A 121 -15.49 -9.61 4.57
CA HIS A 121 -14.32 -10.37 4.19
C HIS A 121 -13.38 -10.41 5.37
N ARG A 122 -12.93 -11.61 5.69
CA ARG A 122 -12.01 -11.81 6.80
C ARG A 122 -10.91 -12.73 6.33
N ASN A 123 -9.68 -12.35 6.66
CA ASN A 123 -8.53 -13.13 6.26
C ASN A 123 -8.35 -14.32 7.19
N GLU A 124 -9.26 -15.28 7.10
CA GLU A 124 -9.20 -16.47 7.93
C GLU A 124 -8.01 -17.33 7.49
N PRO A 125 -7.28 -17.93 8.45
CA PRO A 125 -6.14 -18.76 8.07
C PRO A 125 -6.62 -19.84 7.11
N SER A 126 -5.87 -20.07 6.03
CA SER A 126 -6.30 -21.05 5.04
C SER A 126 -6.53 -22.45 5.62
N GLY A 127 -5.75 -22.83 6.61
CA GLY A 127 -5.93 -24.15 7.21
C GLY A 127 -7.23 -24.31 7.97
N SER A 128 -7.88 -23.20 8.29
CA SER A 128 -9.13 -23.23 9.05
C SER A 128 -10.36 -23.22 8.16
N LEU A 129 -10.17 -23.01 6.86
CA LEU A 129 -11.30 -22.96 5.94
C LEU A 129 -12.01 -24.30 5.84
N HIS A 130 -13.34 -24.28 5.74
CA HIS A 130 -14.12 -25.50 5.65
C HIS A 130 -15.42 -25.30 4.87
N GLY A 131 -15.45 -25.80 3.65
CA GLY A 131 -16.63 -25.69 2.80
C GLY A 131 -17.31 -24.34 2.87
N LEU A 132 -18.62 -24.36 3.12
CA LEU A 132 -19.41 -23.13 3.24
C LEU A 132 -19.44 -22.65 4.69
N MET A 133 -19.00 -23.50 5.62
CA MET A 133 -19.04 -23.18 7.04
C MET A 133 -18.07 -22.09 7.48
N ARG A 134 -16.84 -22.15 6.99
CA ARG A 134 -15.88 -21.12 7.33
C ARG A 134 -15.22 -20.70 6.03
N VAL A 135 -15.57 -19.51 5.60
CA VAL A 135 -15.09 -18.93 4.34
C VAL A 135 -14.43 -17.58 4.61
N ARG A 136 -13.84 -16.97 3.59
CA ARG A 136 -13.21 -15.65 3.75
C ARG A 136 -14.14 -14.51 3.30
N GLY A 137 -15.10 -14.86 2.45
CA GLY A 137 -16.07 -13.88 1.98
C GLY A 137 -17.44 -14.44 2.26
N PHE A 138 -18.28 -13.69 2.99
CA PHE A 138 -19.60 -14.19 3.30
C PHE A 138 -20.57 -13.05 3.49
N THR A 139 -21.86 -13.36 3.43
CA THR A 139 -22.89 -12.34 3.59
C THR A 139 -23.65 -12.55 4.88
N GLN A 140 -23.62 -11.56 5.76
CA GLN A 140 -24.34 -11.69 7.03
C GLN A 140 -25.75 -11.12 6.92
N ASP A 141 -26.73 -11.73 7.60
CA ASP A 141 -28.08 -11.13 7.66
C ASP A 141 -27.97 -10.31 8.95
N ASP A 142 -27.22 -9.22 8.81
CA ASP A 142 -26.85 -8.34 9.91
C ASP A 142 -27.82 -7.20 10.18
N ALA A 143 -27.71 -6.65 11.39
CA ALA A 143 -28.48 -5.47 11.74
C ALA A 143 -27.91 -4.89 13.02
N HIS A 144 -28.06 -3.57 13.15
CA HIS A 144 -27.63 -2.91 14.37
C HIS A 144 -28.79 -2.08 14.82
N ILE A 145 -29.12 -2.23 16.10
CA ILE A 145 -30.24 -1.50 16.66
C ILE A 145 -29.67 -0.42 17.58
N PHE A 146 -30.01 0.83 17.30
CA PHE A 146 -29.57 1.95 18.10
C PHE A 146 -30.73 2.24 19.05
N CYS A 147 -30.45 2.23 20.35
CA CYS A 147 -31.51 2.45 21.32
C CYS A 147 -31.01 3.10 22.61
N THR A 148 -31.92 3.38 23.53
CA THR A 148 -31.56 3.97 24.80
C THR A 148 -31.27 2.81 25.76
N GLU A 149 -30.65 3.11 26.90
CA GLU A 149 -30.36 2.05 27.86
C GLU A 149 -31.64 1.41 28.37
N GLU A 150 -32.71 2.20 28.48
CA GLU A 150 -33.98 1.69 28.96
C GLU A 150 -34.64 0.74 27.96
N GLN A 151 -34.26 0.86 26.69
CA GLN A 151 -34.83 0.02 25.64
C GLN A 151 -34.08 -1.29 25.41
N ILE A 152 -32.92 -1.44 26.04
CA ILE A 152 -32.12 -2.65 25.89
C ILE A 152 -32.93 -3.93 26.12
N ARG A 153 -33.62 -4.01 27.24
CA ARG A 153 -34.41 -5.21 27.54
C ARG A 153 -35.35 -5.62 26.42
N ASP A 154 -36.21 -4.70 25.98
CA ASP A 154 -37.16 -5.00 24.92
C ASP A 154 -36.49 -5.32 23.59
N GLU A 155 -35.43 -4.60 23.26
CA GLU A 155 -34.76 -4.83 21.98
C GLU A 155 -34.01 -6.16 21.92
N VAL A 156 -33.35 -6.52 23.01
CA VAL A 156 -32.64 -7.79 23.06
C VAL A 156 -33.69 -8.92 23.05
N ASN A 157 -34.76 -8.74 23.81
CA ASN A 157 -35.81 -9.75 23.85
C ASN A 157 -36.37 -9.95 22.43
N GLY A 158 -36.52 -8.85 21.69
CA GLY A 158 -37.04 -8.92 20.34
C GLY A 158 -36.13 -9.73 19.43
N CYS A 159 -34.82 -9.55 19.58
CA CYS A 159 -33.88 -10.30 18.75
C CYS A 159 -33.94 -11.78 19.08
N ILE A 160 -34.02 -12.10 20.37
CA ILE A 160 -34.09 -13.50 20.79
C ILE A 160 -35.35 -14.16 20.22
N ARG A 161 -36.46 -13.45 20.26
CA ARG A 161 -37.70 -13.99 19.74
C ARG A 161 -37.59 -14.20 18.24
N LEU A 162 -36.90 -13.29 17.56
CA LEU A 162 -36.71 -13.38 16.12
C LEU A 162 -35.93 -14.64 15.75
N VAL A 163 -34.92 -14.96 16.55
CA VAL A 163 -34.12 -16.15 16.29
C VAL A 163 -34.97 -17.42 16.32
N TYR A 164 -35.68 -17.63 17.41
CA TYR A 164 -36.50 -18.84 17.50
C TYR A 164 -37.62 -18.85 16.47
N ASP A 165 -38.14 -17.66 16.17
CA ASP A 165 -39.20 -17.48 15.18
C ASP A 165 -38.70 -18.02 13.84
N MET A 166 -37.59 -17.47 13.36
CA MET A 166 -37.02 -17.88 12.09
C MET A 166 -36.51 -19.32 12.09
N TYR A 167 -35.91 -19.76 13.18
CA TYR A 167 -35.38 -21.12 13.23
C TYR A 167 -36.48 -22.18 13.21
N SER A 168 -37.66 -21.86 13.74
CA SER A 168 -38.75 -22.83 13.74
C SER A 168 -39.17 -23.20 12.32
N THR A 169 -38.93 -22.32 11.36
CA THR A 169 -39.29 -22.60 9.98
C THR A 169 -38.50 -23.81 9.46
N PHE A 170 -37.30 -23.99 9.99
CA PHE A 170 -36.42 -25.09 9.56
C PHE A 170 -36.48 -26.35 10.40
N GLY A 171 -37.20 -26.28 11.53
CA GLY A 171 -37.34 -27.44 12.39
C GLY A 171 -36.09 -27.95 13.09
N PHE A 172 -35.18 -27.06 13.43
CA PHE A 172 -33.95 -27.46 14.12
C PHE A 172 -34.30 -28.01 15.49
N GLU A 173 -33.74 -29.17 15.81
CA GLU A 173 -33.98 -29.83 17.08
C GLU A 173 -32.89 -29.55 18.10
N LYS A 174 -31.70 -29.18 17.62
CA LYS A 174 -30.59 -28.90 18.51
C LYS A 174 -30.05 -27.48 18.34
N ILE A 175 -30.30 -26.65 19.36
CA ILE A 175 -29.84 -25.27 19.38
C ILE A 175 -29.21 -25.02 20.75
N VAL A 176 -27.89 -24.89 20.79
CA VAL A 176 -27.20 -24.67 22.06
C VAL A 176 -26.86 -23.20 22.20
N VAL A 177 -27.24 -22.62 23.33
CA VAL A 177 -27.01 -21.20 23.57
C VAL A 177 -25.83 -20.94 24.48
N LYS A 178 -24.95 -20.05 24.05
CA LYS A 178 -23.76 -19.73 24.82
C LYS A 178 -23.70 -18.24 25.07
N LEU A 179 -23.22 -17.86 26.25
CA LEU A 179 -23.04 -16.46 26.56
C LEU A 179 -21.53 -16.27 26.64
N SER A 180 -20.98 -15.62 25.61
CA SER A 180 -19.54 -15.41 25.52
C SER A 180 -19.14 -14.11 26.19
N THR A 181 -18.30 -14.23 27.22
CA THR A 181 -17.89 -13.09 28.02
C THR A 181 -16.58 -12.41 27.62
N ARG A 182 -16.24 -11.34 28.35
CA ARG A 182 -15.07 -10.52 28.06
C ARG A 182 -13.79 -11.25 27.66
N PRO A 183 -13.25 -10.91 26.49
CA PRO A 183 -12.01 -11.53 26.00
C PRO A 183 -10.80 -10.80 26.57
N GLU A 184 -9.62 -11.40 26.43
CA GLU A 184 -8.39 -10.79 26.93
C GLU A 184 -8.15 -9.44 26.29
N LYS A 185 -8.27 -9.41 24.96
CA LYS A 185 -8.07 -8.20 24.17
C LYS A 185 -9.45 -7.56 23.99
N ARG A 186 -9.69 -6.45 24.67
CA ARG A 186 -10.99 -5.80 24.59
C ARG A 186 -10.93 -4.29 24.83
N ILE A 187 -12.03 -3.63 24.49
CA ILE A 187 -12.16 -2.19 24.71
C ILE A 187 -13.31 -2.01 25.70
N GLY A 188 -13.36 -0.85 26.35
CA GLY A 188 -14.42 -0.60 27.31
C GLY A 188 -13.98 -0.94 28.72
N SER A 189 -14.62 -0.31 29.70
CA SER A 189 -14.27 -0.54 31.11
C SER A 189 -14.84 -1.84 31.65
N ASP A 190 -14.26 -2.29 32.76
CA ASP A 190 -14.74 -3.52 33.40
C ASP A 190 -16.17 -3.34 33.86
N GLU A 191 -16.53 -2.12 34.27
CA GLU A 191 -17.88 -1.83 34.73
C GLU A 191 -18.87 -1.96 33.57
N MET A 192 -18.45 -1.51 32.39
CA MET A 192 -19.29 -1.59 31.20
C MET A 192 -19.53 -3.07 30.87
N TRP A 193 -18.47 -3.86 30.95
CA TRP A 193 -18.60 -5.28 30.68
C TRP A 193 -19.48 -5.98 31.71
N ASP A 194 -19.40 -5.54 32.97
CA ASP A 194 -20.23 -6.14 34.01
C ASP A 194 -21.70 -5.94 33.65
N ARG A 195 -22.03 -4.71 33.26
CA ARG A 195 -23.39 -4.35 32.89
C ARG A 195 -23.89 -5.08 31.64
N ALA A 196 -23.06 -5.12 30.61
CA ALA A 196 -23.45 -5.76 29.35
C ALA A 196 -23.65 -7.26 29.52
N GLU A 197 -22.76 -7.93 30.25
CA GLU A 197 -22.88 -9.35 30.47
C GLU A 197 -24.13 -9.66 31.27
N ALA A 198 -24.41 -8.82 32.27
CA ALA A 198 -25.58 -9.02 33.09
C ALA A 198 -26.86 -8.82 32.29
N ASP A 199 -26.88 -7.80 31.43
CA ASP A 199 -28.06 -7.54 30.61
C ASP A 199 -28.39 -8.73 29.69
N LEU A 200 -27.37 -9.32 29.09
CA LEU A 200 -27.62 -10.45 28.21
C LEU A 200 -28.06 -11.70 28.97
N ALA A 201 -27.50 -11.91 30.16
CA ALA A 201 -27.87 -13.08 30.95
C ALA A 201 -29.33 -12.95 31.39
N VAL A 202 -29.70 -11.76 31.83
CA VAL A 202 -31.08 -11.52 32.26
C VAL A 202 -32.06 -11.72 31.10
N ALA A 203 -31.66 -11.30 29.89
CA ALA A 203 -32.53 -11.46 28.73
C ALA A 203 -32.78 -12.95 28.49
N LEU A 204 -31.73 -13.75 28.62
CA LEU A 204 -31.83 -15.19 28.42
C LEU A 204 -32.73 -15.83 29.47
N GLU A 205 -32.59 -15.40 30.72
CA GLU A 205 -33.41 -15.95 31.80
C GLU A 205 -34.87 -15.57 31.63
N GLU A 206 -35.12 -14.32 31.26
CA GLU A 206 -36.47 -13.80 31.06
C GLU A 206 -37.22 -14.56 29.96
N ASN A 207 -36.45 -15.08 29.00
CA ASN A 207 -37.01 -15.84 27.89
C ASN A 207 -36.97 -17.34 28.17
N ASN A 208 -36.61 -17.69 29.40
CA ASN A 208 -36.54 -19.09 29.81
C ASN A 208 -35.65 -19.92 28.89
N ILE A 209 -34.47 -19.38 28.58
CA ILE A 209 -33.54 -20.06 27.70
C ILE A 209 -32.32 -20.55 28.46
N PRO A 210 -32.18 -21.88 28.58
CA PRO A 210 -31.02 -22.42 29.29
C PRO A 210 -29.79 -22.12 28.44
N PHE A 211 -28.68 -21.78 29.08
CA PHE A 211 -27.47 -21.49 28.34
C PHE A 211 -26.24 -21.88 29.12
N GLU A 212 -25.08 -21.74 28.50
CA GLU A 212 -23.83 -22.04 29.17
C GLU A 212 -22.88 -20.89 28.86
N TYR A 213 -21.90 -20.68 29.73
CA TYR A 213 -20.94 -19.60 29.47
C TYR A 213 -19.86 -20.10 28.54
N GLN A 214 -19.22 -19.15 27.85
CA GLN A 214 -18.10 -19.45 26.99
C GLN A 214 -17.12 -18.33 27.35
N LEU A 215 -16.34 -18.58 28.38
CA LEU A 215 -15.40 -17.59 28.89
C LEU A 215 -14.36 -17.10 27.89
N GLY A 216 -14.17 -15.78 27.90
CA GLY A 216 -13.18 -15.14 27.05
C GLY A 216 -13.41 -15.16 25.55
N GLU A 217 -14.61 -15.52 25.12
CA GLU A 217 -14.90 -15.59 23.69
C GLU A 217 -15.83 -14.50 23.16
N GLY A 218 -16.08 -13.46 23.96
CA GLY A 218 -16.92 -12.38 23.51
C GLY A 218 -16.19 -11.55 22.47
N ALA A 219 -16.89 -10.61 21.85
CA ALA A 219 -16.25 -9.74 20.86
C ALA A 219 -15.39 -8.73 21.59
N PHE A 220 -14.43 -8.11 20.90
CA PHE A 220 -13.60 -7.14 21.59
C PHE A 220 -14.42 -5.94 22.06
N TYR A 221 -15.57 -5.73 21.45
CA TYR A 221 -16.44 -4.59 21.77
C TYR A 221 -17.66 -4.93 22.62
N GLY A 222 -17.82 -6.20 22.99
CA GLY A 222 -18.96 -6.53 23.81
C GLY A 222 -19.29 -8.01 23.91
N PRO A 223 -20.05 -8.42 24.94
CA PRO A 223 -20.42 -9.83 25.12
C PRO A 223 -21.39 -10.29 24.05
N LYS A 224 -21.44 -11.60 23.85
CA LYS A 224 -22.30 -12.15 22.80
C LYS A 224 -23.10 -13.36 23.22
N ILE A 225 -24.35 -13.39 22.78
CA ILE A 225 -25.16 -14.58 22.99
C ILE A 225 -24.93 -15.28 21.65
N GLU A 226 -24.64 -16.58 21.71
CA GLU A 226 -24.41 -17.36 20.51
C GLU A 226 -25.44 -18.46 20.38
N PHE A 227 -26.05 -18.56 19.21
CA PHE A 227 -27.02 -19.63 18.95
C PHE A 227 -26.26 -20.60 18.06
N THR A 228 -25.88 -21.71 18.67
CA THR A 228 -25.08 -22.74 18.04
C THR A 228 -25.88 -23.85 17.36
N LEU A 229 -25.57 -24.12 16.09
CA LEU A 229 -26.22 -25.19 15.33
C LEU A 229 -25.14 -26.22 15.05
N TYR A 230 -25.55 -27.45 14.76
CA TYR A 230 -24.57 -28.52 14.54
C TYR A 230 -24.65 -29.17 13.17
N ASP A 231 -23.50 -29.61 12.67
CA ASP A 231 -23.46 -30.26 11.37
C ASP A 231 -23.59 -31.78 11.52
N CYS A 232 -23.41 -32.51 10.43
CA CYS A 232 -23.56 -33.96 10.49
C CYS A 232 -22.56 -34.73 11.34
N LEU A 233 -21.46 -34.08 11.73
CA LEU A 233 -20.47 -34.72 12.58
C LEU A 233 -20.61 -34.16 13.99
N ASP A 234 -21.73 -33.48 14.21
CA ASP A 234 -22.05 -32.87 15.50
C ASP A 234 -21.06 -31.79 15.93
N ARG A 235 -20.46 -31.13 14.94
CA ARG A 235 -19.53 -30.04 15.19
C ARG A 235 -20.35 -28.78 15.37
N ALA A 236 -19.96 -27.94 16.32
CA ALA A 236 -20.65 -26.70 16.65
C ALA A 236 -20.27 -25.53 15.74
N TRP A 237 -21.30 -24.81 15.29
CA TRP A 237 -21.10 -23.64 14.44
C TRP A 237 -21.95 -22.50 14.94
N GLN A 238 -21.31 -21.37 15.24
CA GLN A 238 -22.03 -20.20 15.72
C GLN A 238 -22.80 -19.63 14.54
N CYS A 239 -24.12 -19.55 14.67
CA CYS A 239 -24.95 -19.00 13.61
C CYS A 239 -25.56 -17.70 14.12
N GLY A 240 -26.74 -17.75 14.72
CA GLY A 240 -27.31 -16.53 15.24
C GLY A 240 -26.48 -15.97 16.37
N THR A 241 -26.52 -14.65 16.55
CA THR A 241 -25.77 -14.00 17.62
C THR A 241 -26.38 -12.66 17.95
N VAL A 242 -26.35 -12.31 19.24
CA VAL A 242 -26.87 -11.01 19.69
C VAL A 242 -25.76 -10.44 20.58
N GLN A 243 -25.33 -9.22 20.29
CA GLN A 243 -24.22 -8.61 21.02
C GLN A 243 -24.56 -7.22 21.53
N LEU A 244 -24.07 -6.88 22.71
CA LEU A 244 -24.38 -5.59 23.33
C LEU A 244 -23.13 -4.72 23.36
N ASP A 245 -23.22 -3.56 22.72
CA ASP A 245 -22.10 -2.65 22.53
C ASP A 245 -22.28 -1.24 23.13
N PHE A 246 -21.46 -0.91 24.11
CA PHE A 246 -21.49 0.42 24.74
C PHE A 246 -20.22 1.19 24.35
N SER A 247 -19.48 0.71 23.35
CA SER A 247 -18.23 1.37 22.96
C SER A 247 -18.17 2.01 21.57
N LEU A 248 -18.64 1.28 20.57
CA LEU A 248 -18.57 1.80 19.20
C LEU A 248 -19.26 3.13 18.96
N PRO A 249 -20.50 3.29 19.42
CA PRO A 249 -21.20 4.57 19.20
C PRO A 249 -20.38 5.77 19.62
N SER A 250 -19.84 5.71 20.83
CA SER A 250 -19.03 6.80 21.36
C SER A 250 -17.77 7.01 20.53
N ARG A 251 -17.12 5.92 20.16
CA ARG A 251 -15.89 6.01 19.37
C ARG A 251 -16.13 6.65 18.01
N LEU A 252 -17.33 6.49 17.48
CA LEU A 252 -17.66 7.06 16.18
C LEU A 252 -18.52 8.31 16.26
N SER A 253 -18.55 8.94 17.43
CA SER A 253 -19.30 10.17 17.67
C SER A 253 -20.79 10.11 17.37
N ALA A 254 -21.44 9.00 17.69
CA ALA A 254 -22.87 8.88 17.47
C ALA A 254 -23.61 9.47 18.66
N SER A 255 -24.69 10.20 18.40
CA SER A 255 -25.48 10.81 19.47
C SER A 255 -26.88 11.15 19.01
N TYR A 256 -27.75 11.44 19.98
CA TYR A 256 -29.12 11.84 19.69
C TYR A 256 -29.55 12.83 20.78
N VAL A 257 -30.60 13.58 20.49
CA VAL A 257 -31.14 14.56 21.43
C VAL A 257 -32.12 13.86 22.36
N GLY A 258 -31.83 13.85 23.65
CA GLY A 258 -32.70 13.19 24.60
C GLY A 258 -33.94 13.98 24.96
N GLU A 259 -34.83 13.36 25.71
CA GLU A 259 -36.07 14.01 26.14
C GLU A 259 -35.74 15.27 26.93
N ASP A 260 -34.67 15.22 27.71
CA ASP A 260 -34.25 16.36 28.52
C ASP A 260 -33.51 17.38 27.66
N ASN A 261 -33.55 17.15 26.35
CA ASN A 261 -32.90 18.02 25.39
C ASN A 261 -31.38 18.05 25.49
N GLU A 262 -30.80 17.03 26.11
CA GLU A 262 -29.35 16.95 26.24
C GLU A 262 -28.81 15.88 25.27
N ARG A 263 -27.56 16.02 24.85
CA ARG A 263 -26.96 15.07 23.94
C ARG A 263 -26.67 13.74 24.63
N LYS A 264 -27.14 12.65 24.05
CA LYS A 264 -26.94 11.31 24.62
C LYS A 264 -26.29 10.40 23.59
N VAL A 265 -25.58 9.37 24.05
CA VAL A 265 -24.93 8.42 23.16
C VAL A 265 -25.79 7.16 23.13
N PRO A 266 -26.19 6.71 21.93
CA PRO A 266 -27.02 5.51 21.86
C PRO A 266 -26.26 4.21 22.16
N VAL A 267 -27.00 3.22 22.65
CA VAL A 267 -26.45 1.89 22.89
C VAL A 267 -26.66 1.20 21.54
N MET A 268 -25.79 0.24 21.21
CA MET A 268 -25.97 -0.47 19.95
C MET A 268 -26.01 -1.97 20.20
N ILE A 269 -27.03 -2.60 19.64
CA ILE A 269 -27.19 -4.04 19.73
C ILE A 269 -26.84 -4.58 18.34
N HIS A 270 -25.91 -5.53 18.29
CA HIS A 270 -25.52 -6.17 17.02
C HIS A 270 -26.24 -7.51 16.95
N ARG A 271 -26.78 -7.88 15.79
CA ARG A 271 -27.35 -9.21 15.71
C ARG A 271 -27.44 -9.75 14.29
N ALA A 272 -27.29 -11.06 14.17
CA ALA A 272 -27.44 -11.77 12.91
C ALA A 272 -28.33 -12.95 13.32
N ILE A 273 -29.33 -13.27 12.51
CA ILE A 273 -30.21 -14.37 12.88
C ILE A 273 -29.71 -15.67 12.27
N LEU A 274 -29.56 -15.69 10.94
CA LEU A 274 -29.05 -16.89 10.29
C LEU A 274 -27.54 -16.97 10.54
N GLY A 275 -26.89 -15.81 10.67
CA GLY A 275 -25.44 -15.75 10.89
C GLY A 275 -24.87 -15.25 9.58
N SER A 276 -24.48 -16.18 8.72
CA SER A 276 -24.04 -15.83 7.36
C SER A 276 -24.84 -16.75 6.44
N MET A 277 -25.14 -16.27 5.24
CA MET A 277 -25.91 -17.07 4.30
C MET A 277 -25.13 -18.35 3.96
N GLU A 278 -23.82 -18.21 3.81
CA GLU A 278 -22.96 -19.33 3.50
C GLU A 278 -23.02 -20.42 4.56
N ARG A 279 -22.75 -20.06 5.81
CA ARG A 279 -22.76 -21.05 6.88
C ARG A 279 -24.16 -21.62 7.09
N PHE A 280 -25.18 -20.79 7.01
CA PHE A 280 -26.53 -21.27 7.23
C PHE A 280 -26.92 -22.27 6.14
N ILE A 281 -26.55 -21.99 4.89
CA ILE A 281 -26.88 -22.92 3.81
C ILE A 281 -26.11 -24.22 4.03
N GLY A 282 -24.89 -24.12 4.55
CA GLY A 282 -24.13 -25.32 4.82
C GLY A 282 -24.87 -26.18 5.85
N ILE A 283 -25.38 -25.53 6.90
CA ILE A 283 -26.11 -26.24 7.94
C ILE A 283 -27.40 -26.85 7.39
N LEU A 284 -28.16 -26.09 6.60
CA LEU A 284 -29.41 -26.59 6.02
C LEU A 284 -29.14 -27.78 5.10
N THR A 285 -28.08 -27.69 4.30
CA THR A 285 -27.75 -28.75 3.36
C THR A 285 -27.52 -30.07 4.08
N GLU A 286 -26.83 -30.02 5.22
CA GLU A 286 -26.58 -31.24 5.98
C GLU A 286 -27.81 -31.67 6.77
N GLU A 287 -28.55 -30.71 7.31
CA GLU A 287 -29.75 -31.02 8.08
C GLU A 287 -30.76 -31.80 7.22
N PHE A 288 -30.96 -31.35 6.00
CA PHE A 288 -31.92 -32.00 5.10
C PHE A 288 -31.31 -33.04 4.18
N ALA A 289 -29.99 -33.19 4.24
CA ALA A 289 -29.28 -34.15 3.37
C ALA A 289 -29.64 -33.84 1.91
N GLY A 290 -29.79 -32.55 1.61
CA GLY A 290 -30.10 -32.13 0.26
C GLY A 290 -31.57 -32.09 -0.09
N PHE A 291 -32.43 -32.64 0.77
CA PHE A 291 -33.87 -32.64 0.52
C PHE A 291 -34.45 -31.32 1.00
N PHE A 292 -34.05 -30.24 0.34
CA PHE A 292 -34.53 -28.92 0.72
C PHE A 292 -36.04 -28.80 0.62
N PRO A 293 -36.68 -28.16 1.62
CA PRO A 293 -38.14 -28.00 1.58
C PRO A 293 -38.45 -27.34 0.24
N THR A 294 -39.64 -27.60 -0.30
CA THR A 294 -39.99 -27.07 -1.62
C THR A 294 -39.77 -25.58 -1.83
N TRP A 295 -40.07 -24.75 -0.83
CA TRP A 295 -39.86 -23.33 -1.02
C TRP A 295 -38.40 -22.95 -1.27
N LEU A 296 -37.47 -23.77 -0.80
CA LEU A 296 -36.03 -23.52 -0.97
C LEU A 296 -35.40 -24.30 -2.11
N ALA A 297 -36.09 -25.32 -2.59
CA ALA A 297 -35.55 -26.16 -3.66
C ALA A 297 -35.19 -25.40 -4.93
N PRO A 298 -33.94 -25.54 -5.41
CA PRO A 298 -33.53 -24.83 -6.63
C PRO A 298 -34.50 -25.09 -7.78
N VAL A 299 -34.84 -26.37 -7.98
CA VAL A 299 -35.79 -26.76 -9.02
C VAL A 299 -36.89 -27.49 -8.26
N GLN A 300 -38.10 -26.92 -8.25
CA GLN A 300 -39.20 -27.51 -7.51
C GLN A 300 -39.94 -28.63 -8.25
N VAL A 301 -39.99 -28.54 -9.57
CA VAL A 301 -40.69 -29.52 -10.38
C VAL A 301 -39.99 -29.80 -11.70
N VAL A 302 -39.93 -31.07 -12.07
CA VAL A 302 -39.37 -31.43 -13.37
C VAL A 302 -40.50 -32.19 -14.08
N ILE A 303 -40.79 -31.79 -15.31
CA ILE A 303 -41.82 -32.44 -16.10
C ILE A 303 -41.08 -33.21 -17.18
N MET A 304 -41.39 -34.49 -17.31
CA MET A 304 -40.69 -35.30 -18.30
C MET A 304 -41.62 -36.05 -19.24
N ASN A 305 -41.16 -36.23 -20.48
CA ASN A 305 -41.92 -36.95 -21.47
C ASN A 305 -41.36 -38.36 -21.52
N ILE A 306 -42.01 -39.23 -22.29
CA ILE A 306 -41.54 -40.61 -22.44
C ILE A 306 -40.89 -40.66 -23.82
N THR A 307 -41.62 -40.15 -24.81
CA THR A 307 -41.15 -40.09 -26.18
C THR A 307 -41.42 -38.67 -26.65
N ASP A 308 -40.79 -38.26 -27.75
CA ASP A 308 -41.00 -36.91 -28.27
C ASP A 308 -42.46 -36.65 -28.58
N SER A 309 -43.28 -37.70 -28.47
CA SER A 309 -44.70 -37.59 -28.73
C SER A 309 -45.41 -36.70 -27.70
N GLN A 310 -44.84 -36.59 -26.51
CA GLN A 310 -45.46 -35.76 -25.46
C GLN A 310 -44.69 -34.46 -25.22
N SER A 311 -43.69 -34.18 -26.05
CA SER A 311 -42.89 -32.97 -25.89
C SER A 311 -43.69 -31.68 -25.93
N GLU A 312 -44.56 -31.52 -26.91
CA GLU A 312 -45.36 -30.31 -27.01
C GLU A 312 -46.16 -30.11 -25.72
N TYR A 313 -46.79 -31.18 -25.24
CA TYR A 313 -47.58 -31.14 -24.00
C TYR A 313 -46.71 -30.73 -22.82
N VAL A 314 -45.56 -31.37 -22.69
CA VAL A 314 -44.63 -31.07 -21.59
C VAL A 314 -44.21 -29.61 -21.63
N ASN A 315 -43.90 -29.10 -22.82
CA ASN A 315 -43.48 -27.72 -22.97
C ASN A 315 -44.59 -26.76 -22.54
N GLU A 316 -45.84 -27.10 -22.88
CA GLU A 316 -46.98 -26.27 -22.53
C GLU A 316 -47.17 -26.24 -21.01
N LEU A 317 -47.04 -27.40 -20.37
CA LEU A 317 -47.19 -27.49 -18.92
C LEU A 317 -46.06 -26.75 -18.20
N THR A 318 -44.85 -26.84 -18.76
CA THR A 318 -43.71 -26.18 -18.16
C THR A 318 -43.91 -24.66 -18.20
N GLN A 319 -44.46 -24.15 -19.30
CA GLN A 319 -44.70 -22.72 -19.40
C GLN A 319 -45.80 -22.32 -18.42
N LYS A 320 -46.81 -23.15 -18.29
CA LYS A 320 -47.92 -22.89 -17.38
C LYS A 320 -47.46 -22.84 -15.92
N LEU A 321 -46.65 -23.82 -15.51
CA LEU A 321 -46.17 -23.82 -14.13
C LEU A 321 -45.23 -22.63 -13.90
N SER A 322 -44.44 -22.30 -14.91
CA SER A 322 -43.50 -21.19 -14.82
C SER A 322 -44.28 -19.89 -14.61
N ASN A 323 -45.35 -19.71 -15.38
CA ASN A 323 -46.15 -18.50 -15.25
C ASN A 323 -46.84 -18.45 -13.89
N ALA A 324 -47.05 -19.62 -13.29
CA ALA A 324 -47.66 -19.70 -11.97
C ALA A 324 -46.63 -19.45 -10.87
N GLY A 325 -45.41 -19.12 -11.28
CA GLY A 325 -44.35 -18.83 -10.31
C GLY A 325 -43.57 -20.00 -9.74
N ILE A 326 -43.77 -21.19 -10.29
CA ILE A 326 -43.08 -22.37 -9.79
C ILE A 326 -41.77 -22.56 -10.55
N ARG A 327 -40.71 -22.96 -9.83
CA ARG A 327 -39.42 -23.20 -10.47
C ARG A 327 -39.50 -24.58 -11.13
N VAL A 328 -39.78 -24.60 -12.43
CA VAL A 328 -39.94 -25.84 -13.18
C VAL A 328 -39.01 -26.00 -14.37
N LYS A 329 -38.67 -27.25 -14.68
CA LYS A 329 -37.79 -27.58 -15.80
C LYS A 329 -38.38 -28.75 -16.56
N ALA A 330 -38.15 -28.77 -17.87
CA ALA A 330 -38.66 -29.88 -18.68
C ALA A 330 -37.48 -30.81 -19.00
N ASP A 331 -37.76 -32.10 -19.02
CA ASP A 331 -36.75 -33.11 -19.35
C ASP A 331 -37.36 -33.89 -20.52
N LEU A 332 -36.95 -33.51 -21.73
CA LEU A 332 -37.46 -34.13 -22.94
C LEU A 332 -36.49 -35.13 -23.57
N ARG A 333 -35.45 -35.50 -22.82
CA ARG A 333 -34.46 -36.41 -23.34
C ARG A 333 -34.99 -37.78 -23.71
N ASN A 334 -34.29 -38.43 -24.64
CA ASN A 334 -34.66 -39.76 -25.09
C ASN A 334 -33.96 -40.75 -24.15
N GLU A 335 -34.42 -40.77 -22.90
CA GLU A 335 -33.86 -41.64 -21.88
C GLU A 335 -34.98 -42.41 -21.19
N LYS A 336 -34.67 -43.61 -20.70
CA LYS A 336 -35.66 -44.42 -20.01
C LYS A 336 -36.23 -43.62 -18.84
N ILE A 337 -37.55 -43.70 -18.66
CA ILE A 337 -38.19 -42.96 -17.60
C ILE A 337 -37.61 -43.32 -16.23
N GLY A 338 -37.21 -44.58 -16.05
CA GLY A 338 -36.64 -44.98 -14.77
C GLY A 338 -35.33 -44.24 -14.52
N PHE A 339 -34.58 -43.99 -15.59
CA PHE A 339 -33.31 -43.27 -15.49
C PHE A 339 -33.58 -41.80 -15.19
N LYS A 340 -34.62 -41.24 -15.80
CA LYS A 340 -34.97 -39.83 -15.57
C LYS A 340 -35.36 -39.62 -14.11
N ILE A 341 -36.20 -40.51 -13.59
CA ILE A 341 -36.64 -40.39 -12.20
C ILE A 341 -35.45 -40.54 -11.26
N ARG A 342 -34.55 -41.46 -11.59
CA ARG A 342 -33.36 -41.68 -10.78
C ARG A 342 -32.51 -40.41 -10.74
N GLU A 343 -32.29 -39.81 -11.90
CA GLU A 343 -31.47 -38.61 -11.97
C GLU A 343 -32.02 -37.42 -11.20
N HIS A 344 -33.30 -37.14 -11.37
CA HIS A 344 -33.87 -36.00 -10.67
C HIS A 344 -34.02 -36.26 -9.18
N THR A 345 -34.04 -37.53 -8.78
CA THR A 345 -34.11 -37.86 -7.37
C THR A 345 -32.71 -37.57 -6.78
N LEU A 346 -31.66 -37.89 -7.55
CA LEU A 346 -30.31 -37.60 -7.10
C LEU A 346 -30.17 -36.09 -6.90
N ARG A 347 -30.88 -35.35 -7.75
CA ARG A 347 -30.85 -33.88 -7.70
C ARG A 347 -31.81 -33.35 -6.65
N ARG A 348 -32.51 -34.26 -5.98
CA ARG A 348 -33.43 -33.88 -4.92
C ARG A 348 -34.57 -32.96 -5.36
N VAL A 349 -35.06 -33.15 -6.57
CA VAL A 349 -36.19 -32.36 -7.06
C VAL A 349 -37.45 -32.85 -6.33
N PRO A 350 -38.14 -31.96 -5.61
CA PRO A 350 -39.35 -32.36 -4.89
C PRO A 350 -40.37 -33.17 -5.68
N TYR A 351 -40.80 -32.64 -6.81
CA TYR A 351 -41.82 -33.29 -7.63
C TYR A 351 -41.44 -33.55 -9.07
N MET A 352 -41.88 -34.70 -9.56
CA MET A 352 -41.62 -35.10 -10.94
C MET A 352 -42.95 -35.44 -11.57
N LEU A 353 -43.27 -34.77 -12.67
CA LEU A 353 -44.52 -35.01 -13.38
C LEU A 353 -44.23 -35.80 -14.63
N VAL A 354 -44.72 -37.03 -14.68
CA VAL A 354 -44.49 -37.88 -15.85
C VAL A 354 -45.63 -37.76 -16.84
N CYS A 355 -45.30 -37.51 -18.10
CA CYS A 355 -46.32 -37.36 -19.14
C CYS A 355 -46.20 -38.36 -20.28
N GLY A 356 -47.11 -39.33 -20.29
CA GLY A 356 -47.15 -40.32 -21.35
C GLY A 356 -48.34 -39.98 -22.23
N ASP A 357 -48.70 -40.85 -23.15
CA ASP A 357 -49.83 -40.58 -24.03
C ASP A 357 -51.14 -40.40 -23.28
N LYS A 358 -51.36 -41.21 -22.25
CA LYS A 358 -52.60 -41.10 -21.47
C LYS A 358 -52.74 -39.72 -20.84
N GLU A 359 -51.64 -39.21 -20.26
CA GLU A 359 -51.67 -37.90 -19.62
C GLU A 359 -51.98 -36.80 -20.64
N VAL A 360 -51.39 -36.90 -21.82
CA VAL A 360 -51.61 -35.93 -22.87
C VAL A 360 -53.08 -35.88 -23.27
N GLU A 361 -53.72 -37.04 -23.33
CA GLU A 361 -55.12 -37.11 -23.71
C GLU A 361 -56.05 -36.69 -22.59
N SER A 362 -55.67 -37.02 -21.36
CA SER A 362 -56.49 -36.69 -20.20
C SER A 362 -56.31 -35.24 -19.74
N GLY A 363 -55.15 -34.67 -20.05
CA GLY A 363 -54.86 -33.31 -19.64
C GLY A 363 -54.38 -33.30 -18.19
N LYS A 364 -53.97 -34.47 -17.72
CA LYS A 364 -53.47 -34.62 -16.36
C LYS A 364 -51.98 -34.94 -16.37
N VAL A 365 -51.45 -35.26 -15.19
CA VAL A 365 -50.04 -35.61 -15.03
C VAL A 365 -49.89 -36.69 -13.96
N ALA A 366 -48.89 -37.56 -14.12
CA ALA A 366 -48.62 -38.62 -13.16
C ALA A 366 -47.56 -38.03 -12.21
N VAL A 367 -47.92 -37.89 -10.94
CA VAL A 367 -47.03 -37.26 -9.95
C VAL A 367 -46.20 -38.23 -9.11
N ARG A 368 -44.90 -37.95 -9.02
CA ARG A 368 -43.97 -38.77 -8.24
C ARG A 368 -43.14 -37.81 -7.39
N THR A 369 -42.55 -38.31 -6.31
CA THR A 369 -41.71 -37.45 -5.47
C THR A 369 -40.30 -38.01 -5.33
N ARG A 370 -39.38 -37.16 -4.88
CA ARG A 370 -37.99 -37.53 -4.68
C ARG A 370 -37.83 -38.54 -3.55
N ARG A 371 -38.91 -38.81 -2.82
CA ARG A 371 -38.87 -39.79 -1.74
C ARG A 371 -39.33 -41.14 -2.27
N GLY A 372 -39.51 -41.20 -3.59
CA GLY A 372 -39.94 -42.44 -4.24
C GLY A 372 -41.42 -42.71 -4.23
N LYS A 373 -42.21 -41.75 -3.75
CA LYS A 373 -43.65 -41.95 -3.69
C LYS A 373 -44.42 -41.65 -4.95
N ASP A 374 -45.44 -42.46 -5.19
CA ASP A 374 -46.32 -42.33 -6.34
C ASP A 374 -47.59 -41.66 -5.83
N LEU A 375 -47.83 -40.43 -6.26
CA LEU A 375 -49.02 -39.70 -5.84
C LEU A 375 -50.16 -39.87 -6.85
N GLY A 376 -49.92 -40.67 -7.87
CA GLY A 376 -50.93 -40.93 -8.88
C GLY A 376 -51.19 -39.79 -9.85
N SER A 377 -52.25 -39.94 -10.63
CA SER A 377 -52.62 -38.91 -11.61
C SER A 377 -53.35 -37.76 -10.91
N MET A 378 -53.00 -36.54 -11.29
CA MET A 378 -53.63 -35.35 -10.71
C MET A 378 -53.92 -34.32 -11.79
N ASP A 379 -54.86 -33.43 -11.50
CA ASP A 379 -55.21 -32.38 -12.44
C ASP A 379 -54.09 -31.34 -12.35
N VAL A 380 -53.74 -30.74 -13.48
CA VAL A 380 -52.67 -29.75 -13.50
C VAL A 380 -52.92 -28.58 -12.55
N ASN A 381 -54.12 -28.01 -12.60
CA ASN A 381 -54.42 -26.88 -11.72
C ASN A 381 -54.39 -27.27 -10.25
N GLU A 382 -54.73 -28.52 -9.96
CA GLU A 382 -54.73 -29.02 -8.59
C GLU A 382 -53.28 -29.03 -8.10
N VAL A 383 -52.38 -29.55 -8.93
CA VAL A 383 -50.96 -29.61 -8.59
C VAL A 383 -50.43 -28.21 -8.34
N ILE A 384 -50.79 -27.27 -9.20
CA ILE A 384 -50.34 -25.89 -9.07
C ILE A 384 -50.79 -25.25 -7.77
N GLU A 385 -52.06 -25.41 -7.41
CA GLU A 385 -52.57 -24.84 -6.17
C GLU A 385 -51.90 -25.44 -4.95
N LYS A 386 -51.73 -26.76 -4.95
CA LYS A 386 -51.10 -27.43 -3.83
C LYS A 386 -49.64 -27.01 -3.67
N LEU A 387 -48.92 -26.88 -4.78
CA LEU A 387 -47.53 -26.46 -4.70
C LEU A 387 -47.41 -25.01 -4.25
N GLN A 388 -48.30 -24.15 -4.74
CA GLN A 388 -48.25 -22.75 -4.34
C GLN A 388 -48.50 -22.63 -2.84
N GLN A 389 -49.36 -23.47 -2.30
CA GLN A 389 -49.65 -23.44 -0.88
C GLN A 389 -48.46 -23.95 -0.09
N GLU A 390 -47.81 -25.00 -0.61
CA GLU A 390 -46.64 -25.57 0.05
C GLU A 390 -45.52 -24.53 0.09
N ILE A 391 -45.40 -23.78 -1.01
CA ILE A 391 -44.37 -22.76 -1.14
C ILE A 391 -44.66 -21.54 -0.26
N ARG A 392 -45.86 -21.00 -0.38
CA ARG A 392 -46.26 -19.83 0.40
C ARG A 392 -46.14 -20.04 1.91
N SER A 393 -46.47 -21.24 2.38
CA SER A 393 -46.42 -21.56 3.81
C SER A 393 -45.04 -22.01 4.25
N ARG A 394 -44.11 -22.11 3.30
CA ARG A 394 -42.75 -22.56 3.59
C ARG A 394 -42.79 -23.85 4.42
N SER A 395 -43.67 -24.75 4.00
CA SER A 395 -43.86 -26.03 4.68
C SER A 395 -42.66 -26.96 4.58
N LEU A 396 -42.39 -27.67 5.66
CA LEU A 396 -41.28 -28.62 5.70
C LEU A 396 -41.66 -29.95 5.03
N LYS A 397 -42.95 -30.18 4.81
CA LYS A 397 -43.37 -31.43 4.21
C LYS A 397 -44.04 -31.34 2.86
N GLN A 398 -43.91 -32.42 2.09
CA GLN A 398 -44.50 -32.50 0.76
C GLN A 398 -45.89 -33.11 0.84
N LEU A 399 -46.54 -33.21 -0.30
CA LEU A 399 -47.89 -33.77 -0.38
C LEU A 399 -47.97 -35.17 0.20
N GLU A 400 -49.02 -35.41 0.97
CA GLU A 400 -49.25 -36.72 1.57
C GLU A 400 -48.11 -37.30 2.38
N GLU A 401 -47.29 -36.44 2.97
CA GLU A 401 -46.16 -36.90 3.77
C GLU A 401 -45.88 -35.94 4.92
N ARG B 1 -31.45 20.09 -11.67
CA ARG B 1 -31.92 18.78 -11.27
C ARG B 1 -30.74 17.89 -10.87
N ASP B 2 -29.81 18.47 -10.11
CA ASP B 2 -28.61 17.78 -9.63
C ASP B 2 -28.98 16.60 -8.73
N HIS B 3 -28.62 15.38 -9.14
CA HIS B 3 -28.98 14.22 -8.33
C HIS B 3 -28.31 14.20 -6.97
N ARG B 4 -27.19 14.90 -6.82
CA ARG B 4 -26.49 14.92 -5.54
C ARG B 4 -27.29 15.72 -4.51
N LYS B 5 -27.89 16.83 -4.94
CA LYS B 5 -28.69 17.62 -4.02
C LYS B 5 -29.98 16.90 -3.72
N ILE B 6 -30.61 16.31 -4.74
CA ILE B 6 -31.85 15.58 -4.55
C ILE B 6 -31.61 14.38 -3.65
N GLY B 7 -30.45 13.74 -3.84
CA GLY B 7 -30.12 12.58 -3.03
C GLY B 7 -30.06 12.91 -1.55
N LYS B 8 -29.63 14.12 -1.24
CA LYS B 8 -29.53 14.55 0.16
C LYS B 8 -30.92 14.92 0.66
N GLN B 9 -31.66 15.66 -0.13
CA GLN B 9 -32.99 16.09 0.25
C GLN B 9 -33.93 14.91 0.50
N LEU B 10 -33.80 13.85 -0.29
CA LEU B 10 -34.68 12.69 -0.14
C LEU B 10 -34.05 11.57 0.69
N ASP B 11 -32.88 11.85 1.28
CA ASP B 11 -32.18 10.89 2.14
C ASP B 11 -31.98 9.55 1.45
N LEU B 12 -31.54 9.59 0.20
CA LEU B 12 -31.32 8.38 -0.57
C LEU B 12 -29.97 7.71 -0.30
N TYR B 13 -28.92 8.52 -0.17
CA TYR B 13 -27.58 8.01 0.06
C TYR B 13 -26.67 9.15 0.49
N HIS B 14 -25.42 8.80 0.80
CA HIS B 14 -24.42 9.80 1.12
C HIS B 14 -23.05 9.23 0.85
N MET B 15 -22.06 10.10 0.75
CA MET B 15 -20.68 9.69 0.57
C MET B 15 -19.85 10.52 1.55
N GLN B 16 -18.70 9.98 1.92
CA GLN B 16 -17.79 10.64 2.87
C GLN B 16 -16.36 10.60 2.40
N GLU B 17 -15.53 11.43 3.03
CA GLU B 17 -14.11 11.49 2.74
C GLU B 17 -13.41 10.18 3.12
N GLU B 18 -13.97 9.42 4.06
CA GLU B 18 -13.36 8.16 4.47
C GLU B 18 -13.60 7.03 3.47
N ALA B 19 -14.38 7.30 2.44
CA ALA B 19 -14.67 6.30 1.42
C ALA B 19 -14.94 6.98 0.08
N PRO B 20 -13.94 7.70 -0.46
CA PRO B 20 -14.14 8.40 -1.74
C PRO B 20 -14.71 7.49 -2.84
N GLY B 21 -15.82 7.92 -3.43
CA GLY B 21 -16.45 7.13 -4.48
C GLY B 21 -17.11 5.86 -3.99
N MET B 22 -17.28 5.76 -2.67
CA MET B 22 -17.91 4.59 -2.03
C MET B 22 -19.28 5.03 -1.51
N VAL B 23 -20.34 4.44 -2.05
CA VAL B 23 -21.70 4.82 -1.69
C VAL B 23 -22.33 4.18 -0.47
N PHE B 24 -22.93 5.01 0.39
CA PHE B 24 -23.67 4.52 1.55
C PHE B 24 -25.13 4.65 1.14
N TRP B 25 -25.76 3.53 0.82
CA TRP B 25 -27.17 3.57 0.43
C TRP B 25 -28.05 3.59 1.68
N HIS B 26 -28.81 4.67 1.87
CA HIS B 26 -29.72 4.76 3.00
C HIS B 26 -30.95 3.93 2.66
N ASN B 27 -31.82 3.75 3.63
CA ASN B 27 -33.01 2.94 3.41
C ASN B 27 -33.77 3.31 2.15
N ASP B 28 -34.06 4.59 1.97
CA ASP B 28 -34.86 4.98 0.81
C ASP B 28 -34.15 4.81 -0.53
N GLY B 29 -32.84 5.06 -0.57
CA GLY B 29 -32.11 4.87 -1.80
C GLY B 29 -32.01 3.38 -2.11
N TRP B 30 -31.76 2.59 -1.06
CA TRP B 30 -31.65 1.14 -1.22
C TRP B 30 -32.98 0.53 -1.72
N THR B 31 -34.10 1.12 -1.34
CA THR B 31 -35.39 0.63 -1.81
C THR B 31 -35.47 0.78 -3.34
N ILE B 32 -34.98 1.90 -3.85
CA ILE B 32 -35.00 2.12 -5.30
C ILE B 32 -34.12 1.09 -5.99
N PHE B 33 -32.93 0.90 -5.43
CA PHE B 33 -31.96 -0.06 -5.95
C PHE B 33 -32.61 -1.46 -6.01
N ARG B 34 -33.23 -1.88 -4.92
CA ARG B 34 -33.87 -3.19 -4.89
C ARG B 34 -35.03 -3.32 -5.86
N GLU B 35 -35.78 -2.24 -6.09
CA GLU B 35 -36.88 -2.32 -7.04
C GLU B 35 -36.33 -2.48 -8.46
N LEU B 36 -35.18 -1.85 -8.73
CA LEU B 36 -34.57 -1.97 -10.04
C LEU B 36 -34.10 -3.42 -10.25
N GLU B 37 -33.62 -4.06 -9.19
CA GLU B 37 -33.19 -5.46 -9.31
C GLU B 37 -34.38 -6.36 -9.61
N VAL B 38 -35.51 -6.09 -8.95
CA VAL B 38 -36.73 -6.87 -9.17
C VAL B 38 -37.15 -6.73 -10.63
N PHE B 39 -37.09 -5.50 -11.13
CA PHE B 39 -37.44 -5.21 -12.51
C PHE B 39 -36.52 -5.95 -13.48
N VAL B 40 -35.20 -5.83 -13.26
CA VAL B 40 -34.27 -6.53 -14.14
C VAL B 40 -34.53 -8.04 -14.13
N ARG B 41 -34.68 -8.61 -12.94
CA ARG B 41 -34.92 -10.05 -12.86
C ARG B 41 -36.16 -10.46 -13.64
N SER B 42 -37.21 -9.65 -13.57
CA SER B 42 -38.44 -9.97 -14.28
C SER B 42 -38.22 -10.01 -15.79
N LYS B 43 -37.46 -9.05 -16.30
CA LYS B 43 -37.20 -8.96 -17.74
C LYS B 43 -36.29 -10.07 -18.23
N LEU B 44 -35.35 -10.51 -17.40
CA LEU B 44 -34.44 -11.56 -17.81
C LEU B 44 -35.06 -12.95 -17.76
N LYS B 45 -36.04 -13.14 -16.88
CA LYS B 45 -36.69 -14.44 -16.79
C LYS B 45 -37.19 -14.79 -18.19
N GLU B 46 -37.69 -13.77 -18.89
CA GLU B 46 -38.21 -13.98 -20.24
C GLU B 46 -37.16 -14.60 -21.18
N TYR B 47 -35.88 -14.36 -20.92
CA TYR B 47 -34.79 -14.90 -21.74
C TYR B 47 -34.06 -16.10 -21.13
N GLN B 48 -34.59 -16.60 -20.03
CA GLN B 48 -34.01 -17.74 -19.34
C GLN B 48 -32.57 -17.54 -18.90
N TYR B 49 -32.23 -16.32 -18.45
CA TYR B 49 -30.88 -16.09 -17.97
C TYR B 49 -30.71 -16.80 -16.64
N GLN B 50 -29.54 -17.38 -16.42
CA GLN B 50 -29.24 -17.97 -15.12
C GLN B 50 -28.79 -16.74 -14.32
N GLU B 51 -28.74 -16.85 -13.00
CA GLU B 51 -28.24 -15.75 -12.18
C GLU B 51 -27.30 -16.41 -11.18
N VAL B 52 -26.09 -15.86 -11.12
CA VAL B 52 -25.04 -16.40 -10.26
C VAL B 52 -24.41 -15.31 -9.42
N LYS B 53 -23.43 -15.69 -8.61
CA LYS B 53 -22.68 -14.73 -7.82
C LYS B 53 -21.26 -15.23 -7.72
N GLY B 54 -20.33 -14.40 -8.19
CA GLY B 54 -18.92 -14.76 -8.16
C GLY B 54 -18.19 -14.14 -7.00
N PRO B 55 -16.96 -14.63 -6.71
CA PRO B 55 -16.10 -14.15 -5.63
C PRO B 55 -15.68 -12.70 -5.79
N PHE B 56 -15.51 -12.02 -4.67
CA PHE B 56 -15.10 -10.63 -4.63
C PHE B 56 -13.68 -10.39 -5.12
N MET B 57 -12.81 -11.39 -4.94
CA MET B 57 -11.43 -11.26 -5.41
C MET B 57 -10.93 -12.61 -5.88
N MET B 58 -9.91 -12.58 -6.73
CA MET B 58 -9.30 -13.80 -7.23
C MET B 58 -7.80 -13.55 -7.39
N ASP B 59 -7.04 -14.64 -7.40
CA ASP B 59 -5.58 -14.57 -7.49
C ASP B 59 -5.08 -13.81 -8.70
N ARG B 60 -3.96 -13.11 -8.50
CA ARG B 60 -3.32 -12.34 -9.55
C ARG B 60 -3.08 -13.17 -10.82
N VAL B 61 -2.76 -14.45 -10.65
CA VAL B 61 -2.49 -15.31 -11.79
C VAL B 61 -3.67 -15.34 -12.77
N LEU B 62 -4.87 -15.36 -12.22
CA LEU B 62 -6.08 -15.39 -13.03
C LEU B 62 -6.19 -14.08 -13.83
N TRP B 63 -5.95 -12.96 -13.17
CA TRP B 63 -6.04 -11.67 -13.85
C TRP B 63 -4.91 -11.47 -14.87
N GLU B 64 -3.82 -12.23 -14.72
CA GLU B 64 -2.75 -12.12 -15.69
C GLU B 64 -3.22 -12.84 -16.95
N LYS B 65 -3.82 -14.00 -16.77
CA LYS B 65 -4.31 -14.79 -17.89
C LYS B 65 -5.37 -14.09 -18.73
N THR B 66 -6.24 -13.32 -18.10
CA THR B 66 -7.30 -12.62 -18.82
C THR B 66 -6.80 -11.40 -19.57
N GLY B 67 -5.65 -10.87 -19.17
CA GLY B 67 -5.12 -9.68 -19.80
C GLY B 67 -5.36 -8.44 -18.94
N HIS B 68 -6.11 -8.59 -17.85
CA HIS B 68 -6.37 -7.44 -16.98
C HIS B 68 -5.10 -6.93 -16.31
N TRP B 69 -4.21 -7.82 -15.93
CA TRP B 69 -3.00 -7.38 -15.26
C TRP B 69 -2.17 -6.46 -16.14
N ASP B 70 -2.10 -6.75 -17.43
CA ASP B 70 -1.31 -5.91 -18.31
C ASP B 70 -2.05 -4.78 -18.99
N ASN B 71 -3.37 -4.88 -19.06
CA ASN B 71 -4.15 -3.85 -19.73
C ASN B 71 -5.10 -3.08 -18.84
N TYR B 72 -5.22 -3.49 -17.58
CA TYR B 72 -6.17 -2.85 -16.67
C TYR B 72 -5.59 -2.71 -15.25
N LYS B 73 -4.28 -2.74 -15.12
CA LYS B 73 -3.64 -2.67 -13.81
C LYS B 73 -3.94 -1.45 -12.94
N ASP B 74 -3.88 -0.26 -13.53
CA ASP B 74 -4.12 0.96 -12.76
C ASP B 74 -5.50 1.09 -12.15
N ALA B 75 -6.48 0.40 -12.73
CA ALA B 75 -7.84 0.47 -12.23
C ALA B 75 -8.16 -0.56 -11.17
N MET B 76 -7.24 -1.49 -10.93
CA MET B 76 -7.51 -2.54 -9.96
C MET B 76 -6.94 -2.37 -8.56
N PHE B 77 -7.76 -2.69 -7.57
CA PHE B 77 -7.35 -2.67 -6.18
C PHE B 77 -6.74 -4.04 -5.91
N THR B 78 -5.63 -4.07 -5.20
CA THR B 78 -5.00 -5.35 -4.87
C THR B 78 -4.88 -5.52 -3.36
N THR B 79 -4.84 -6.77 -2.93
CA THR B 79 -4.68 -7.08 -1.51
C THR B 79 -3.94 -8.40 -1.44
N SER B 80 -3.57 -8.83 -0.24
CA SER B 80 -2.82 -10.08 -0.14
C SER B 80 -3.20 -10.88 1.09
N SER B 81 -2.83 -12.16 1.07
CA SER B 81 -3.04 -13.05 2.19
C SER B 81 -2.08 -14.21 2.06
N GLU B 82 -1.34 -14.48 3.13
CA GLU B 82 -0.39 -15.58 3.13
C GLU B 82 0.53 -15.54 1.90
N ASN B 83 1.09 -14.36 1.65
CA ASN B 83 2.00 -14.11 0.53
C ASN B 83 1.44 -14.34 -0.86
N ARG B 84 0.12 -14.43 -0.97
CA ARG B 84 -0.53 -14.59 -2.26
C ARG B 84 -1.19 -13.25 -2.57
N GLU B 85 -1.08 -12.81 -3.82
CA GLU B 85 -1.67 -11.54 -4.22
C GLU B 85 -3.00 -11.72 -4.93
N TYR B 86 -3.96 -10.86 -4.59
CA TYR B 86 -5.30 -10.90 -5.19
C TYR B 86 -5.72 -9.55 -5.74
N CYS B 87 -6.61 -9.60 -6.72
CA CYS B 87 -7.18 -8.38 -7.28
C CYS B 87 -8.65 -8.41 -6.89
N ILE B 88 -9.17 -7.30 -6.37
CA ILE B 88 -10.58 -7.19 -6.04
C ILE B 88 -11.18 -7.06 -7.45
N LYS B 89 -12.24 -7.80 -7.75
CA LYS B 89 -12.74 -7.76 -9.11
C LYS B 89 -13.26 -6.45 -9.68
N PRO B 90 -12.75 -6.05 -10.86
CA PRO B 90 -13.20 -4.82 -11.49
C PRO B 90 -14.30 -5.16 -12.48
N MET B 91 -14.43 -6.46 -12.77
CA MET B 91 -15.41 -7.00 -13.73
C MET B 91 -15.84 -8.39 -13.26
N ASN B 92 -17.00 -8.85 -13.74
CA ASN B 92 -17.53 -10.14 -13.38
C ASN B 92 -17.27 -11.27 -14.36
N CYS B 93 -16.81 -10.94 -15.56
CA CYS B 93 -16.59 -11.94 -16.61
C CYS B 93 -15.69 -13.12 -16.26
N PRO B 94 -14.51 -12.88 -15.67
CA PRO B 94 -13.66 -14.03 -15.35
C PRO B 94 -14.34 -15.02 -14.42
N GLY B 95 -15.06 -14.51 -13.42
CA GLY B 95 -15.77 -15.39 -12.50
C GLY B 95 -16.84 -16.20 -13.24
N HIS B 96 -17.51 -15.57 -14.20
CA HIS B 96 -18.52 -16.27 -14.96
C HIS B 96 -17.89 -17.39 -15.79
N VAL B 97 -16.73 -17.14 -16.36
CA VAL B 97 -16.07 -18.19 -17.13
C VAL B 97 -15.69 -19.34 -16.20
N GLN B 98 -15.25 -19.03 -14.97
CA GLN B 98 -14.90 -20.09 -14.02
C GLN B 98 -16.12 -20.98 -13.76
N ILE B 99 -17.30 -20.36 -13.66
CA ILE B 99 -18.51 -21.14 -13.44
C ILE B 99 -18.85 -21.98 -14.67
N PHE B 100 -18.71 -21.38 -15.85
CA PHE B 100 -18.99 -22.07 -17.10
C PHE B 100 -18.09 -23.30 -17.23
N ASN B 101 -16.86 -23.16 -16.77
CA ASN B 101 -15.87 -24.23 -16.84
C ASN B 101 -16.16 -25.44 -15.94
N GLN B 102 -17.16 -25.31 -15.07
CA GLN B 102 -17.54 -26.41 -14.19
C GLN B 102 -18.56 -27.29 -14.90
N GLY B 103 -18.15 -28.51 -15.24
CA GLY B 103 -19.05 -29.41 -15.93
C GLY B 103 -18.90 -29.33 -17.43
N LEU B 104 -18.80 -30.48 -18.09
CA LEU B 104 -18.64 -30.53 -19.53
C LEU B 104 -19.82 -29.86 -20.23
N LYS B 105 -19.53 -29.04 -21.24
CA LYS B 105 -20.55 -28.33 -21.98
C LYS B 105 -20.62 -28.81 -23.42
N SER B 106 -21.81 -28.79 -24.01
CA SER B 106 -21.97 -29.19 -25.39
C SER B 106 -22.72 -28.08 -26.12
N TYR B 107 -22.76 -28.16 -27.44
CA TYR B 107 -23.46 -27.15 -28.23
C TYR B 107 -24.91 -27.03 -27.76
N ARG B 108 -25.41 -28.11 -27.14
CA ARG B 108 -26.78 -28.15 -26.63
C ARG B 108 -27.04 -27.15 -25.50
N ASP B 109 -25.97 -26.76 -24.81
CA ASP B 109 -26.08 -25.84 -23.68
C ASP B 109 -26.05 -24.38 -24.12
N LEU B 110 -25.76 -24.15 -25.40
CA LEU B 110 -25.68 -22.79 -25.93
C LEU B 110 -26.90 -22.37 -26.73
N PRO B 111 -27.26 -21.07 -26.68
CA PRO B 111 -26.56 -20.02 -25.90
C PRO B 111 -26.78 -20.17 -24.40
N LEU B 112 -25.75 -19.88 -23.61
CA LEU B 112 -25.85 -19.96 -22.15
C LEU B 112 -25.74 -18.52 -21.68
N ARG B 113 -26.85 -17.99 -21.15
CA ARG B 113 -26.90 -16.62 -20.69
C ARG B 113 -26.75 -16.57 -19.17
N MET B 114 -25.65 -16.01 -18.70
CA MET B 114 -25.34 -15.96 -17.26
C MET B 114 -25.30 -14.54 -16.70
N ALA B 115 -26.28 -14.20 -15.86
CA ALA B 115 -26.36 -12.86 -15.29
C ALA B 115 -25.91 -12.79 -13.84
N GLU B 116 -25.54 -11.58 -13.41
CA GLU B 116 -25.15 -11.35 -12.03
C GLU B 116 -25.26 -9.87 -11.71
N PHE B 117 -25.78 -9.53 -10.53
CA PHE B 117 -25.78 -8.15 -10.09
C PHE B 117 -24.41 -8.15 -9.42
N GLY B 118 -23.41 -7.84 -10.24
CA GLY B 118 -22.04 -7.93 -9.78
C GLY B 118 -21.39 -6.67 -9.27
N SER B 119 -20.89 -6.77 -8.04
CA SER B 119 -20.21 -5.66 -7.40
C SER B 119 -18.80 -5.52 -7.93
N CYS B 120 -18.55 -4.39 -8.58
CA CYS B 120 -17.23 -4.12 -9.16
C CYS B 120 -16.55 -2.98 -8.43
N HIS B 121 -15.23 -3.04 -8.35
CA HIS B 121 -14.47 -1.95 -7.75
C HIS B 121 -13.36 -1.57 -8.70
N ARG B 122 -13.26 -0.27 -8.95
CA ARG B 122 -12.23 0.26 -9.84
C ARG B 122 -11.65 1.49 -9.18
N ASN B 123 -10.33 1.57 -9.19
CA ASN B 123 -9.63 2.68 -8.55
C ASN B 123 -9.61 3.89 -9.46
N GLU B 124 -10.79 4.45 -9.70
CA GLU B 124 -10.95 5.62 -10.54
C GLU B 124 -10.21 6.81 -9.95
N PRO B 125 -9.55 7.63 -10.79
CA PRO B 125 -8.83 8.80 -10.27
C PRO B 125 -9.81 9.66 -9.48
N SER B 126 -9.42 10.10 -8.29
CA SER B 126 -10.33 10.88 -7.44
C SER B 126 -10.92 12.12 -8.12
N GLY B 127 -10.15 12.75 -8.99
CA GLY B 127 -10.65 13.93 -9.67
C GLY B 127 -11.72 13.65 -10.70
N SER B 128 -11.91 12.38 -11.05
CA SER B 128 -12.90 11.99 -12.05
C SER B 128 -14.21 11.56 -11.40
N LEU B 129 -14.20 11.41 -10.08
CA LEU B 129 -15.40 10.97 -9.38
C LEU B 129 -16.49 12.02 -9.46
N HIS B 130 -17.73 11.58 -9.57
CA HIS B 130 -18.86 12.49 -9.65
C HIS B 130 -20.15 11.82 -9.17
N GLY B 131 -20.61 12.25 -8.00
CA GLY B 131 -21.84 11.73 -7.40
C GLY B 131 -21.98 10.23 -7.56
N LEU B 132 -23.15 9.82 -8.05
CA LEU B 132 -23.44 8.41 -8.28
C LEU B 132 -23.04 8.01 -9.69
N MET B 133 -22.74 8.99 -10.55
CA MET B 133 -22.38 8.69 -11.94
C MET B 133 -21.05 7.99 -12.12
N ARG B 134 -20.03 8.44 -11.40
CA ARG B 134 -18.73 7.79 -11.49
C ARG B 134 -18.24 7.56 -10.07
N VAL B 135 -18.29 6.30 -9.66
CA VAL B 135 -17.88 5.92 -8.32
C VAL B 135 -16.78 4.87 -8.41
N ARG B 136 -16.30 4.41 -7.25
CA ARG B 136 -15.27 3.38 -7.23
C ARG B 136 -15.83 2.00 -6.95
N GLY B 137 -17.00 1.95 -6.32
CA GLY B 137 -17.63 0.68 -6.04
C GLY B 137 -19.04 0.78 -6.60
N PHE B 138 -19.39 -0.13 -7.47
CA PHE B 138 -20.72 -0.10 -8.09
C PHE B 138 -21.21 -1.49 -8.44
N THR B 139 -22.51 -1.62 -8.65
CA THR B 139 -23.10 -2.89 -9.01
C THR B 139 -23.62 -2.83 -10.43
N GLN B 140 -23.14 -3.75 -11.27
CA GLN B 140 -23.57 -3.81 -12.66
C GLN B 140 -24.70 -4.83 -12.82
N ASP B 141 -25.64 -4.56 -13.72
CA ASP B 141 -26.69 -5.55 -14.04
C ASP B 141 -26.03 -6.25 -15.25
N ASP B 142 -25.03 -7.04 -14.91
CA ASP B 142 -24.15 -7.75 -15.85
C ASP B 142 -24.64 -9.10 -16.32
N ALA B 143 -24.08 -9.53 -17.44
CA ALA B 143 -24.34 -10.86 -17.94
C ALA B 143 -23.35 -11.16 -19.05
N HIS B 144 -23.03 -12.44 -19.18
CA HIS B 144 -22.17 -12.90 -20.25
C HIS B 144 -22.90 -14.03 -20.92
N ILE B 145 -22.96 -13.96 -22.24
CA ILE B 145 -23.64 -14.96 -23.02
C ILE B 145 -22.58 -15.74 -23.74
N PHE B 146 -22.57 -17.06 -23.51
CA PHE B 146 -21.62 -17.95 -24.18
C PHE B 146 -22.38 -18.53 -25.36
N CYS B 147 -21.85 -18.34 -26.55
CA CYS B 147 -22.54 -18.82 -27.73
C CYS B 147 -21.59 -19.19 -28.88
N THR B 148 -22.18 -19.68 -29.97
CA THR B 148 -21.39 -20.04 -31.13
C THR B 148 -21.34 -18.82 -32.05
N GLU B 149 -20.41 -18.82 -32.99
CA GLU B 149 -20.29 -17.70 -33.91
C GLU B 149 -21.59 -17.48 -34.71
N GLU B 150 -22.30 -18.57 -35.02
CA GLU B 150 -23.54 -18.48 -35.78
C GLU B 150 -24.67 -17.87 -34.96
N GLN B 151 -24.53 -17.91 -33.64
CA GLN B 151 -25.55 -17.38 -32.74
C GLN B 151 -25.34 -15.91 -32.37
N ILE B 152 -24.22 -15.34 -32.78
CA ILE B 152 -23.91 -13.94 -32.45
C ILE B 152 -25.00 -12.96 -32.87
N ARG B 153 -25.44 -13.01 -34.11
CA ARG B 153 -26.47 -12.10 -34.57
C ARG B 153 -27.71 -12.09 -33.68
N ASP B 154 -28.28 -13.27 -33.46
CA ASP B 154 -29.47 -13.37 -32.62
C ASP B 154 -29.24 -12.94 -31.18
N GLU B 155 -28.11 -13.30 -30.60
CA GLU B 155 -27.85 -12.94 -29.21
C GLU B 155 -27.60 -11.45 -29.02
N VAL B 156 -26.90 -10.84 -29.97
CA VAL B 156 -26.67 -9.40 -29.87
C VAL B 156 -28.02 -8.71 -30.07
N ASN B 157 -28.83 -9.24 -30.99
CA ASN B 157 -30.15 -8.65 -31.22
C ASN B 157 -30.97 -8.72 -29.94
N GLY B 158 -30.84 -9.83 -29.21
CA GLY B 158 -31.59 -9.98 -27.98
C GLY B 158 -31.17 -8.95 -26.95
N CYS B 159 -29.88 -8.67 -26.87
CA CYS B 159 -29.37 -7.67 -25.93
C CYS B 159 -29.91 -6.30 -26.30
N ILE B 160 -29.88 -5.98 -27.59
CA ILE B 160 -30.38 -4.69 -28.05
C ILE B 160 -31.87 -4.54 -27.72
N ARG B 161 -32.65 -5.58 -27.96
CA ARG B 161 -34.08 -5.52 -27.67
C ARG B 161 -34.32 -5.24 -26.19
N LEU B 162 -33.52 -5.89 -25.35
CA LEU B 162 -33.63 -5.71 -23.91
C LEU B 162 -33.39 -4.25 -23.53
N VAL B 163 -32.36 -3.64 -24.12
CA VAL B 163 -32.05 -2.24 -23.82
C VAL B 163 -33.23 -1.32 -24.15
N TYR B 164 -33.71 -1.37 -25.38
CA TYR B 164 -34.81 -0.49 -25.75
C TYR B 164 -36.11 -0.77 -25.00
N ASP B 165 -36.37 -2.04 -24.69
CA ASP B 165 -37.58 -2.37 -23.96
C ASP B 165 -37.50 -1.87 -22.53
N MET B 166 -36.39 -2.13 -21.86
CA MET B 166 -36.25 -1.68 -20.49
C MET B 166 -36.18 -0.16 -20.38
N TYR B 167 -35.48 0.48 -21.30
CA TYR B 167 -35.39 1.93 -21.26
C TYR B 167 -36.73 2.61 -21.49
N SER B 168 -37.59 2.00 -22.31
CA SER B 168 -38.89 2.60 -22.59
C SER B 168 -39.74 2.68 -21.31
N THR B 169 -39.52 1.78 -20.37
CA THR B 169 -40.27 1.79 -19.12
C THR B 169 -40.05 3.11 -18.37
N PHE B 170 -38.85 3.67 -18.50
CA PHE B 170 -38.50 4.90 -17.82
C PHE B 170 -38.77 6.14 -18.63
N GLY B 171 -39.17 5.96 -19.88
CA GLY B 171 -39.45 7.08 -20.76
C GLY B 171 -38.31 7.48 -21.66
N PHE B 172 -37.26 6.66 -21.71
CA PHE B 172 -36.11 6.95 -22.57
C PHE B 172 -36.30 6.27 -23.92
N GLU B 173 -36.56 7.06 -24.95
CA GLU B 173 -36.76 6.52 -26.30
C GLU B 173 -35.89 7.22 -27.32
N LYS B 174 -35.01 8.10 -26.84
CA LYS B 174 -34.09 8.84 -27.71
C LYS B 174 -32.71 8.55 -27.14
N ILE B 175 -32.03 7.57 -27.72
CA ILE B 175 -30.72 7.14 -27.24
C ILE B 175 -29.62 7.41 -28.26
N VAL B 176 -28.52 7.99 -27.80
CA VAL B 176 -27.36 8.24 -28.65
C VAL B 176 -26.50 6.98 -28.48
N VAL B 177 -26.07 6.42 -29.60
CA VAL B 177 -25.31 5.17 -29.58
C VAL B 177 -23.93 5.31 -30.22
N LYS B 178 -22.93 4.71 -29.60
CA LYS B 178 -21.57 4.75 -30.13
C LYS B 178 -21.06 3.32 -30.34
N LEU B 179 -20.17 3.15 -31.31
CA LEU B 179 -19.53 1.85 -31.53
C LEU B 179 -18.06 2.20 -31.33
N SER B 180 -17.54 1.79 -30.19
CA SER B 180 -16.16 2.06 -29.83
C SER B 180 -15.26 0.93 -30.27
N THR B 181 -14.31 1.28 -31.13
CA THR B 181 -13.43 0.33 -31.74
C THR B 181 -12.09 0.09 -31.04
N ARG B 182 -11.30 -0.84 -31.59
CA ARG B 182 -10.03 -1.25 -31.01
C ARG B 182 -9.17 -0.17 -30.36
N PRO B 183 -8.83 -0.35 -29.07
CA PRO B 183 -8.01 0.63 -28.34
C PRO B 183 -6.52 0.32 -28.58
N GLU B 184 -5.65 1.25 -28.20
CA GLU B 184 -4.22 1.05 -28.41
C GLU B 184 -3.73 -0.19 -27.65
N LYS B 185 -4.12 -0.28 -26.38
CA LYS B 185 -3.75 -1.42 -25.55
C LYS B 185 -4.87 -2.44 -25.67
N ARG B 186 -4.59 -3.57 -26.31
CA ARG B 186 -5.60 -4.59 -26.51
C ARG B 186 -5.02 -5.98 -26.68
N ILE B 187 -5.89 -6.98 -26.61
CA ILE B 187 -5.51 -8.37 -26.82
C ILE B 187 -6.27 -8.85 -28.04
N GLY B 188 -5.82 -9.95 -28.65
CA GLY B 188 -6.48 -10.46 -29.84
C GLY B 188 -5.87 -9.90 -31.11
N SER B 189 -5.96 -10.66 -32.20
CA SER B 189 -5.40 -10.24 -33.48
C SER B 189 -6.27 -9.21 -34.19
N ASP B 190 -5.70 -8.51 -35.16
CA ASP B 190 -6.44 -7.51 -35.92
C ASP B 190 -7.57 -8.18 -36.70
N GLU B 191 -7.32 -9.41 -37.13
CA GLU B 191 -8.32 -10.18 -37.88
C GLU B 191 -9.55 -10.37 -37.00
N MET B 192 -9.32 -10.70 -35.73
CA MET B 192 -10.41 -10.89 -34.78
C MET B 192 -11.17 -9.57 -34.58
N TRP B 193 -10.42 -8.48 -34.45
CA TRP B 193 -11.06 -7.18 -34.27
C TRP B 193 -11.86 -6.76 -35.49
N ASP B 194 -11.32 -7.03 -36.68
CA ASP B 194 -12.04 -6.68 -37.90
C ASP B 194 -13.41 -7.35 -37.87
N ARG B 195 -13.41 -8.63 -37.54
CA ARG B 195 -14.63 -9.44 -37.50
C ARG B 195 -15.62 -8.97 -36.45
N ALA B 196 -15.13 -8.72 -35.24
CA ALA B 196 -16.00 -8.28 -34.14
C ALA B 196 -16.60 -6.90 -34.37
N GLU B 197 -15.78 -5.95 -34.85
CA GLU B 197 -16.29 -4.61 -35.10
C GLU B 197 -17.36 -4.65 -36.20
N ALA B 198 -17.14 -5.49 -37.21
CA ALA B 198 -18.10 -5.61 -38.30
C ALA B 198 -19.42 -6.19 -37.82
N ASP B 199 -19.34 -7.22 -36.98
CA ASP B 199 -20.53 -7.86 -36.44
C ASP B 199 -21.39 -6.86 -35.69
N LEU B 200 -20.76 -6.02 -34.89
CA LEU B 200 -21.53 -5.02 -34.13
C LEU B 200 -22.10 -3.90 -35.01
N ALA B 201 -21.34 -3.47 -36.01
CA ALA B 201 -21.79 -2.41 -36.92
C ALA B 201 -23.01 -2.90 -37.69
N VAL B 202 -22.96 -4.14 -38.14
CA VAL B 202 -24.07 -4.71 -38.89
C VAL B 202 -25.30 -4.82 -37.97
N ALA B 203 -25.10 -5.26 -36.73
CA ALA B 203 -26.21 -5.40 -35.80
C ALA B 203 -26.92 -4.05 -35.59
N LEU B 204 -26.14 -2.98 -35.46
CA LEU B 204 -26.73 -1.67 -35.27
C LEU B 204 -27.55 -1.21 -36.48
N GLU B 205 -26.99 -1.36 -37.67
CA GLU B 205 -27.72 -0.93 -38.85
C GLU B 205 -28.95 -1.79 -39.13
N GLU B 206 -28.88 -3.08 -38.85
CA GLU B 206 -30.03 -3.96 -39.08
C GLU B 206 -31.18 -3.59 -38.17
N ASN B 207 -30.86 -2.96 -37.05
CA ASN B 207 -31.87 -2.53 -36.09
C ASN B 207 -32.27 -1.07 -36.29
N ASN B 208 -31.79 -0.47 -37.38
CA ASN B 208 -32.08 0.93 -37.69
C ASN B 208 -31.67 1.85 -36.55
N ILE B 209 -30.49 1.59 -36.00
CA ILE B 209 -29.97 2.39 -34.90
C ILE B 209 -28.87 3.34 -35.35
N PRO B 210 -29.13 4.66 -35.30
CA PRO B 210 -28.09 5.61 -35.72
C PRO B 210 -26.97 5.52 -34.69
N PHE B 211 -25.73 5.46 -35.16
CA PHE B 211 -24.61 5.36 -34.22
C PHE B 211 -23.38 6.07 -34.76
N GLU B 212 -22.46 6.41 -33.86
CA GLU B 212 -21.23 7.09 -34.23
C GLU B 212 -20.05 6.21 -33.85
N TYR B 213 -19.08 6.07 -34.76
CA TYR B 213 -17.89 5.29 -34.44
C TYR B 213 -17.06 6.12 -33.48
N GLN B 214 -16.40 5.46 -32.54
CA GLN B 214 -15.57 6.16 -31.58
C GLN B 214 -14.19 5.50 -31.53
N LEU B 215 -13.25 6.14 -32.19
CA LEU B 215 -11.87 5.68 -32.29
C LEU B 215 -11.19 5.34 -30.97
N GLY B 216 -10.60 4.16 -30.93
CA GLY B 216 -9.86 3.67 -29.76
C GLY B 216 -10.50 3.61 -28.40
N GLU B 217 -11.82 3.57 -28.33
CA GLU B 217 -12.51 3.53 -27.03
C GLU B 217 -13.10 2.17 -26.65
N GLY B 218 -12.82 1.15 -27.46
CA GLY B 218 -13.33 -0.18 -27.15
C GLY B 218 -12.63 -0.73 -25.93
N ALA B 219 -13.12 -1.86 -25.44
CA ALA B 219 -12.53 -2.53 -24.28
C ALA B 219 -11.25 -3.21 -24.76
N PHE B 220 -10.33 -3.52 -23.85
CA PHE B 220 -9.10 -4.17 -24.29
C PHE B 220 -9.38 -5.55 -24.89
N TYR B 221 -10.52 -6.15 -24.54
CA TYR B 221 -10.91 -7.47 -25.03
C TYR B 221 -11.96 -7.51 -26.14
N GLY B 222 -12.42 -6.35 -26.60
CA GLY B 222 -13.42 -6.36 -27.65
C GLY B 222 -14.09 -5.04 -27.91
N PRO B 223 -14.70 -4.86 -29.09
CA PRO B 223 -15.39 -3.62 -29.42
C PRO B 223 -16.67 -3.51 -28.62
N LYS B 224 -17.16 -2.29 -28.46
CA LYS B 224 -18.36 -2.15 -27.65
C LYS B 224 -19.36 -1.12 -28.12
N ILE B 225 -20.61 -1.50 -28.03
CA ILE B 225 -21.72 -0.61 -28.35
C ILE B 225 -22.00 0.10 -27.05
N GLU B 226 -22.15 1.42 -27.10
CA GLU B 226 -22.45 2.20 -25.90
C GLU B 226 -23.82 2.85 -26.06
N PHE B 227 -24.69 2.68 -25.07
CA PHE B 227 -26.00 3.33 -25.08
C PHE B 227 -25.88 4.50 -24.12
N THR B 228 -25.93 5.69 -24.70
CA THR B 228 -25.74 6.95 -24.00
C THR B 228 -26.98 7.66 -23.50
N LEU B 229 -26.95 8.08 -22.23
CA LEU B 229 -28.03 8.87 -21.64
C LEU B 229 -27.35 10.12 -21.11
N TYR B 230 -28.07 11.25 -21.10
CA TYR B 230 -27.49 12.51 -20.64
C TYR B 230 -28.02 13.00 -19.30
N ASP B 231 -27.16 13.71 -18.56
CA ASP B 231 -27.60 14.26 -17.27
C ASP B 231 -28.13 15.68 -17.45
N CYS B 232 -28.46 16.34 -16.36
CA CYS B 232 -29.03 17.70 -16.42
C CYS B 232 -28.16 18.73 -17.12
N LEU B 233 -26.84 18.51 -17.12
CA LEU B 233 -25.92 19.44 -17.77
C LEU B 233 -25.50 18.98 -19.17
N ASP B 234 -26.27 18.06 -19.74
CA ASP B 234 -26.01 17.51 -21.06
C ASP B 234 -24.71 16.75 -21.22
N ARG B 235 -24.23 16.18 -20.13
CA ARG B 235 -23.01 15.37 -20.15
C ARG B 235 -23.44 13.96 -20.52
N ALA B 236 -22.71 13.35 -21.44
CA ALA B 236 -23.01 12.00 -21.89
C ALA B 236 -22.47 10.95 -20.93
N TRP B 237 -23.30 9.97 -20.60
CA TRP B 237 -22.91 8.88 -19.72
C TRP B 237 -23.21 7.53 -20.36
N GLN B 238 -22.21 6.67 -20.40
CA GLN B 238 -22.37 5.33 -20.96
C GLN B 238 -23.15 4.51 -19.94
N CYS B 239 -24.33 4.04 -20.33
CA CYS B 239 -25.15 3.24 -19.45
C CYS B 239 -25.14 1.81 -19.99
N GLY B 240 -26.12 1.46 -20.81
CA GLY B 240 -26.11 0.12 -21.37
C GLY B 240 -24.91 -0.10 -22.27
N THR B 241 -24.48 -1.34 -22.41
CA THR B 241 -23.34 -1.64 -23.28
C THR B 241 -23.36 -3.09 -23.70
N VAL B 242 -22.88 -3.35 -24.92
CA VAL B 242 -22.79 -4.70 -25.47
C VAL B 242 -21.39 -4.81 -26.07
N GLN B 243 -20.66 -5.86 -25.68
CA GLN B 243 -19.30 -6.06 -26.15
C GLN B 243 -19.11 -7.46 -26.69
N LEU B 244 -18.36 -7.59 -27.78
CA LEU B 244 -18.13 -8.88 -28.42
C LEU B 244 -16.68 -9.31 -28.15
N ASP B 245 -16.55 -10.45 -27.49
CA ASP B 245 -15.28 -10.99 -27.02
C ASP B 245 -14.87 -12.35 -27.61
N PHE B 246 -13.81 -12.36 -28.41
CA PHE B 246 -13.29 -13.60 -28.99
C PHE B 246 -11.96 -13.99 -28.34
N SER B 247 -11.62 -13.34 -27.22
CA SER B 247 -10.33 -13.62 -26.57
C SER B 247 -10.38 -14.24 -25.17
N LEU B 248 -11.21 -13.71 -24.30
CA LEU B 248 -11.26 -14.22 -22.94
C LEU B 248 -11.57 -15.71 -22.79
N PRO B 249 -12.56 -16.24 -23.53
CA PRO B 249 -12.83 -17.67 -23.35
C PRO B 249 -11.61 -18.56 -23.63
N SER B 250 -10.86 -18.25 -24.68
CA SER B 250 -9.68 -19.05 -25.00
C SER B 250 -8.60 -18.89 -23.94
N ARG B 251 -8.41 -17.66 -23.46
CA ARG B 251 -7.40 -17.40 -22.43
C ARG B 251 -7.72 -18.12 -21.12
N LEU B 252 -9.01 -18.38 -20.89
CA LEU B 252 -9.44 -19.05 -19.67
C LEU B 252 -9.83 -20.51 -19.89
N SER B 253 -9.41 -21.07 -21.02
CA SER B 253 -9.67 -22.49 -21.33
C SER B 253 -11.12 -22.94 -21.33
N ALA B 254 -12.02 -22.09 -21.81
CA ALA B 254 -13.42 -22.44 -21.88
C ALA B 254 -13.66 -23.16 -23.22
N SER B 255 -14.49 -24.20 -23.20
CA SER B 255 -14.78 -24.93 -24.43
C SER B 255 -16.06 -25.74 -24.31
N TYR B 256 -16.51 -26.27 -25.45
CA TYR B 256 -17.70 -27.10 -25.49
C TYR B 256 -17.56 -28.09 -26.64
N VAL B 257 -18.36 -29.15 -26.58
CA VAL B 257 -18.32 -30.17 -27.63
C VAL B 257 -19.31 -29.78 -28.72
N GLY B 258 -18.80 -29.54 -29.92
CA GLY B 258 -19.64 -29.16 -31.03
C GLY B 258 -20.47 -30.34 -31.51
N GLU B 259 -21.36 -30.07 -32.46
CA GLU B 259 -22.21 -31.13 -33.00
C GLU B 259 -21.35 -32.16 -33.74
N ASP B 260 -20.23 -31.69 -34.30
CA ASP B 260 -19.31 -32.57 -35.01
C ASP B 260 -18.47 -33.35 -34.01
N ASN B 261 -18.83 -33.25 -32.75
CA ASN B 261 -18.14 -33.94 -31.66
C ASN B 261 -16.72 -33.42 -31.40
N GLU B 262 -16.36 -32.30 -32.02
CA GLU B 262 -15.04 -31.70 -31.83
C GLU B 262 -15.11 -30.59 -30.78
N ARG B 263 -14.00 -30.36 -30.10
CA ARG B 263 -13.91 -29.33 -29.07
C ARG B 263 -13.87 -27.93 -29.69
N LYS B 264 -14.72 -27.03 -29.22
CA LYS B 264 -14.76 -25.67 -29.73
C LYS B 264 -14.71 -24.66 -28.61
N VAL B 265 -14.31 -23.43 -28.93
CA VAL B 265 -14.23 -22.36 -27.95
C VAL B 265 -15.44 -21.45 -28.16
N PRO B 266 -16.22 -21.20 -27.10
CA PRO B 266 -17.39 -20.35 -27.25
C PRO B 266 -17.03 -18.87 -27.40
N VAL B 267 -17.94 -18.12 -28.02
CA VAL B 267 -17.80 -16.69 -28.19
C VAL B 267 -18.45 -16.14 -26.92
N MET B 268 -18.04 -14.95 -26.48
CA MET B 268 -18.66 -14.38 -25.29
C MET B 268 -19.15 -12.97 -25.57
N ILE B 269 -20.41 -12.73 -25.24
CA ILE B 269 -20.97 -11.40 -25.40
C ILE B 269 -21.13 -10.87 -23.99
N HIS B 270 -20.60 -9.67 -23.75
CA HIS B 270 -20.71 -9.01 -22.45
C HIS B 270 -21.81 -7.96 -22.59
N ARG B 271 -22.68 -7.84 -21.60
CA ARG B 271 -23.64 -6.76 -21.67
C ARG B 271 -24.19 -6.36 -20.31
N ALA B 272 -24.52 -5.07 -20.20
CA ALA B 272 -25.15 -4.52 -19.01
C ALA B 272 -26.26 -3.69 -19.65
N ILE B 273 -27.50 -3.82 -19.15
CA ILE B 273 -28.60 -3.08 -19.74
C ILE B 273 -28.70 -1.69 -19.12
N LEU B 274 -28.79 -1.63 -17.80
CA LEU B 274 -28.85 -0.35 -17.13
C LEU B 274 -27.45 0.26 -17.05
N GLY B 275 -26.44 -0.60 -16.92
CA GLY B 275 -25.05 -0.18 -16.81
C GLY B 275 -24.66 -0.54 -15.38
N SER B 276 -24.78 0.43 -14.48
CA SER B 276 -24.56 0.15 -13.07
C SER B 276 -25.79 0.75 -12.39
N MET B 277 -26.16 0.19 -11.24
CA MET B 277 -27.30 0.69 -10.49
C MET B 277 -27.06 2.12 -10.04
N GLU B 278 -25.82 2.38 -9.59
CA GLU B 278 -25.45 3.71 -9.14
C GLU B 278 -25.66 4.73 -10.25
N ARG B 279 -25.04 4.51 -11.40
CA ARG B 279 -25.15 5.45 -12.50
C ARG B 279 -26.58 5.60 -13.01
N PHE B 280 -27.29 4.48 -13.13
CA PHE B 280 -28.66 4.55 -13.63
C PHE B 280 -29.57 5.30 -12.65
N ILE B 281 -29.40 5.07 -11.35
CA ILE B 281 -30.20 5.79 -10.36
C ILE B 281 -29.86 7.28 -10.42
N GLY B 282 -28.59 7.60 -10.67
CA GLY B 282 -28.21 9.00 -10.79
C GLY B 282 -28.97 9.65 -11.94
N ILE B 283 -29.00 8.96 -13.08
CA ILE B 283 -29.69 9.45 -14.26
C ILE B 283 -31.19 9.59 -14.00
N LEU B 284 -31.80 8.59 -13.36
CA LEU B 284 -33.23 8.63 -13.08
C LEU B 284 -33.58 9.76 -12.14
N THR B 285 -32.74 9.97 -11.13
CA THR B 285 -32.99 11.02 -10.16
C THR B 285 -33.05 12.37 -10.86
N GLU B 286 -32.15 12.60 -11.81
CA GLU B 286 -32.15 13.87 -12.52
C GLU B 286 -33.30 13.95 -13.52
N GLU B 287 -33.59 12.85 -14.20
CA GLU B 287 -34.67 12.79 -15.19
C GLU B 287 -36.03 13.11 -14.57
N PHE B 288 -36.29 12.53 -13.40
CA PHE B 288 -37.56 12.74 -12.71
C PHE B 288 -37.49 13.88 -11.70
N ALA B 289 -36.30 14.44 -11.48
CA ALA B 289 -36.13 15.52 -10.50
C ALA B 289 -36.61 15.07 -9.12
N GLY B 290 -36.45 13.77 -8.84
CA GLY B 290 -36.88 13.26 -7.55
C GLY B 290 -38.31 12.73 -7.50
N PHE B 291 -39.11 13.05 -8.51
CA PHE B 291 -40.50 12.55 -8.56
C PHE B 291 -40.49 11.15 -9.19
N PHE B 292 -39.92 10.20 -8.47
CA PHE B 292 -39.86 8.83 -8.95
C PHE B 292 -41.24 8.25 -9.22
N PRO B 293 -41.41 7.49 -10.31
CA PRO B 293 -42.71 6.88 -10.58
C PRO B 293 -43.09 6.06 -9.35
N THR B 294 -44.37 5.93 -9.10
CA THR B 294 -44.84 5.20 -7.92
C THR B 294 -44.17 3.86 -7.66
N TRP B 295 -43.96 3.04 -8.69
CA TRP B 295 -43.34 1.73 -8.48
C TRP B 295 -41.92 1.82 -7.91
N LEU B 296 -41.24 2.93 -8.20
CA LEU B 296 -39.88 3.15 -7.72
C LEU B 296 -39.78 4.03 -6.47
N ALA B 297 -40.86 4.72 -6.13
CA ALA B 297 -40.85 5.63 -4.99
C ALA B 297 -40.52 4.95 -3.67
N PRO B 298 -39.51 5.47 -2.94
CA PRO B 298 -39.11 4.89 -1.64
C PRO B 298 -40.32 4.68 -0.72
N VAL B 299 -41.16 5.71 -0.61
CA VAL B 299 -42.38 5.65 0.19
C VAL B 299 -43.48 6.04 -0.78
N GLN B 300 -44.43 5.14 -1.00
CA GLN B 300 -45.51 5.39 -1.95
C GLN B 300 -46.70 6.15 -1.36
N VAL B 301 -46.95 5.92 -0.08
CA VAL B 301 -48.07 6.56 0.60
C VAL B 301 -47.77 6.92 2.05
N VAL B 302 -48.20 8.09 2.47
CA VAL B 302 -48.06 8.49 3.86
C VAL B 302 -49.46 8.81 4.35
N ILE B 303 -49.82 8.28 5.51
CA ILE B 303 -51.13 8.52 6.07
C ILE B 303 -50.93 9.40 7.30
N MET B 304 -51.69 10.48 7.38
CA MET B 304 -51.56 11.43 8.47
C MET B 304 -52.87 11.63 9.22
N ASN B 305 -52.74 11.90 10.51
CA ASN B 305 -53.88 12.19 11.36
C ASN B 305 -53.84 13.69 11.61
N ILE B 306 -54.94 14.24 12.09
CA ILE B 306 -55.02 15.67 12.39
C ILE B 306 -54.64 15.81 13.85
N THR B 307 -55.27 14.98 14.68
CA THR B 307 -55.01 14.96 16.11
C THR B 307 -54.92 13.50 16.56
N ASP B 308 -54.50 13.29 17.80
CA ASP B 308 -54.37 11.95 18.35
C ASP B 308 -55.66 11.14 18.27
N SER B 309 -56.76 11.82 17.93
CA SER B 309 -58.06 11.15 17.83
C SER B 309 -58.17 10.19 16.66
N GLN B 310 -57.40 10.44 15.60
CA GLN B 310 -57.45 9.57 14.43
C GLN B 310 -56.30 8.57 14.38
N SER B 311 -55.41 8.64 15.37
CA SER B 311 -54.25 7.74 15.41
C SER B 311 -54.61 6.27 15.17
N GLU B 312 -55.63 5.79 15.88
CA GLU B 312 -56.06 4.40 15.76
C GLU B 312 -56.49 4.06 14.33
N TYR B 313 -57.24 4.96 13.72
CA TYR B 313 -57.72 4.77 12.36
C TYR B 313 -56.53 4.74 11.39
N VAL B 314 -55.61 5.69 11.56
CA VAL B 314 -54.43 5.78 10.73
C VAL B 314 -53.57 4.51 10.83
N ASN B 315 -53.36 4.03 12.05
CA ASN B 315 -52.55 2.82 12.25
C ASN B 315 -53.21 1.63 11.55
N GLU B 316 -54.54 1.56 11.62
CA GLU B 316 -55.27 0.48 10.98
C GLU B 316 -55.11 0.51 9.46
N LEU B 317 -55.28 1.68 8.86
CA LEU B 317 -55.15 1.82 7.41
C LEU B 317 -53.72 1.54 6.97
N THR B 318 -52.75 1.96 7.78
CA THR B 318 -51.35 1.75 7.47
C THR B 318 -51.05 0.27 7.38
N GLN B 319 -51.49 -0.50 8.37
CA GLN B 319 -51.25 -1.94 8.34
C GLN B 319 -51.99 -2.56 7.16
N LYS B 320 -53.17 -2.05 6.85
CA LYS B 320 -53.95 -2.57 5.74
C LYS B 320 -53.26 -2.35 4.40
N LEU B 321 -52.72 -1.15 4.16
CA LEU B 321 -52.04 -0.89 2.91
C LEU B 321 -50.72 -1.64 2.85
N SER B 322 -50.08 -1.81 4.00
CA SER B 322 -48.83 -2.54 4.07
C SER B 322 -49.05 -3.99 3.68
N ASN B 323 -50.12 -4.59 4.21
CA ASN B 323 -50.42 -5.97 3.88
C ASN B 323 -50.78 -6.14 2.42
N ALA B 324 -51.18 -5.04 1.78
CA ALA B 324 -51.53 -5.05 0.38
C ALA B 324 -50.28 -4.86 -0.49
N GLY B 325 -49.11 -4.79 0.14
CA GLY B 325 -47.87 -4.67 -0.59
C GLY B 325 -47.44 -3.26 -0.96
N ILE B 326 -48.11 -2.26 -0.39
CA ILE B 326 -47.76 -0.87 -0.68
C ILE B 326 -46.77 -0.37 0.37
N ARG B 327 -45.80 0.43 -0.05
CA ARG B 327 -44.83 0.98 0.89
C ARG B 327 -45.50 2.21 1.51
N VAL B 328 -45.96 2.03 2.73
CA VAL B 328 -46.70 3.07 3.43
C VAL B 328 -46.15 3.38 4.83
N LYS B 329 -46.31 4.64 5.24
CA LYS B 329 -45.86 5.06 6.56
C LYS B 329 -46.92 5.94 7.18
N ALA B 330 -47.01 5.86 8.50
CA ALA B 330 -47.97 6.68 9.24
C ALA B 330 -47.23 7.87 9.83
N ASP B 331 -47.85 9.04 9.76
CA ASP B 331 -47.22 10.23 10.34
C ASP B 331 -48.16 10.73 11.42
N LEU B 332 -47.90 10.28 12.65
CA LEU B 332 -48.75 10.64 13.78
C LEU B 332 -48.13 11.74 14.64
N ARG B 333 -47.12 12.42 14.11
CA ARG B 333 -46.45 13.47 14.85
C ARG B 333 -47.40 14.57 15.28
N ASN B 334 -47.00 15.26 16.35
CA ASN B 334 -47.78 16.37 16.86
C ASN B 334 -47.36 17.62 16.09
N GLU B 335 -47.80 17.71 14.84
CA GLU B 335 -47.48 18.84 13.98
C GLU B 335 -48.76 19.18 13.22
N LYS B 336 -48.86 20.40 12.73
CA LYS B 336 -50.05 20.79 11.98
C LYS B 336 -50.10 20.00 10.69
N ILE B 337 -51.31 19.66 10.25
CA ILE B 337 -51.47 18.86 9.04
C ILE B 337 -50.78 19.53 7.84
N GLY B 338 -50.83 20.85 7.76
CA GLY B 338 -50.20 21.55 6.64
C GLY B 338 -48.68 21.45 6.66
N PHE B 339 -48.14 21.23 7.85
CA PHE B 339 -46.70 21.06 8.03
C PHE B 339 -46.35 19.66 7.52
N LYS B 340 -47.16 18.68 7.91
CA LYS B 340 -46.92 17.31 7.47
C LYS B 340 -47.01 17.23 5.94
N ILE B 341 -48.09 17.78 5.39
CA ILE B 341 -48.29 17.73 3.94
C ILE B 341 -47.12 18.35 3.19
N ARG B 342 -46.60 19.48 3.68
CA ARG B 342 -45.48 20.11 3.00
C ARG B 342 -44.24 19.21 3.06
N GLU B 343 -44.00 18.60 4.21
CA GLU B 343 -42.83 17.74 4.36
C GLU B 343 -42.86 16.57 3.37
N HIS B 344 -43.98 15.88 3.30
CA HIS B 344 -44.05 14.74 2.39
C HIS B 344 -44.13 15.14 0.94
N THR B 345 -44.59 16.35 0.67
CA THR B 345 -44.64 16.86 -0.69
C THR B 345 -43.19 17.07 -1.13
N LEU B 346 -42.39 17.65 -0.24
CA LEU B 346 -40.98 17.89 -0.56
C LEU B 346 -40.21 16.57 -0.68
N ARG B 347 -40.67 15.54 0.02
CA ARG B 347 -40.03 14.23 -0.06
C ARG B 347 -40.51 13.47 -1.28
N ARG B 348 -41.42 14.09 -2.03
CA ARG B 348 -41.95 13.49 -3.25
C ARG B 348 -42.72 12.18 -3.06
N VAL B 349 -43.45 12.08 -1.96
CA VAL B 349 -44.26 10.90 -1.70
C VAL B 349 -45.45 10.98 -2.66
N PRO B 350 -45.61 9.99 -3.55
CA PRO B 350 -46.72 9.99 -4.51
C PRO B 350 -48.09 10.40 -3.96
N TYR B 351 -48.56 9.68 -2.95
CA TYR B 351 -49.87 9.94 -2.36
C TYR B 351 -49.88 10.19 -0.87
N MET B 352 -50.70 11.16 -0.47
CA MET B 352 -50.85 11.50 0.94
C MET B 352 -52.30 11.31 1.32
N LEU B 353 -52.55 10.57 2.39
CA LEU B 353 -53.91 10.33 2.87
C LEU B 353 -54.09 11.07 4.18
N VAL B 354 -55.08 11.95 4.21
CA VAL B 354 -55.36 12.73 5.40
C VAL B 354 -56.60 12.16 6.07
N CYS B 355 -56.50 11.92 7.37
CA CYS B 355 -57.62 11.36 8.12
C CYS B 355 -58.06 12.26 9.26
N GLY B 356 -59.22 12.87 9.10
CA GLY B 356 -59.77 13.72 10.14
C GLY B 356 -60.93 12.95 10.77
N ASP B 357 -61.72 13.59 11.63
CA ASP B 357 -62.83 12.90 12.25
C ASP B 357 -63.85 12.44 11.21
N LYS B 358 -64.02 13.25 10.17
CA LYS B 358 -64.95 12.94 9.09
C LYS B 358 -64.56 11.64 8.39
N GLU B 359 -63.26 11.43 8.22
CA GLU B 359 -62.76 10.23 7.57
C GLU B 359 -62.91 9.01 8.47
N VAL B 360 -62.65 9.20 9.76
CA VAL B 360 -62.74 8.10 10.74
C VAL B 360 -64.14 7.51 10.84
N GLU B 361 -65.16 8.35 10.89
CA GLU B 361 -66.52 7.85 11.00
C GLU B 361 -67.16 7.57 9.65
N SER B 362 -66.39 7.77 8.58
CA SER B 362 -66.90 7.54 7.23
C SER B 362 -66.23 6.29 6.63
N GLY B 363 -65.04 5.97 7.12
CA GLY B 363 -64.33 4.82 6.61
C GLY B 363 -63.59 5.12 5.32
N LYS B 364 -63.55 6.39 4.93
CA LYS B 364 -62.86 6.80 3.71
C LYS B 364 -61.58 7.57 4.06
N VAL B 365 -60.93 8.10 3.03
CA VAL B 365 -59.71 8.88 3.22
C VAL B 365 -59.66 10.05 2.24
N ALA B 366 -59.04 11.15 2.68
CA ALA B 366 -58.88 12.33 1.83
C ALA B 366 -57.53 12.17 1.14
N VAL B 367 -57.53 12.18 -0.18
CA VAL B 367 -56.30 11.98 -0.95
C VAL B 367 -55.72 13.22 -1.63
N ARG B 368 -54.40 13.37 -1.50
CA ARG B 368 -53.65 14.48 -2.10
C ARG B 368 -52.43 13.87 -2.80
N THR B 369 -51.92 14.54 -3.84
CA THR B 369 -50.73 14.04 -4.51
C THR B 369 -49.58 15.01 -4.28
N ARG B 370 -48.36 14.53 -4.53
CA ARG B 370 -47.15 15.35 -4.36
C ARG B 370 -47.10 16.50 -5.35
N ARG B 371 -47.97 16.46 -6.36
CA ARG B 371 -48.01 17.54 -7.35
C ARG B 371 -49.00 18.61 -6.87
N GLY B 372 -49.57 18.39 -5.69
CA GLY B 372 -50.50 19.33 -5.10
C GLY B 372 -51.96 19.16 -5.48
N LYS B 373 -52.27 18.09 -6.19
CA LYS B 373 -53.64 17.83 -6.62
C LYS B 373 -54.51 17.23 -5.51
N ASP B 374 -55.69 17.80 -5.34
CA ASP B 374 -56.65 17.32 -4.34
C ASP B 374 -57.56 16.31 -5.03
N LEU B 375 -57.41 15.03 -4.67
CA LEU B 375 -58.21 13.98 -5.29
C LEU B 375 -59.52 13.72 -4.55
N GLY B 376 -59.80 14.52 -3.52
CA GLY B 376 -61.02 14.36 -2.76
C GLY B 376 -61.09 13.13 -1.88
N SER B 377 -62.31 12.78 -1.47
CA SER B 377 -62.53 11.61 -0.63
C SER B 377 -62.62 10.36 -1.47
N MET B 378 -61.92 9.32 -1.04
CA MET B 378 -61.92 8.05 -1.77
C MET B 378 -62.10 6.89 -0.80
N ASP B 379 -62.54 5.75 -1.33
CA ASP B 379 -62.71 4.55 -0.54
C ASP B 379 -61.34 3.90 -0.38
N VAL B 380 -61.07 3.34 0.80
CA VAL B 380 -59.78 2.71 1.05
C VAL B 380 -59.45 1.61 0.06
N ASN B 381 -60.42 0.74 -0.26
CA ASN B 381 -60.16 -0.33 -1.21
C ASN B 381 -59.91 0.22 -2.61
N GLU B 382 -60.55 1.34 -2.91
CA GLU B 382 -60.40 1.98 -4.21
C GLU B 382 -58.96 2.50 -4.37
N VAL B 383 -58.44 3.11 -3.32
CA VAL B 383 -57.08 3.63 -3.38
C VAL B 383 -56.08 2.48 -3.48
N ILE B 384 -56.34 1.39 -2.75
CA ILE B 384 -55.44 0.24 -2.79
C ILE B 384 -55.36 -0.37 -4.18
N GLU B 385 -56.51 -0.57 -4.82
CA GLU B 385 -56.54 -1.16 -6.15
C GLU B 385 -55.88 -0.27 -7.19
N LYS B 386 -56.12 1.03 -7.10
CA LYS B 386 -55.53 1.97 -8.05
C LYS B 386 -54.02 1.99 -7.88
N LEU B 387 -53.55 1.97 -6.64
CA LEU B 387 -52.11 1.96 -6.37
C LEU B 387 -51.48 0.67 -6.87
N GLN B 388 -52.11 -0.46 -6.56
CA GLN B 388 -51.57 -1.75 -7.00
C GLN B 388 -51.46 -1.82 -8.52
N GLN B 389 -52.41 -1.18 -9.20
CA GLN B 389 -52.41 -1.17 -10.65
C GLN B 389 -51.26 -0.31 -11.18
N GLU B 390 -51.08 0.85 -10.58
CA GLU B 390 -50.03 1.78 -10.98
C GLU B 390 -48.66 1.11 -10.76
N ILE B 391 -48.56 0.35 -9.69
CA ILE B 391 -47.33 -0.35 -9.34
C ILE B 391 -47.05 -1.53 -10.27
N ARG B 392 -48.04 -2.40 -10.43
CA ARG B 392 -47.90 -3.57 -11.28
C ARG B 392 -47.54 -3.22 -12.72
N SER B 393 -48.11 -2.13 -13.23
CA SER B 393 -47.87 -1.69 -14.59
C SER B 393 -46.63 -0.80 -14.71
N ARG B 394 -46.02 -0.49 -13.57
CA ARG B 394 -44.84 0.37 -13.53
C ARG B 394 -45.11 1.63 -14.34
N SER B 395 -46.28 2.23 -14.11
CA SER B 395 -46.70 3.43 -14.83
C SER B 395 -45.91 4.69 -14.47
N LEU B 396 -45.67 5.52 -15.48
CA LEU B 396 -44.94 6.78 -15.30
C LEU B 396 -45.81 7.89 -14.75
N LYS B 397 -47.13 7.73 -14.83
CA LYS B 397 -48.03 8.77 -14.34
C LYS B 397 -48.90 8.35 -13.17
N GLN B 398 -49.31 9.34 -12.38
CA GLN B 398 -50.16 9.10 -11.23
C GLN B 398 -51.63 9.21 -11.58
N LEU B 399 -52.46 8.87 -10.60
CA LEU B 399 -53.91 8.89 -10.74
C LEU B 399 -54.44 10.24 -11.23
N GLU B 400 -55.17 10.21 -12.33
CA GLU B 400 -55.76 11.41 -12.90
C GLU B 400 -54.83 12.41 -13.58
N GLU B 401 -53.57 12.06 -13.75
CA GLU B 401 -52.64 12.98 -14.40
C GLU B 401 -52.15 12.45 -15.74
N ARG C 1 21.58 26.36 -19.56
CA ARG C 1 22.35 25.54 -18.64
C ARG C 1 21.45 24.67 -17.78
N ASP C 2 20.67 23.82 -18.43
CA ASP C 2 19.74 22.91 -17.76
C ASP C 2 20.56 21.81 -17.10
N HIS C 3 20.50 21.73 -15.76
CA HIS C 3 21.29 20.72 -15.07
C HIS C 3 20.94 19.30 -15.48
N ARG C 4 19.72 19.08 -15.96
CA ARG C 4 19.32 17.73 -16.36
C ARG C 4 20.03 17.31 -17.63
N LYS C 5 20.17 18.25 -18.57
CA LYS C 5 20.87 17.96 -19.81
C LYS C 5 22.36 17.81 -19.53
N ILE C 6 22.90 18.72 -18.71
CA ILE C 6 24.30 18.69 -18.36
C ILE C 6 24.62 17.40 -17.59
N GLY C 7 23.70 17.00 -16.71
CA GLY C 7 23.91 15.78 -15.96
C GLY C 7 24.06 14.57 -16.85
N LYS C 8 23.33 14.55 -17.96
CA LYS C 8 23.41 13.44 -18.89
C LYS C 8 24.70 13.50 -19.69
N GLN C 9 25.04 14.69 -20.18
CA GLN C 9 26.25 14.89 -20.97
C GLN C 9 27.53 14.56 -20.21
N LEU C 10 27.55 14.86 -18.92
CA LEU C 10 28.72 14.60 -18.09
C LEU C 10 28.60 13.29 -17.32
N ASP C 11 27.54 12.54 -17.58
CA ASP C 11 27.34 11.24 -16.94
C ASP C 11 27.38 11.36 -15.42
N LEU C 12 26.69 12.34 -14.88
CA LEU C 12 26.66 12.58 -13.44
C LEU C 12 25.64 11.71 -12.70
N TYR C 13 24.45 11.60 -13.25
CA TYR C 13 23.38 10.83 -12.62
C TYR C 13 22.30 10.54 -13.64
N HIS C 14 21.30 9.79 -13.21
CA HIS C 14 20.14 9.53 -14.06
C HIS C 14 18.97 9.14 -13.16
N MET C 15 17.77 9.24 -13.72
CA MET C 15 16.57 8.85 -13.00
C MET C 15 15.72 8.04 -13.95
N GLN C 16 14.85 7.19 -13.38
CA GLN C 16 13.99 6.33 -14.19
C GLN C 16 12.59 6.31 -13.63
N GLU C 17 11.66 5.80 -14.43
CA GLU C 17 10.26 5.68 -14.01
C GLU C 17 10.12 4.65 -12.88
N GLU C 18 11.04 3.68 -12.83
CA GLU C 18 10.99 2.66 -11.78
C GLU C 18 11.31 3.24 -10.39
N ALA C 19 11.71 4.50 -10.35
CA ALA C 19 12.04 5.17 -9.09
C ALA C 19 11.83 6.67 -9.22
N PRO C 20 10.58 7.11 -9.39
CA PRO C 20 10.30 8.54 -9.52
C PRO C 20 10.91 9.39 -8.39
N GLY C 21 11.67 10.42 -8.77
CA GLY C 21 12.30 11.27 -7.77
C GLY C 21 13.42 10.60 -6.99
N MET C 22 13.90 9.46 -7.47
CA MET C 22 14.97 8.71 -6.80
C MET C 22 16.21 8.81 -7.69
N VAL C 23 17.28 9.40 -7.15
CA VAL C 23 18.50 9.59 -7.92
C VAL C 23 19.49 8.44 -7.94
N PHE C 24 20.00 8.13 -9.13
CA PHE C 24 21.05 7.12 -9.30
C PHE C 24 22.28 7.98 -9.53
N TRP C 25 23.18 8.05 -8.55
CA TRP C 25 24.40 8.83 -8.72
C TRP C 25 25.46 7.99 -9.39
N HIS C 26 25.90 8.41 -10.57
CA HIS C 26 26.94 7.69 -11.28
C HIS C 26 28.27 8.08 -10.66
N ASN C 27 29.34 7.39 -11.02
CA ASN C 27 30.64 7.69 -10.45
C ASN C 27 31.00 9.16 -10.43
N ASP C 28 30.88 9.83 -11.57
CA ASP C 28 31.27 11.23 -11.60
C ASP C 28 30.39 12.16 -10.77
N GLY C 29 29.08 11.91 -10.74
CA GLY C 29 28.21 12.74 -9.93
C GLY C 29 28.47 12.47 -8.44
N TRP C 30 28.71 11.20 -8.12
CA TRP C 30 28.98 10.84 -6.73
C TRP C 30 30.28 11.47 -6.24
N THR C 31 31.23 11.66 -7.15
CA THR C 31 32.48 12.30 -6.77
C THR C 31 32.22 13.74 -6.30
N ILE C 32 31.33 14.44 -7.01
CA ILE C 32 31.00 15.80 -6.64
C ILE C 32 30.33 15.80 -5.26
N PHE C 33 29.38 14.89 -5.09
CA PHE C 33 28.64 14.75 -3.83
C PHE C 33 29.64 14.54 -2.69
N ARG C 34 30.57 13.60 -2.88
CA ARG C 34 31.56 13.31 -1.84
C ARG C 34 32.50 14.47 -1.53
N GLU C 35 32.89 15.23 -2.56
CA GLU C 35 33.75 16.38 -2.30
C GLU C 35 32.99 17.45 -1.52
N LEU C 36 31.68 17.56 -1.76
CA LEU C 36 30.90 18.54 -1.02
C LEU C 36 30.83 18.09 0.44
N GLU C 37 30.74 16.78 0.68
CA GLU C 37 30.71 16.30 2.06
C GLU C 37 32.02 16.61 2.76
N VAL C 38 33.13 16.46 2.04
CA VAL C 38 34.43 16.77 2.62
C VAL C 38 34.47 18.26 2.97
N PHE C 39 33.97 19.10 2.08
CA PHE C 39 33.93 20.53 2.29
C PHE C 39 33.11 20.87 3.55
N VAL C 40 31.91 20.32 3.63
CA VAL C 40 31.06 20.59 4.78
C VAL C 40 31.73 20.16 6.08
N ARG C 41 32.29 18.95 6.10
CA ARG C 41 32.97 18.47 7.30
C ARG C 41 34.10 19.40 7.70
N SER C 42 34.83 19.93 6.73
CA SER C 42 35.93 20.84 7.06
C SER C 42 35.40 22.10 7.75
N LYS C 43 34.30 22.63 7.25
CA LYS C 43 33.73 23.85 7.83
C LYS C 43 33.15 23.65 9.21
N LEU C 44 32.55 22.49 9.45
CA LEU C 44 31.95 22.20 10.73
C LEU C 44 32.94 21.83 11.81
N LYS C 45 34.11 21.33 11.42
CA LYS C 45 35.13 20.98 12.41
C LYS C 45 35.45 22.24 13.20
N GLU C 46 35.44 23.36 12.48
CA GLU C 46 35.72 24.66 13.05
C GLU C 46 34.76 25.03 14.19
N TYR C 47 33.57 24.45 14.19
CA TYR C 47 32.55 24.74 15.22
C TYR C 47 32.29 23.60 16.19
N GLN C 48 33.16 22.60 16.20
CA GLN C 48 32.99 21.46 17.10
C GLN C 48 31.69 20.71 16.91
N TYR C 49 31.16 20.67 15.69
CA TYR C 49 29.93 19.91 15.47
C TYR C 49 30.26 18.44 15.60
N GLN C 50 29.37 17.68 16.24
CA GLN C 50 29.54 16.24 16.29
C GLN C 50 28.90 15.78 14.98
N GLU C 51 29.19 14.55 14.58
CA GLU C 51 28.55 14.00 13.39
C GLU C 51 28.05 12.61 13.76
N VAL C 52 26.77 12.39 13.49
CA VAL C 52 26.12 11.13 13.83
C VAL C 52 25.38 10.55 12.64
N LYS C 53 24.71 9.43 12.86
CA LYS C 53 23.92 8.79 11.81
C LYS C 53 22.75 8.12 12.51
N GLY C 54 21.53 8.52 12.14
CA GLY C 54 20.34 7.95 12.76
C GLY C 54 19.69 6.91 11.88
N PRO C 55 18.76 6.10 12.43
CA PRO C 55 18.04 5.04 11.72
C PRO C 55 17.18 5.56 10.58
N PHE C 56 17.02 4.72 9.57
CA PHE C 56 16.27 5.01 8.36
C PHE C 56 14.77 5.12 8.64
N MET C 57 14.29 4.35 9.61
CA MET C 57 12.88 4.41 9.96
C MET C 57 12.71 4.25 11.46
N MET C 58 11.57 4.74 11.96
CA MET C 58 11.26 4.60 13.37
C MET C 58 9.76 4.36 13.50
N ASP C 59 9.37 3.79 14.62
CA ASP C 59 7.98 3.44 14.88
C ASP C 59 7.01 4.63 14.82
N ARG C 60 5.80 4.34 14.34
CA ARG C 60 4.75 5.34 14.24
C ARG C 60 4.55 6.11 15.55
N VAL C 61 4.64 5.41 16.68
CA VAL C 61 4.44 6.05 17.96
C VAL C 61 5.35 7.26 18.14
N LEU C 62 6.59 7.14 17.68
CA LEU C 62 7.54 8.23 17.81
C LEU C 62 7.12 9.41 16.94
N TRP C 63 6.68 9.12 15.72
CA TRP C 63 6.26 10.16 14.81
C TRP C 63 4.95 10.82 15.26
N GLU C 64 4.20 10.14 16.12
CA GLU C 64 2.96 10.73 16.62
C GLU C 64 3.35 11.75 17.68
N LYS C 65 4.29 11.38 18.54
CA LYS C 65 4.75 12.26 19.61
C LYS C 65 5.33 13.57 19.11
N THR C 66 6.06 13.51 18.00
CA THR C 66 6.69 14.72 17.44
C THR C 66 5.71 15.64 16.74
N GLY C 67 4.55 15.10 16.37
CA GLY C 67 3.58 15.91 15.66
C GLY C 67 3.63 15.62 14.17
N HIS C 68 4.60 14.81 13.73
CA HIS C 68 4.69 14.50 12.30
C HIS C 68 3.49 13.70 11.78
N TRP C 69 3.00 12.77 12.58
CA TRP C 69 1.87 11.96 12.15
C TRP C 69 0.63 12.80 11.86
N ASP C 70 0.39 13.83 12.67
CA ASP C 70 -0.76 14.69 12.47
C ASP C 70 -0.56 15.89 11.55
N ASN C 71 0.69 16.31 11.39
CA ASN C 71 0.99 17.49 10.58
C ASN C 71 1.83 17.26 9.34
N TYR C 72 2.29 16.03 9.15
CA TYR C 72 3.17 15.73 8.01
C TYR C 72 2.90 14.34 7.41
N LYS C 73 1.73 13.78 7.69
CA LYS C 73 1.38 12.44 7.22
C LYS C 73 1.46 12.20 5.71
N ASP C 74 0.88 13.09 4.93
CA ASP C 74 0.86 12.94 3.47
C ASP C 74 2.26 12.83 2.85
N ALA C 75 3.25 13.46 3.48
CA ALA C 75 4.62 13.43 2.96
C ALA C 75 5.43 12.21 3.38
N MET C 76 4.93 11.41 4.31
CA MET C 76 5.70 10.26 4.78
C MET C 76 5.39 8.89 4.18
N PHE C 77 6.46 8.15 3.89
CA PHE C 77 6.36 6.79 3.40
C PHE C 77 6.25 5.91 4.64
N THR C 78 5.37 4.92 4.60
CA THR C 78 5.24 4.02 5.73
C THR C 78 5.46 2.59 5.32
N THR C 79 5.84 1.75 6.27
CA THR C 79 6.04 0.34 6.00
C THR C 79 5.75 -0.37 7.32
N SER C 80 5.79 -1.70 7.31
CA SER C 80 5.50 -2.43 8.54
C SER C 80 6.33 -3.68 8.70
N SER C 81 6.39 -4.16 9.93
CA SER C 81 7.08 -5.42 10.25
C SER C 81 6.48 -5.96 11.54
N GLU C 82 6.11 -7.23 11.50
CA GLU C 82 5.56 -7.90 12.67
C GLU C 82 4.45 -7.10 13.32
N ASN C 83 3.53 -6.63 12.48
CA ASN C 83 2.37 -5.85 12.90
C ASN C 83 2.66 -4.48 13.53
N ARG C 84 3.89 -4.01 13.39
CA ARG C 84 4.26 -2.69 13.90
C ARG C 84 4.44 -1.81 12.67
N GLU C 85 3.98 -0.57 12.77
CA GLU C 85 4.07 0.38 11.66
C GLU C 85 5.24 1.35 11.85
N TYR C 86 5.95 1.63 10.76
CA TYR C 86 7.10 2.54 10.78
C TYR C 86 6.97 3.59 9.70
N CYS C 87 7.64 4.72 9.94
CA CYS C 87 7.67 5.79 8.95
C CYS C 87 9.13 5.89 8.56
N ILE C 88 9.39 5.91 7.26
CA ILE C 88 10.74 6.09 6.76
C ILE C 88 10.97 7.57 7.08
N LYS C 89 12.12 7.90 7.64
CA LYS C 89 12.29 9.29 8.07
C LYS C 89 12.28 10.37 7.01
N PRO C 90 11.47 11.43 7.23
CA PRO C 90 11.40 12.55 6.29
C PRO C 90 12.34 13.66 6.79
N MET C 91 12.78 13.52 8.04
CA MET C 91 13.66 14.47 8.73
C MET C 91 14.55 13.72 9.71
N ASN C 92 15.67 14.34 10.07
CA ASN C 92 16.64 13.71 10.97
C ASN C 92 16.53 14.14 12.43
N CYS C 93 15.76 15.19 12.70
CA CYS C 93 15.63 15.74 14.04
C CYS C 93 15.23 14.76 15.15
N PRO C 94 14.17 13.98 14.93
CA PRO C 94 13.79 13.05 16.01
C PRO C 94 14.91 12.09 16.39
N GLY C 95 15.64 11.60 15.40
CA GLY C 95 16.75 10.70 15.68
C GLY C 95 17.83 11.40 16.49
N HIS C 96 18.10 12.66 16.16
CA HIS C 96 19.09 13.42 16.90
C HIS C 96 18.69 13.60 18.35
N VAL C 97 17.40 13.82 18.59
CA VAL C 97 16.95 13.97 19.97
C VAL C 97 17.11 12.63 20.70
N GLN C 98 16.88 11.51 20.01
CA GLN C 98 17.05 10.21 20.67
C GLN C 98 18.50 10.04 21.12
N ILE C 99 19.44 10.52 20.30
CA ILE C 99 20.86 10.42 20.66
C ILE C 99 21.17 11.38 21.82
N PHE C 100 20.61 12.58 21.76
CA PHE C 100 20.81 13.57 22.83
C PHE C 100 20.33 13.01 24.16
N ASN C 101 19.22 12.28 24.12
CA ASN C 101 18.60 11.68 25.30
C ASN C 101 19.42 10.55 25.95
N GLN C 102 20.50 10.11 25.30
CA GLN C 102 21.34 9.07 25.87
C GLN C 102 22.42 9.72 26.75
N GLY C 103 22.33 9.47 28.05
CA GLY C 103 23.29 10.04 28.97
C GLY C 103 22.79 11.36 29.53
N LEU C 104 23.00 11.57 30.82
CA LEU C 104 22.55 12.79 31.49
C LEU C 104 23.27 14.00 30.90
N LYS C 105 22.51 15.04 30.58
CA LYS C 105 23.06 16.26 30.01
C LYS C 105 23.05 17.40 31.03
N SER C 106 24.06 18.25 30.95
CA SER C 106 24.20 19.40 31.83
C SER C 106 24.35 20.68 31.00
N TYR C 107 24.11 21.83 31.63
CA TYR C 107 24.23 23.10 30.93
C TYR C 107 25.65 23.20 30.36
N ARG C 108 26.58 22.47 30.96
CA ARG C 108 27.97 22.48 30.52
C ARG C 108 28.13 21.89 29.12
N ASP C 109 27.18 21.05 28.73
CA ASP C 109 27.22 20.41 27.42
C ASP C 109 26.62 21.25 26.30
N LEU C 110 26.02 22.38 26.66
CA LEU C 110 25.38 23.25 25.68
C LEU C 110 26.22 24.50 25.36
N PRO C 111 26.18 24.96 24.11
CA PRO C 111 25.39 24.41 23.01
C PRO C 111 25.99 23.10 22.47
N LEU C 112 25.11 22.16 22.14
CA LEU C 112 25.54 20.87 21.61
C LEU C 112 25.10 20.89 20.14
N ARG C 113 26.08 20.88 19.24
CA ARG C 113 25.81 20.94 17.80
C ARG C 113 26.00 19.57 17.20
N MET C 114 24.88 18.99 16.74
CA MET C 114 24.86 17.64 16.19
C MET C 114 24.49 17.58 14.71
N ALA C 115 25.46 17.26 13.87
CA ALA C 115 25.26 17.20 12.42
C ALA C 115 25.10 15.79 11.87
N GLU C 116 24.49 15.71 10.69
CA GLU C 116 24.31 14.44 9.99
C GLU C 116 24.06 14.70 8.50
N PHE C 117 24.66 13.88 7.65
CA PHE C 117 24.37 13.96 6.23
C PHE C 117 23.23 12.95 6.24
N GLY C 118 22.02 13.46 6.51
CA GLY C 118 20.86 12.60 6.67
C GLY C 118 19.99 12.35 5.47
N SER C 119 19.81 11.07 5.15
CA SER C 119 18.99 10.65 4.03
C SER C 119 17.53 10.74 4.40
N CYS C 120 16.82 11.62 3.70
CA CYS C 120 15.40 11.85 3.95
C CYS C 120 14.58 11.38 2.78
N HIS C 121 13.36 10.92 3.06
CA HIS C 121 12.45 10.52 2.01
C HIS C 121 11.12 11.19 2.25
N ARG C 122 10.60 11.80 1.19
CA ARG C 122 9.32 12.49 1.28
C ARG C 122 8.54 12.14 0.04
N ASN C 123 7.27 11.78 0.25
CA ASN C 123 6.41 11.40 -0.85
C ASN C 123 5.85 12.60 -1.59
N GLU C 124 6.74 13.36 -2.23
CA GLU C 124 6.35 14.55 -2.98
C GLU C 124 5.45 14.18 -4.15
N PRO C 125 4.43 15.01 -4.43
CA PRO C 125 3.52 14.74 -5.55
C PRO C 125 4.37 14.59 -6.82
N SER C 126 4.11 13.55 -7.61
CA SER C 126 4.91 13.33 -8.81
C SER C 126 4.94 14.53 -9.77
N GLY C 127 3.86 15.29 -9.83
CA GLY C 127 3.81 16.44 -10.72
C GLY C 127 4.71 17.59 -10.30
N SER C 128 5.21 17.55 -9.07
CA SER C 128 6.07 18.60 -8.55
C SER C 128 7.55 18.25 -8.69
N LEU C 129 7.84 17.00 -9.02
CA LEU C 129 9.23 16.58 -9.14
C LEU C 129 9.93 17.33 -10.27
N HIS C 130 11.20 17.63 -10.07
CA HIS C 130 11.98 18.35 -11.08
C HIS C 130 13.47 18.08 -10.95
N GLY C 131 14.01 17.30 -11.88
CA GLY C 131 15.43 16.99 -11.88
C GLY C 131 15.99 16.67 -10.51
N LEU C 132 17.10 17.32 -10.18
CA LEU C 132 17.73 17.14 -8.88
C LEU C 132 17.18 18.13 -7.88
N MET C 133 16.44 19.13 -8.36
CA MET C 133 15.91 20.18 -7.49
C MET C 133 14.82 19.74 -6.53
N ARG C 134 13.90 18.92 -7.00
CA ARG C 134 12.81 18.45 -6.15
C ARG C 134 12.73 16.95 -6.41
N VAL C 135 13.20 16.18 -5.44
CA VAL C 135 13.23 14.72 -5.53
C VAL C 135 12.50 14.12 -4.33
N ARG C 136 12.41 12.79 -4.29
CA ARG C 136 11.74 12.14 -3.16
C ARG C 136 12.72 11.60 -2.15
N GLY C 137 13.94 11.35 -2.58
CA GLY C 137 14.96 10.86 -1.67
C GLY C 137 16.14 11.80 -1.80
N PHE C 138 16.58 12.39 -0.70
CA PHE C 138 17.69 13.31 -0.75
C PHE C 138 18.50 13.29 0.53
N THR C 139 19.70 13.84 0.48
CA THR C 139 20.58 13.89 1.64
C THR C 139 20.76 15.34 2.06
N GLN C 140 20.39 15.65 3.30
CA GLN C 140 20.55 17.01 3.83
C GLN C 140 21.86 17.13 4.61
N ASP C 141 22.48 18.31 4.52
CA ASP C 141 23.67 18.57 5.34
C ASP C 141 23.01 19.23 6.57
N ASP C 142 22.36 18.36 7.35
CA ASP C 142 21.57 18.74 8.50
C ASP C 142 22.33 18.85 9.80
N ALA C 143 21.72 19.53 10.75
CA ALA C 143 22.25 19.62 12.10
C ALA C 143 21.21 20.22 13.00
N HIS C 144 21.26 19.82 14.26
CA HIS C 144 20.38 20.38 15.26
C HIS C 144 21.26 20.82 16.39
N ILE C 145 21.01 22.04 16.84
CA ILE C 145 21.77 22.62 17.93
C ILE C 145 20.85 22.70 19.13
N PHE C 146 21.29 22.08 20.22
CA PHE C 146 20.54 22.09 21.47
C PHE C 146 21.20 23.17 22.32
N CYS C 147 20.42 24.16 22.73
CA CYS C 147 20.99 25.25 23.50
C CYS C 147 20.00 25.84 24.50
N THR C 148 20.45 26.80 25.28
CA THR C 148 19.59 27.48 26.25
C THR C 148 18.96 28.68 25.55
N GLU C 149 17.93 29.26 26.16
CA GLU C 149 17.28 30.41 25.57
C GLU C 149 18.27 31.57 25.41
N GLU C 150 19.17 31.70 26.38
CA GLU C 150 20.17 32.77 26.33
C GLU C 150 21.13 32.62 25.15
N GLN C 151 21.34 31.39 24.71
CA GLN C 151 22.27 31.11 23.61
C GLN C 151 21.65 31.18 22.20
N ILE C 152 20.34 31.34 22.11
CA ILE C 152 19.68 31.41 20.81
C ILE C 152 20.29 32.47 19.88
N ARG C 153 20.47 33.70 20.36
CA ARG C 153 21.04 34.74 19.51
C ARG C 153 22.38 34.36 18.89
N ASP C 154 23.35 33.95 19.72
CA ASP C 154 24.66 33.60 19.20
C ASP C 154 24.64 32.40 18.27
N GLU C 155 23.83 31.39 18.59
CA GLU C 155 23.77 30.20 17.75
C GLU C 155 23.10 30.47 16.41
N VAL C 156 22.02 31.25 16.40
CA VAL C 156 21.37 31.57 15.13
C VAL C 156 22.36 32.40 14.31
N ASN C 157 23.07 33.34 14.95
CA ASN C 157 24.04 34.14 14.23
C ASN C 157 25.14 33.27 13.63
N GLY C 158 25.58 32.26 14.37
CA GLY C 158 26.61 31.38 13.86
C GLY C 158 26.14 30.65 12.61
N CYS C 159 24.88 30.21 12.61
CA CYS C 159 24.34 29.51 11.45
C CYS C 159 24.29 30.43 10.25
N ILE C 160 23.86 31.66 10.47
CA ILE C 160 23.78 32.63 9.38
C ILE C 160 25.17 32.90 8.81
N ARG C 161 26.15 33.09 9.70
CA ARG C 161 27.52 33.34 9.26
C ARG C 161 28.03 32.17 8.45
N LEU C 162 27.69 30.97 8.88
CA LEU C 162 28.13 29.76 8.21
C LEU C 162 27.57 29.69 6.78
N VAL C 163 26.32 30.09 6.61
CA VAL C 163 25.71 30.05 5.28
C VAL C 163 26.46 30.97 4.32
N TYR C 164 26.66 32.21 4.72
CA TYR C 164 27.37 33.13 3.83
C TYR C 164 28.82 32.73 3.58
N ASP C 165 29.45 32.19 4.61
CA ASP C 165 30.83 31.73 4.51
C ASP C 165 30.94 30.61 3.48
N MET C 166 30.13 29.56 3.66
CA MET C 166 30.15 28.45 2.72
C MET C 166 29.71 28.83 1.32
N TYR C 167 28.70 29.69 1.21
CA TYR C 167 28.24 30.09 -0.12
C TYR C 167 29.28 30.93 -0.87
N SER C 168 30.13 31.64 -0.13
CA SER C 168 31.15 32.48 -0.76
C SER C 168 32.15 31.64 -1.53
N THR C 169 32.34 30.39 -1.12
CA THR C 169 33.26 29.49 -1.81
C THR C 169 32.83 29.29 -3.26
N PHE C 170 31.51 29.31 -3.49
CA PHE C 170 30.95 29.10 -4.83
C PHE C 170 30.70 30.38 -5.60
N GLY C 171 30.97 31.52 -4.95
CA GLY C 171 30.76 32.81 -5.61
C GLY C 171 29.35 33.21 -5.97
N PHE C 172 28.35 32.74 -5.24
CA PHE C 172 26.96 33.10 -5.53
C PHE C 172 26.74 34.60 -5.34
N GLU C 173 26.22 35.25 -6.38
CA GLU C 173 25.94 36.67 -6.31
C GLU C 173 24.49 36.96 -5.95
N LYS C 174 23.62 35.96 -6.06
CA LYS C 174 22.22 36.16 -5.73
C LYS C 174 21.77 35.20 -4.62
N ILE C 175 21.59 35.75 -3.43
CA ILE C 175 21.13 34.99 -2.27
C ILE C 175 19.99 35.81 -1.68
N VAL C 176 18.77 35.28 -1.76
CA VAL C 176 17.59 35.99 -1.27
C VAL C 176 17.05 35.35 -0.01
N VAL C 177 16.84 36.17 1.02
CA VAL C 177 16.38 35.65 2.30
C VAL C 177 14.92 35.93 2.59
N LYS C 178 14.25 34.93 3.16
CA LYS C 178 12.84 35.05 3.51
C LYS C 178 12.63 34.53 4.92
N LEU C 179 11.61 35.03 5.60
CA LEU C 179 11.27 34.57 6.93
C LEU C 179 9.86 34.01 6.86
N SER C 180 9.75 32.69 6.94
CA SER C 180 8.46 32.00 6.84
C SER C 180 7.84 31.82 8.22
N THR C 181 6.63 32.36 8.38
CA THR C 181 5.95 32.32 9.66
C THR C 181 4.92 31.21 9.84
N ARG C 182 4.33 31.17 11.03
CA ARG C 182 3.36 30.14 11.41
C ARG C 182 2.38 29.67 10.35
N PRO C 183 2.37 28.36 10.07
CA PRO C 183 1.46 27.76 9.08
C PRO C 183 0.14 27.42 9.76
N GLU C 184 -0.89 27.11 8.97
CA GLU C 184 -2.19 26.75 9.53
C GLU C 184 -2.11 25.52 10.41
N LYS C 185 -1.45 24.47 9.90
CA LYS C 185 -1.28 23.23 10.65
C LYS C 185 0.01 23.38 11.44
N ARG C 186 -0.10 23.55 12.76
CA ARG C 186 1.07 23.72 13.58
C ARG C 186 0.91 23.27 15.02
N ILE C 187 2.04 23.10 15.70
CA ILE C 187 2.06 22.72 17.11
C ILE C 187 2.66 23.91 17.86
N GLY C 188 2.47 23.94 19.18
CA GLY C 188 2.98 25.04 19.97
C GLY C 188 1.98 26.17 20.09
N SER C 189 2.10 26.96 21.15
CA SER C 189 1.18 28.07 21.39
C SER C 189 1.53 29.31 20.57
N ASP C 190 0.57 30.24 20.46
CA ASP C 190 0.79 31.47 19.72
C ASP C 190 1.90 32.29 20.38
N GLU C 191 1.98 32.21 21.71
CA GLU C 191 2.99 32.94 22.46
C GLU C 191 4.37 32.44 22.06
N MET C 192 4.51 31.11 21.95
CA MET C 192 5.77 30.50 21.55
C MET C 192 6.13 30.97 20.14
N TRP C 193 5.14 30.99 19.25
CA TRP C 193 5.37 31.42 17.88
C TRP C 193 5.75 32.90 17.83
N ASP C 194 5.09 33.73 18.63
CA ASP C 194 5.40 35.16 18.66
C ASP C 194 6.87 35.32 19.00
N ARG C 195 7.30 34.61 20.03
CA ARG C 195 8.68 34.65 20.51
C ARG C 195 9.68 34.18 19.45
N ALA C 196 9.43 32.99 18.91
CA ALA C 196 10.32 32.43 17.90
C ALA C 196 10.44 33.29 16.65
N GLU C 197 9.30 33.77 16.15
CA GLU C 197 9.30 34.60 14.95
C GLU C 197 10.08 35.90 15.20
N ALA C 198 9.90 36.48 16.38
CA ALA C 198 10.61 37.71 16.72
C ALA C 198 12.11 37.45 16.79
N ASP C 199 12.50 36.32 17.38
CA ASP C 199 13.92 35.99 17.49
C ASP C 199 14.61 35.92 16.13
N LEU C 200 13.95 35.30 15.16
CA LEU C 200 14.56 35.18 13.84
C LEU C 200 14.58 36.52 13.10
N ALA C 201 13.52 37.32 13.24
CA ALA C 201 13.45 38.62 12.58
C ALA C 201 14.57 39.52 13.10
N VAL C 202 14.77 39.49 14.41
CA VAL C 202 15.83 40.28 15.05
C VAL C 202 17.19 39.83 14.53
N ALA C 203 17.37 38.51 14.41
CA ALA C 203 18.62 37.98 13.92
C ALA C 203 18.93 38.46 12.50
N LEU C 204 17.91 38.44 11.64
CA LEU C 204 18.09 38.88 10.27
C LEU C 204 18.50 40.36 10.21
N GLU C 205 17.81 41.19 10.99
CA GLU C 205 18.13 42.61 10.99
C GLU C 205 19.49 42.90 11.58
N GLU C 206 19.85 42.15 12.62
CA GLU C 206 21.14 42.32 13.28
C GLU C 206 22.27 42.02 12.29
N ASN C 207 21.97 41.15 11.33
CA ASN C 207 22.94 40.76 10.32
C ASN C 207 22.83 41.58 9.04
N ASN C 208 22.07 42.67 9.09
CA ASN C 208 21.90 43.57 7.94
C ASN C 208 21.31 42.87 6.72
N ILE C 209 20.44 41.90 6.95
CA ILE C 209 19.82 41.16 5.86
C ILE C 209 18.43 41.62 5.49
N PRO C 210 18.24 42.10 4.25
CA PRO C 210 16.88 42.53 3.92
C PRO C 210 16.16 41.21 3.71
N PHE C 211 14.93 41.12 4.17
CA PHE C 211 14.18 39.88 4.01
C PHE C 211 12.72 40.20 3.86
N GLU C 212 11.98 39.27 3.30
CA GLU C 212 10.55 39.47 3.15
C GLU C 212 9.89 38.35 3.94
N TYR C 213 8.74 38.67 4.53
CA TYR C 213 7.98 37.68 5.27
C TYR C 213 7.27 36.80 4.27
N GLN C 214 7.13 35.54 4.63
CA GLN C 214 6.45 34.56 3.79
C GLN C 214 5.40 33.95 4.71
N LEU C 215 4.21 34.53 4.69
CA LEU C 215 3.13 34.09 5.55
C LEU C 215 2.72 32.63 5.40
N GLY C 216 2.54 31.96 6.53
CA GLY C 216 2.12 30.58 6.56
C GLY C 216 3.02 29.51 5.96
N GLU C 217 4.27 29.85 5.69
CA GLU C 217 5.19 28.87 5.10
C GLU C 217 6.19 28.27 6.07
N GLY C 218 6.05 28.57 7.35
CA GLY C 218 6.96 28.02 8.34
C GLY C 218 6.73 26.54 8.52
N ALA C 219 7.62 25.88 9.26
CA ALA C 219 7.49 24.45 9.51
C ALA C 219 6.37 24.28 10.55
N PHE C 220 5.79 23.09 10.65
CA PHE C 220 4.73 22.92 11.63
C PHE C 220 5.25 23.10 13.05
N TYR C 221 6.56 22.92 13.23
CA TYR C 221 7.19 23.06 14.54
C TYR C 221 7.94 24.37 14.80
N GLY C 222 7.96 25.26 13.81
CA GLY C 222 8.66 26.52 14.05
C GLY C 222 8.90 27.37 12.82
N PRO C 223 9.17 28.67 13.02
CA PRO C 223 9.42 29.56 11.89
C PRO C 223 10.78 29.27 11.26
N LYS C 224 10.96 29.66 10.01
CA LYS C 224 12.22 29.39 9.36
C LYS C 224 12.74 30.49 8.47
N ILE C 225 14.05 30.67 8.54
CA ILE C 225 14.75 31.62 7.68
C ILE C 225 15.07 30.76 6.47
N GLU C 226 14.78 31.27 5.28
CA GLU C 226 15.04 30.55 4.05
C GLU C 226 16.08 31.27 3.22
N PHE C 227 17.15 30.58 2.83
CA PHE C 227 18.15 31.18 1.96
C PHE C 227 17.84 30.62 0.59
N THR C 228 17.44 31.51 -0.31
CA THR C 228 17.05 31.09 -1.64
C THR C 228 18.11 31.31 -2.71
N LEU C 229 18.32 30.29 -3.52
CA LEU C 229 19.28 30.35 -4.63
C LEU C 229 18.44 30.19 -5.89
N TYR C 230 18.96 30.65 -7.02
CA TYR C 230 18.21 30.62 -8.26
C TYR C 230 18.84 29.81 -9.37
N ASP C 231 18.00 29.18 -10.20
CA ASP C 231 18.50 28.39 -11.32
C ASP C 231 18.59 29.24 -12.59
N CYS C 232 18.91 28.60 -13.71
CA CYS C 232 19.07 29.31 -14.98
C CYS C 232 17.83 30.08 -15.44
N LEU C 233 16.64 29.64 -15.05
CA LEU C 233 15.41 30.34 -15.44
C LEU C 233 15.01 31.32 -14.35
N ASP C 234 15.91 31.52 -13.40
CA ASP C 234 15.71 32.42 -12.27
C ASP C 234 14.56 31.98 -11.37
N ARG C 235 14.38 30.67 -11.25
CA ARG C 235 13.36 30.11 -10.40
C ARG C 235 13.99 30.00 -9.01
N ALA C 236 13.21 30.29 -7.97
CA ALA C 236 13.68 30.25 -6.61
C ALA C 236 13.65 28.85 -6.00
N TRP C 237 14.73 28.49 -5.31
CA TRP C 237 14.85 27.20 -4.66
C TRP C 237 15.38 27.38 -3.25
N GLN C 238 14.64 26.90 -2.26
CA GLN C 238 15.06 27.00 -0.87
C GLN C 238 16.23 26.05 -0.64
N CYS C 239 17.38 26.60 -0.25
CA CYS C 239 18.56 25.79 0.00
C CYS C 239 18.85 25.86 1.50
N GLY C 240 19.71 26.81 1.93
CA GLY C 240 19.99 26.92 3.34
C GLY C 240 18.73 27.32 4.12
N THR C 241 18.67 26.91 5.39
CA THR C 241 17.52 27.23 6.21
C THR C 241 17.91 27.12 7.69
N VAL C 242 17.31 28.00 8.51
CA VAL C 242 17.55 28.01 9.95
C VAL C 242 16.16 28.07 10.58
N GLN C 243 15.86 27.12 11.47
CA GLN C 243 14.54 27.06 12.10
C GLN C 243 14.65 27.01 13.61
N LEU C 244 13.73 27.70 14.29
CA LEU C 244 13.73 27.79 15.75
C LEU C 244 12.57 26.96 16.30
N ASP C 245 12.93 25.97 17.12
CA ASP C 245 11.99 24.98 17.65
C ASP C 245 11.92 24.91 19.18
N PHE C 246 10.77 25.29 19.74
CA PHE C 246 10.53 25.25 21.18
C PHE C 246 9.53 24.13 21.51
N SER C 247 9.23 23.26 20.56
CA SER C 247 8.25 22.21 20.79
C SER C 247 8.74 20.77 20.77
N LEU C 248 9.55 20.40 19.79
CA LEU C 248 10.01 19.03 19.71
C LEU C 248 10.79 18.51 20.92
N PRO C 249 11.69 19.32 21.51
CA PRO C 249 12.43 18.81 22.66
C PRO C 249 11.50 18.33 23.78
N SER C 250 10.50 19.15 24.12
CA SER C 250 9.57 18.79 25.17
C SER C 250 8.76 17.54 24.81
N ARG C 251 8.28 17.48 23.57
CA ARG C 251 7.49 16.35 23.12
C ARG C 251 8.29 15.05 23.18
N LEU C 252 9.61 15.16 23.04
CA LEU C 252 10.46 13.98 23.07
C LEU C 252 11.22 13.79 24.37
N SER C 253 10.76 14.48 25.41
CA SER C 253 11.35 14.38 26.74
C SER C 253 12.84 14.70 26.85
N ALA C 254 13.29 15.71 26.11
CA ALA C 254 14.68 16.12 26.17
C ALA C 254 14.86 17.11 27.32
N SER C 255 15.97 16.98 28.07
CA SER C 255 16.22 17.90 29.17
C SER C 255 17.69 17.90 29.56
N TYR C 256 18.07 18.87 30.39
CA TYR C 256 19.44 18.97 30.88
C TYR C 256 19.40 19.62 32.27
N VAL C 257 20.44 19.38 33.06
CA VAL C 257 20.53 19.95 34.39
C VAL C 257 21.06 21.37 34.30
N GLY C 258 20.22 22.34 34.67
CA GLY C 258 20.63 23.74 34.61
C GLY C 258 21.64 24.11 35.67
N GLU C 259 22.24 25.29 35.53
CA GLU C 259 23.24 25.74 36.48
C GLU C 259 22.63 25.81 37.88
N ASP C 260 21.34 26.11 37.95
CA ASP C 260 20.62 26.19 39.21
C ASP C 260 20.23 24.79 39.71
N ASN C 261 20.70 23.79 38.99
CA ASN C 261 20.44 22.39 39.32
C ASN C 261 18.98 21.98 39.12
N GLU C 262 18.25 22.75 38.33
CA GLU C 262 16.85 22.46 38.02
C GLU C 262 16.76 21.86 36.63
N ARG C 263 15.84 20.92 36.44
CA ARG C 263 15.65 20.27 35.15
C ARG C 263 15.10 21.28 34.14
N LYS C 264 15.79 21.40 33.01
CA LYS C 264 15.40 22.34 31.95
C LYS C 264 15.23 21.62 30.62
N VAL C 265 14.43 22.21 29.74
CA VAL C 265 14.22 21.67 28.39
C VAL C 265 15.01 22.55 27.43
N PRO C 266 15.87 21.93 26.61
CA PRO C 266 16.65 22.73 25.67
C PRO C 266 15.87 23.24 24.48
N VAL C 267 16.38 24.32 23.90
CA VAL C 267 15.79 24.90 22.71
C VAL C 267 16.49 24.15 21.58
N MET C 268 15.85 23.99 20.45
CA MET C 268 16.50 23.31 19.33
C MET C 268 16.47 24.20 18.09
N ILE C 269 17.64 24.36 17.48
CA ILE C 269 17.75 25.10 16.24
C ILE C 269 18.03 24.08 15.17
N HIS C 270 17.22 24.09 14.11
CA HIS C 270 17.38 23.18 12.97
C HIS C 270 18.09 23.97 11.88
N ARG C 271 19.07 23.38 11.20
CA ARG C 271 19.65 24.13 10.09
C ARG C 271 20.34 23.23 9.07
N ALA C 272 20.27 23.64 7.82
CA ALA C 272 20.94 22.97 6.72
C ALA C 272 21.63 24.11 5.99
N ILE C 273 22.90 23.95 5.61
CA ILE C 273 23.60 25.04 4.94
C ILE C 273 23.41 24.95 3.44
N LEU C 274 23.80 23.82 2.85
CA LEU C 274 23.61 23.62 1.42
C LEU C 274 22.14 23.32 1.13
N GLY C 275 21.45 22.70 2.10
CA GLY C 275 20.04 22.34 1.95
C GLY C 275 20.03 20.82 1.78
N SER C 276 20.07 20.38 0.53
CA SER C 276 20.20 18.95 0.24
C SER C 276 21.31 18.89 -0.81
N MET C 277 22.06 17.79 -0.82
CA MET C 277 23.14 17.66 -1.79
C MET C 277 22.58 17.66 -3.21
N GLU C 278 21.43 17.02 -3.38
CA GLU C 278 20.78 16.94 -4.68
C GLU C 278 20.45 18.33 -5.21
N ARG C 279 19.71 19.10 -4.43
CA ARG C 279 19.32 20.43 -4.86
C ARG C 279 20.52 21.36 -5.05
N PHE C 280 21.49 21.27 -4.15
CA PHE C 280 22.67 22.14 -4.26
C PHE C 280 23.49 21.79 -5.50
N ILE C 281 23.64 20.51 -5.79
CA ILE C 281 24.38 20.12 -6.99
C ILE C 281 23.62 20.58 -8.24
N GLY C 282 22.28 20.56 -8.19
CA GLY C 282 21.52 21.04 -9.33
C GLY C 282 21.81 22.53 -9.53
N ILE C 283 21.84 23.28 -8.44
CA ILE C 283 22.13 24.71 -8.49
C ILE C 283 23.54 24.97 -9.02
N LEU C 284 24.51 24.21 -8.51
CA LEU C 284 25.90 24.40 -8.96
C LEU C 284 26.08 24.08 -10.42
N THR C 285 25.44 23.00 -10.85
CA THR C 285 25.57 22.55 -12.23
C THR C 285 25.11 23.65 -13.18
N GLU C 286 24.01 24.31 -12.84
CA GLU C 286 23.52 25.38 -13.70
C GLU C 286 24.36 26.65 -13.55
N GLU C 287 24.79 26.95 -12.33
CA GLU C 287 25.61 28.14 -12.10
C GLU C 287 26.91 28.09 -12.91
N PHE C 288 27.56 26.93 -12.90
CA PHE C 288 28.83 26.76 -13.62
C PHE C 288 28.67 26.21 -15.03
N ALA C 289 27.44 25.91 -15.41
CA ALA C 289 27.16 25.34 -16.73
C ALA C 289 28.03 24.11 -16.95
N GLY C 290 28.25 23.34 -15.89
CA GLY C 290 29.07 22.13 -16.02
C GLY C 290 30.56 22.32 -15.84
N PHE C 291 31.03 23.56 -15.85
CA PHE C 291 32.45 23.83 -15.64
C PHE C 291 32.73 23.90 -14.14
N PHE C 292 32.68 22.75 -13.49
CA PHE C 292 32.91 22.70 -12.05
C PHE C 292 34.32 23.13 -11.67
N PRO C 293 34.46 23.91 -10.59
CA PRO C 293 35.78 24.34 -10.15
C PRO C 293 36.62 23.06 -10.00
N THR C 294 37.91 23.16 -10.25
CA THR C 294 38.79 22.00 -10.18
C THR C 294 38.61 21.12 -8.95
N TRP C 295 38.46 21.71 -7.77
CA TRP C 295 38.31 20.90 -6.56
C TRP C 295 37.07 20.01 -6.58
N LEU C 296 36.07 20.40 -7.37
CA LEU C 296 34.82 19.65 -7.50
C LEU C 296 34.73 18.80 -8.76
N ALA C 297 35.59 19.07 -9.73
CA ALA C 297 35.54 18.34 -11.01
C ALA C 297 35.66 16.83 -10.88
N PRO C 298 34.71 16.08 -11.45
CA PRO C 298 34.77 14.62 -11.37
C PRO C 298 36.16 14.08 -11.76
N VAL C 299 36.66 14.56 -12.90
CA VAL C 299 37.98 14.19 -13.40
C VAL C 299 38.70 15.53 -13.57
N GLN C 300 39.80 15.71 -12.85
CA GLN C 300 40.55 16.96 -12.87
C GLN C 300 41.57 17.07 -14.00
N VAL C 301 42.15 15.93 -14.38
CA VAL C 301 43.17 15.89 -15.43
C VAL C 301 43.07 14.65 -16.31
N VAL C 302 43.25 14.82 -17.61
CA VAL C 302 43.27 13.69 -18.51
C VAL C 302 44.61 13.82 -19.24
N ILE C 303 45.36 12.72 -19.28
CA ILE C 303 46.65 12.69 -19.95
C ILE C 303 46.47 11.84 -21.19
N MET C 304 46.84 12.40 -22.34
CA MET C 304 46.69 11.72 -23.62
C MET C 304 48.01 11.45 -24.32
N ASN C 305 48.05 10.34 -25.06
CA ASN C 305 49.23 9.99 -25.83
C ASN C 305 48.86 10.25 -27.28
N ILE C 306 49.85 10.28 -28.16
CA ILE C 306 49.59 10.51 -29.58
C ILE C 306 49.57 9.16 -30.26
N THR C 307 50.52 8.31 -29.89
CA THR C 307 50.62 6.97 -30.42
C THR C 307 50.96 6.03 -29.27
N ASP C 308 50.90 4.73 -29.55
CA ASP C 308 51.20 3.73 -28.54
C ASP C 308 52.63 3.89 -28.04
N SER C 309 53.38 4.78 -28.69
CA SER C 309 54.76 5.05 -28.34
C SER C 309 54.93 5.77 -27.00
N GLN C 310 53.96 6.61 -26.64
CA GLN C 310 54.04 7.36 -25.39
C GLN C 310 53.18 6.74 -24.28
N SER C 311 52.59 5.58 -24.54
CA SER C 311 51.73 4.92 -23.57
C SER C 311 52.42 4.70 -22.23
N GLU C 312 53.66 4.21 -22.26
CA GLU C 312 54.39 3.96 -21.02
C GLU C 312 54.59 5.25 -20.24
N TYR C 313 54.96 6.32 -20.94
CA TYR C 313 55.19 7.61 -20.31
C TYR C 313 53.90 8.16 -19.69
N VAL C 314 52.81 8.09 -20.45
CA VAL C 314 51.51 8.57 -19.97
C VAL C 314 51.09 7.81 -18.72
N ASN C 315 51.27 6.50 -18.73
CA ASN C 315 50.93 5.66 -17.59
C ASN C 315 51.74 6.07 -16.36
N GLU C 316 53.03 6.30 -16.55
CA GLU C 316 53.89 6.71 -15.45
C GLU C 316 53.36 8.01 -14.84
N LEU C 317 53.07 8.98 -15.69
CA LEU C 317 52.57 10.28 -15.23
C LEU C 317 51.21 10.17 -14.55
N THR C 318 50.35 9.32 -15.10
CA THR C 318 49.02 9.12 -14.53
C THR C 318 49.16 8.59 -13.10
N GLN C 319 50.02 7.61 -12.91
CA GLN C 319 50.22 7.06 -11.57
C GLN C 319 50.82 8.12 -10.64
N LYS C 320 51.71 8.94 -11.18
CA LYS C 320 52.33 9.99 -10.37
C LYS C 320 51.31 11.03 -9.90
N LEU C 321 50.48 11.52 -10.81
CA LEU C 321 49.49 12.50 -10.42
C LEU C 321 48.47 11.88 -9.47
N SER C 322 48.15 10.61 -9.72
CA SER C 322 47.19 9.90 -8.86
C SER C 322 47.74 9.79 -7.44
N ASN C 323 49.02 9.42 -7.32
CA ASN C 323 49.64 9.31 -6.01
C ASN C 323 49.72 10.67 -5.33
N ALA C 324 49.64 11.73 -6.12
CA ALA C 324 49.70 13.09 -5.59
C ALA C 324 48.31 13.57 -5.17
N GLY C 325 47.33 12.67 -5.30
CA GLY C 325 45.97 13.02 -4.91
C GLY C 325 45.09 13.69 -5.95
N ILE C 326 45.55 13.75 -7.19
CA ILE C 326 44.77 14.36 -8.25
C ILE C 326 43.91 13.31 -8.96
N ARG C 327 42.68 13.68 -9.29
CA ARG C 327 41.79 12.76 -9.99
C ARG C 327 42.19 12.84 -11.45
N VAL C 328 42.93 11.83 -11.88
CA VAL C 328 43.46 11.79 -13.24
C VAL C 328 43.16 10.49 -13.97
N LYS C 329 43.02 10.59 -15.29
CA LYS C 329 42.74 9.45 -16.12
C LYS C 329 43.62 9.51 -17.37
N ALA C 330 44.01 8.35 -17.87
CA ALA C 330 44.83 8.26 -19.06
C ALA C 330 43.95 7.92 -20.25
N ASP C 331 44.18 8.59 -21.37
CA ASP C 331 43.43 8.32 -22.59
C ASP C 331 44.46 7.83 -23.61
N LEU C 332 44.63 6.51 -23.67
CA LEU C 332 45.59 5.89 -24.57
C LEU C 332 44.93 5.32 -25.81
N ARG C 333 43.68 5.71 -26.06
CA ARG C 333 42.95 5.22 -27.22
C ARG C 333 43.62 5.57 -28.55
N ASN C 334 43.27 4.81 -29.57
CA ASN C 334 43.81 5.04 -30.91
C ASN C 334 42.87 5.96 -31.66
N GLU C 335 42.87 7.23 -31.23
CA GLU C 335 42.04 8.27 -31.83
C GLU C 335 42.93 9.48 -32.04
N LYS C 336 42.58 10.32 -33.00
CA LYS C 336 43.37 11.53 -33.25
C LYS C 336 43.33 12.41 -32.03
N ILE C 337 44.43 13.12 -31.76
CA ILE C 337 44.51 13.99 -30.60
C ILE C 337 43.40 15.06 -30.59
N GLY C 338 43.04 15.58 -31.77
CA GLY C 338 42.00 16.58 -31.84
C GLY C 338 40.65 16.01 -31.40
N PHE C 339 40.49 14.72 -31.63
CA PHE C 339 39.27 13.99 -31.27
C PHE C 339 39.23 13.84 -29.74
N LYS C 340 40.37 13.46 -29.16
CA LYS C 340 40.47 13.29 -27.72
C LYS C 340 40.24 14.61 -27.00
N ILE C 341 40.90 15.67 -27.47
CA ILE C 341 40.76 16.97 -26.84
C ILE C 341 39.33 17.45 -26.87
N ARG C 342 38.62 17.20 -27.96
CA ARG C 342 37.23 17.65 -28.05
C ARG C 342 36.36 16.89 -27.04
N GLU C 343 36.59 15.59 -26.93
CA GLU C 343 35.81 14.76 -26.00
C GLU C 343 35.96 15.23 -24.56
N HIS C 344 37.20 15.44 -24.13
CA HIS C 344 37.43 15.88 -22.76
C HIS C 344 37.06 17.33 -22.51
N THR C 345 37.02 18.13 -23.57
CA THR C 345 36.61 19.52 -23.45
C THR C 345 35.11 19.54 -23.20
N LEU C 346 34.39 18.71 -23.94
CA LEU C 346 32.94 18.62 -23.81
C LEU C 346 32.59 18.05 -22.44
N ARG C 347 33.49 17.26 -21.88
CA ARG C 347 33.31 16.63 -20.58
C ARG C 347 33.69 17.62 -19.46
N ARG C 348 34.21 18.77 -19.86
CA ARG C 348 34.61 19.84 -18.93
C ARG C 348 35.76 19.45 -18.00
N VAL C 349 36.69 18.65 -18.51
CA VAL C 349 37.86 18.27 -17.71
C VAL C 349 38.74 19.52 -17.63
N PRO C 350 39.04 19.99 -16.40
CA PRO C 350 39.86 21.19 -16.24
C PRO C 350 41.17 21.25 -17.04
N TYR C 351 41.99 20.21 -16.90
CA TYR C 351 43.29 20.17 -17.56
C TYR C 351 43.54 18.94 -18.43
N MET C 352 44.09 19.19 -19.61
CA MET C 352 44.41 18.12 -20.54
C MET C 352 45.91 18.16 -20.79
N LEU C 353 46.58 17.05 -20.56
CA LEU C 353 48.02 16.96 -20.76
C LEU C 353 48.27 16.09 -21.99
N VAL C 354 48.98 16.64 -22.97
CA VAL C 354 49.28 15.90 -24.18
C VAL C 354 50.73 15.46 -24.17
N CYS C 355 50.96 14.18 -24.49
CA CYS C 355 52.30 13.62 -24.51
C CYS C 355 52.70 13.00 -25.85
N GLY C 356 53.62 13.67 -26.54
CA GLY C 356 54.12 13.17 -27.81
C GLY C 356 55.56 12.75 -27.58
N ASP C 357 56.23 12.19 -28.59
CA ASP C 357 57.61 11.78 -28.41
C ASP C 357 58.44 12.93 -27.82
N LYS C 358 58.03 14.15 -28.18
CA LYS C 358 58.68 15.36 -27.71
C LYS C 358 58.66 15.46 -26.19
N GLU C 359 57.47 15.43 -25.61
CA GLU C 359 57.31 15.51 -24.16
C GLU C 359 58.02 14.34 -23.48
N VAL C 360 57.92 13.16 -24.07
CA VAL C 360 58.54 11.96 -23.52
C VAL C 360 60.06 12.14 -23.40
N GLU C 361 60.65 12.83 -24.38
CA GLU C 361 62.10 13.04 -24.38
C GLU C 361 62.49 14.39 -23.77
N SER C 362 61.86 14.73 -22.65
CA SER C 362 62.16 15.99 -21.96
C SER C 362 61.59 15.95 -20.56
N GLY C 363 60.73 14.95 -20.31
CA GLY C 363 60.11 14.81 -19.01
C GLY C 363 59.08 15.90 -18.74
N LYS C 364 58.60 16.52 -19.82
CA LYS C 364 57.61 17.59 -19.71
C LYS C 364 56.25 17.13 -20.23
N VAL C 365 55.29 18.04 -20.22
CA VAL C 365 53.94 17.76 -20.72
C VAL C 365 53.34 19.04 -21.30
N ALA C 366 52.59 18.87 -22.40
CA ALA C 366 51.93 20.00 -23.05
C ALA C 366 50.60 20.14 -22.34
N VAL C 367 50.29 21.35 -21.86
CA VAL C 367 49.06 21.58 -21.11
C VAL C 367 48.04 22.49 -21.81
N ARG C 368 46.78 22.06 -21.77
CA ARG C 368 45.67 22.79 -22.38
C ARG C 368 44.51 22.80 -21.37
N THR C 369 43.64 23.80 -21.41
CA THR C 369 42.51 23.83 -20.48
C THR C 369 41.19 23.63 -21.24
N ARG C 370 40.15 23.28 -20.51
CA ARG C 370 38.83 23.06 -21.09
C ARG C 370 38.25 24.34 -21.68
N ARG C 371 38.89 25.48 -21.41
CA ARG C 371 38.42 26.75 -21.93
C ARG C 371 39.12 27.05 -23.25
N GLY C 372 39.97 26.12 -23.69
CA GLY C 372 40.68 26.26 -24.94
C GLY C 372 42.03 26.95 -24.86
N LYS C 373 42.45 27.29 -23.65
CA LYS C 373 43.72 27.98 -23.45
C LYS C 373 44.92 27.04 -23.49
N ASP C 374 45.92 27.42 -24.27
CA ASP C 374 47.16 26.64 -24.42
C ASP C 374 48.17 27.18 -23.41
N LEU C 375 48.49 26.39 -22.39
CA LEU C 375 49.44 26.80 -21.37
C LEU C 375 50.87 26.39 -21.70
N GLY C 376 51.04 25.75 -22.85
CA GLY C 376 52.36 25.32 -23.29
C GLY C 376 53.00 24.18 -22.54
N SER C 377 54.30 24.02 -22.74
CA SER C 377 55.09 22.97 -22.11
C SER C 377 55.36 23.32 -20.65
N MET C 378 55.04 22.40 -19.75
CA MET C 378 55.25 22.62 -18.32
C MET C 378 55.95 21.45 -17.66
N ASP C 379 56.57 21.71 -16.51
CA ASP C 379 57.25 20.66 -15.76
C ASP C 379 56.19 19.89 -14.99
N VAL C 380 56.32 18.56 -14.96
CA VAL C 380 55.37 17.71 -14.28
C VAL C 380 55.17 18.09 -12.82
N ASN C 381 56.27 18.27 -12.07
CA ASN C 381 56.12 18.63 -10.67
C ASN C 381 55.49 20.00 -10.48
N GLU C 382 55.67 20.88 -11.47
CA GLU C 382 55.09 22.21 -11.39
C GLU C 382 53.58 22.13 -11.55
N VAL C 383 53.13 21.33 -12.51
CA VAL C 383 51.70 21.19 -12.72
C VAL C 383 51.05 20.55 -11.50
N ILE C 384 51.75 19.58 -10.91
CA ILE C 384 51.22 18.91 -9.71
C ILE C 384 51.06 19.93 -8.59
N GLU C 385 52.11 20.70 -8.36
CA GLU C 385 52.08 21.71 -7.31
C GLU C 385 51.00 22.76 -7.54
N LYS C 386 50.87 23.22 -8.77
CA LYS C 386 49.86 24.23 -9.08
C LYS C 386 48.45 23.66 -8.93
N LEU C 387 48.25 22.41 -9.32
CA LEU C 387 46.93 21.80 -9.20
C LEU C 387 46.59 21.56 -7.73
N GLN C 388 47.57 21.14 -6.94
CA GLN C 388 47.31 20.89 -5.52
C GLN C 388 46.90 22.17 -4.80
N GLN C 389 47.49 23.29 -5.21
CA GLN C 389 47.17 24.58 -4.60
C GLN C 389 45.75 25.00 -5.01
N GLU C 390 45.41 24.76 -6.26
CA GLU C 390 44.08 25.11 -6.78
C GLU C 390 43.02 24.26 -6.08
N ILE C 391 43.36 23.01 -5.82
CA ILE C 391 42.46 22.09 -5.14
C ILE C 391 42.32 22.42 -3.66
N ARG C 392 43.46 22.55 -2.98
CA ARG C 392 43.46 22.84 -1.55
C ARG C 392 42.77 24.15 -1.21
N SER C 393 42.92 25.16 -2.08
CA SER C 393 42.30 26.45 -1.84
C SER C 393 40.87 26.49 -2.37
N ARG C 394 40.43 25.40 -2.99
CA ARG C 394 39.09 25.33 -3.58
C ARG C 394 38.82 26.58 -4.40
N SER C 395 39.80 26.91 -5.25
CA SER C 395 39.72 28.08 -6.12
C SER C 395 38.70 27.97 -7.23
N LEU C 396 38.07 29.09 -7.55
CA LEU C 396 37.06 29.15 -8.60
C LEU C 396 37.67 29.21 -10.00
N LYS C 397 38.88 29.74 -10.11
CA LYS C 397 39.53 29.86 -11.42
C LYS C 397 40.76 28.96 -11.60
N GLN C 398 41.05 28.67 -12.87
CA GLN C 398 42.18 27.82 -13.25
C GLN C 398 43.41 28.67 -13.54
N LEU C 399 44.54 28.00 -13.75
CA LEU C 399 45.81 28.67 -14.04
C LEU C 399 45.62 29.64 -15.21
N GLU C 400 46.15 30.85 -15.07
CA GLU C 400 46.02 31.84 -16.13
C GLU C 400 44.70 32.57 -16.08
N GLU C 401 43.89 32.26 -15.07
CA GLU C 401 42.58 32.89 -14.89
C GLU C 401 42.54 33.69 -13.59
N ARG D 1 34.02 -8.62 26.96
CA ARG D 1 34.51 -8.50 25.59
C ARG D 1 33.35 -8.41 24.60
N ASP D 2 32.12 -8.35 25.13
CA ASP D 2 30.92 -8.23 24.30
C ASP D 2 30.88 -6.84 23.66
N HIS D 3 30.68 -6.78 22.34
CA HIS D 3 30.67 -5.49 21.67
C HIS D 3 29.57 -4.56 22.14
N ARG D 4 28.47 -5.13 22.63
CA ARG D 4 27.35 -4.30 23.11
C ARG D 4 27.75 -3.55 24.39
N LYS D 5 28.46 -4.24 25.28
CA LYS D 5 28.90 -3.64 26.54
C LYS D 5 30.01 -2.63 26.26
N ILE D 6 30.92 -2.98 25.37
CA ILE D 6 32.02 -2.09 25.02
C ILE D 6 31.45 -0.86 24.31
N GLY D 7 30.44 -1.10 23.47
CA GLY D 7 29.83 0.01 22.75
C GLY D 7 29.25 1.03 23.71
N LYS D 8 28.70 0.55 24.82
CA LYS D 8 28.14 1.45 25.81
C LYS D 8 29.23 2.19 26.57
N GLN D 9 30.27 1.46 26.96
CA GLN D 9 31.39 2.04 27.70
C GLN D 9 32.08 3.15 26.92
N LEU D 10 32.15 3.00 25.60
CA LEU D 10 32.80 3.97 24.75
C LEU D 10 31.83 4.94 24.06
N ASP D 11 30.54 4.84 24.37
CA ASP D 11 29.52 5.72 23.78
C ASP D 11 29.58 5.69 22.25
N LEU D 12 29.64 4.49 21.68
CA LEU D 12 29.72 4.37 20.23
C LEU D 12 28.38 4.42 19.50
N TYR D 13 27.37 3.81 20.10
CA TYR D 13 26.04 3.75 19.49
C TYR D 13 25.05 3.27 20.53
N HIS D 14 23.78 3.24 20.13
CA HIS D 14 22.73 2.67 20.98
C HIS D 14 21.59 2.21 20.09
N MET D 15 20.73 1.37 20.66
CA MET D 15 19.56 0.89 19.94
C MET D 15 18.35 1.03 20.85
N GLN D 16 17.17 1.17 20.25
CA GLN D 16 15.91 1.35 20.99
C GLN D 16 14.79 0.52 20.38
N GLU D 17 13.75 0.29 21.18
CA GLU D 17 12.59 -0.47 20.72
C GLU D 17 11.83 0.21 19.59
N GLU D 18 11.92 1.54 19.50
CA GLU D 18 11.21 2.23 18.42
C GLU D 18 11.83 2.02 17.05
N ALA D 19 12.99 1.38 17.00
CA ALA D 19 13.64 1.09 15.71
C ALA D 19 14.39 -0.23 15.82
N PRO D 20 13.65 -1.35 15.94
CA PRO D 20 14.30 -2.67 16.05
C PRO D 20 15.36 -2.91 14.99
N GLY D 21 16.56 -3.30 15.44
CA GLY D 21 17.62 -3.59 14.50
C GLY D 21 18.18 -2.43 13.70
N MET D 22 17.94 -1.20 14.14
CA MET D 22 18.49 -0.06 13.43
C MET D 22 19.32 0.78 14.38
N VAL D 23 20.58 0.96 14.02
CA VAL D 23 21.56 1.63 14.85
C VAL D 23 21.55 3.14 14.87
N PHE D 24 21.69 3.68 16.07
CA PHE D 24 21.81 5.12 16.24
C PHE D 24 23.33 5.27 16.46
N TRP D 25 24.04 5.70 15.43
CA TRP D 25 25.48 5.87 15.57
C TRP D 25 25.82 7.19 16.24
N HIS D 26 26.45 7.11 17.41
CA HIS D 26 26.85 8.31 18.11
C HIS D 26 28.12 8.83 17.44
N ASN D 27 28.55 10.04 17.81
CA ASN D 27 29.74 10.62 17.21
C ASN D 27 30.95 9.68 17.19
N ASP D 28 31.25 9.05 18.32
CA ASP D 28 32.43 8.20 18.36
C ASP D 28 32.33 6.91 17.53
N GLY D 29 31.14 6.30 17.49
CA GLY D 29 30.97 5.12 16.68
C GLY D 29 30.98 5.49 15.21
N TRP D 30 30.35 6.61 14.88
CA TRP D 30 30.31 7.08 13.49
C TRP D 30 31.72 7.40 13.00
N THR D 31 32.59 7.84 13.90
CA THR D 31 33.98 8.12 13.53
C THR D 31 34.67 6.84 13.05
N ILE D 32 34.43 5.73 13.77
CA ILE D 32 35.01 4.44 13.39
C ILE D 32 34.49 4.04 12.02
N PHE D 33 33.18 4.18 11.86
CA PHE D 33 32.49 3.85 10.62
C PHE D 33 33.12 4.64 9.47
N ARG D 34 33.29 5.94 9.65
CA ARG D 34 33.87 6.77 8.61
C ARG D 34 35.32 6.43 8.29
N GLU D 35 36.10 6.06 9.29
CA GLU D 35 37.49 5.70 9.03
C GLU D 35 37.56 4.39 8.26
N LEU D 36 36.60 3.50 8.48
CA LEU D 36 36.58 2.25 7.74
C LEU D 36 36.24 2.54 6.28
N GLU D 37 35.38 3.52 6.04
CA GLU D 37 35.03 3.89 4.66
C GLU D 37 36.25 4.45 3.95
N VAL D 38 37.01 5.29 4.64
CA VAL D 38 38.22 5.87 4.07
C VAL D 38 39.20 4.75 3.71
N PHE D 39 39.31 3.78 4.60
CA PHE D 39 40.19 2.64 4.37
C PHE D 39 39.73 1.85 3.15
N VAL D 40 38.45 1.52 3.10
CA VAL D 40 37.94 0.78 1.96
C VAL D 40 38.18 1.56 0.66
N ARG D 41 37.89 2.85 0.67
CA ARG D 41 38.10 3.67 -0.51
C ARG D 41 39.56 3.63 -0.97
N SER D 42 40.50 3.64 -0.03
CA SER D 42 41.90 3.61 -0.42
C SER D 42 42.20 2.32 -1.19
N LYS D 43 41.56 1.23 -0.78
CA LYS D 43 41.75 -0.05 -1.46
C LYS D 43 40.96 -0.07 -2.78
N LEU D 44 39.79 0.57 -2.81
CA LEU D 44 38.98 0.62 -4.04
C LEU D 44 39.80 1.30 -5.13
N LYS D 45 40.45 2.41 -4.77
CA LYS D 45 41.26 3.17 -5.71
C LYS D 45 42.36 2.31 -6.30
N GLU D 46 43.07 1.62 -5.41
CA GLU D 46 44.16 0.75 -5.78
C GLU D 46 43.68 -0.34 -6.72
N TYR D 47 42.58 -0.99 -6.35
CA TYR D 47 42.02 -2.09 -7.15
C TYR D 47 41.13 -1.68 -8.33
N GLN D 48 41.12 -0.39 -8.65
CA GLN D 48 40.36 0.14 -9.79
C GLN D 48 38.84 -0.04 -9.78
N TYR D 49 38.15 0.67 -8.89
CA TYR D 49 36.70 0.60 -8.79
C TYR D 49 36.06 1.98 -8.90
N GLN D 50 34.88 2.04 -9.50
CA GLN D 50 34.11 3.28 -9.56
C GLN D 50 33.33 3.22 -8.25
N GLU D 51 32.76 4.34 -7.81
CA GLU D 51 31.92 4.34 -6.62
C GLU D 51 30.66 5.12 -6.97
N VAL D 52 29.50 4.50 -6.73
CA VAL D 52 28.22 5.10 -7.06
C VAL D 52 27.29 5.09 -5.84
N LYS D 53 26.06 5.57 -6.02
CA LYS D 53 25.06 5.54 -4.96
C LYS D 53 23.72 5.32 -5.65
N GLY D 54 23.05 4.23 -5.31
CA GLY D 54 21.76 3.93 -5.91
C GLY D 54 20.62 4.37 -5.01
N PRO D 55 19.39 4.46 -5.54
CA PRO D 55 18.24 4.87 -4.74
C PRO D 55 17.85 3.85 -3.67
N PHE D 56 17.20 4.34 -2.61
CA PHE D 56 16.78 3.47 -1.51
C PHE D 56 15.57 2.65 -1.89
N MET D 57 14.84 3.12 -2.88
CA MET D 57 13.60 2.49 -3.29
C MET D 57 13.48 2.31 -4.78
N MET D 58 12.80 1.26 -5.20
CA MET D 58 12.54 1.04 -6.62
C MET D 58 11.23 0.29 -6.73
N ASP D 59 10.54 0.49 -7.86
CA ASP D 59 9.25 -0.15 -8.11
C ASP D 59 9.33 -1.65 -7.90
N ARG D 60 8.31 -2.22 -7.28
CA ARG D 60 8.34 -3.64 -7.01
C ARG D 60 8.40 -4.46 -8.29
N VAL D 61 7.94 -3.90 -9.40
CA VAL D 61 7.99 -4.62 -10.66
C VAL D 61 9.43 -4.99 -11.01
N LEU D 62 10.37 -4.12 -10.67
CA LEU D 62 11.77 -4.40 -10.94
C LEU D 62 12.24 -5.57 -10.07
N TRP D 63 11.78 -5.60 -8.83
CA TRP D 63 12.17 -6.67 -7.91
C TRP D 63 11.50 -7.98 -8.29
N GLU D 64 10.45 -7.91 -9.11
CA GLU D 64 9.80 -9.13 -9.58
C GLU D 64 10.68 -9.69 -10.70
N LYS D 65 11.15 -8.79 -11.57
CA LYS D 65 12.01 -9.20 -12.70
C LYS D 65 13.30 -9.86 -12.26
N THR D 66 13.89 -9.38 -11.16
CA THR D 66 15.15 -9.93 -10.68
C THR D 66 14.98 -11.27 -9.98
N GLY D 67 13.76 -11.57 -9.55
CA GLY D 67 13.51 -12.81 -8.85
C GLY D 67 13.43 -12.59 -7.35
N HIS D 68 13.68 -11.37 -6.89
CA HIS D 68 13.62 -11.11 -5.45
C HIS D 68 12.21 -11.26 -4.89
N TRP D 69 11.21 -10.88 -5.67
CA TRP D 69 9.83 -10.98 -5.18
C TRP D 69 9.43 -12.42 -4.92
N ASP D 70 9.90 -13.35 -5.75
CA ASP D 70 9.56 -14.76 -5.58
C ASP D 70 10.50 -15.52 -4.64
N ASN D 71 11.75 -15.07 -4.55
CA ASN D 71 12.76 -15.75 -3.73
C ASN D 71 13.27 -15.00 -2.51
N TYR D 72 12.84 -13.76 -2.34
CA TYR D 72 13.33 -12.96 -1.21
C TYR D 72 12.21 -12.09 -0.64
N LYS D 73 10.97 -12.51 -0.86
CA LYS D 73 9.80 -11.76 -0.42
C LYS D 73 9.76 -11.36 1.06
N ASP D 74 9.92 -12.33 1.95
CA ASP D 74 9.84 -12.03 3.38
C ASP D 74 10.89 -11.06 3.92
N ALA D 75 11.99 -10.91 3.21
CA ALA D 75 13.04 -10.01 3.66
C ALA D 75 12.85 -8.56 3.26
N MET D 76 11.98 -8.31 2.30
CA MET D 76 11.80 -6.94 1.82
C MET D 76 10.69 -6.10 2.43
N PHE D 77 11.03 -4.86 2.78
CA PHE D 77 10.07 -3.90 3.30
C PHE D 77 9.45 -3.28 2.07
N THR D 78 8.14 -3.06 2.11
CA THR D 78 7.46 -2.44 0.97
C THR D 78 6.76 -1.17 1.41
N THR D 79 6.50 -0.30 0.45
CA THR D 79 5.80 0.94 0.72
C THR D 79 5.15 1.32 -0.59
N SER D 80 4.29 2.32 -0.59
CA SER D 80 3.63 2.70 -1.82
C SER D 80 3.47 4.20 -1.96
N SER D 81 3.21 4.62 -3.19
CA SER D 81 2.99 6.02 -3.52
C SER D 81 2.23 6.11 -4.83
N GLU D 82 1.17 6.89 -4.82
CA GLU D 82 0.36 7.12 -6.01
C GLU D 82 0.01 5.85 -6.79
N ASN D 83 -0.58 4.90 -6.08
CA ASN D 83 -1.03 3.63 -6.65
C ASN D 83 0.07 2.68 -7.09
N ARG D 84 1.31 2.97 -6.72
CA ARG D 84 2.43 2.11 -7.10
C ARG D 84 3.14 1.57 -5.87
N GLU D 85 3.57 0.31 -5.92
CA GLU D 85 4.28 -0.35 -4.82
C GLU D 85 5.78 -0.29 -5.06
N TYR D 86 6.51 -0.06 -3.97
CA TYR D 86 7.97 -0.03 -4.01
C TYR D 86 8.56 -0.94 -2.94
N CYS D 87 9.79 -1.39 -3.18
CA CYS D 87 10.49 -2.20 -2.21
C CYS D 87 11.69 -1.40 -1.79
N ILE D 88 11.92 -1.28 -0.48
CA ILE D 88 13.11 -0.61 0.03
C ILE D 88 14.21 -1.61 -0.32
N LYS D 89 15.34 -1.15 -0.85
CA LYS D 89 16.33 -2.15 -1.28
C LYS D 89 16.97 -3.03 -0.23
N PRO D 90 16.96 -4.35 -0.47
CA PRO D 90 17.59 -5.29 0.47
C PRO D 90 19.01 -5.57 -0.03
N MET D 91 19.26 -5.17 -1.28
CA MET D 91 20.55 -5.37 -1.97
C MET D 91 20.78 -4.23 -2.95
N ASN D 92 22.05 -4.02 -3.32
CA ASN D 92 22.41 -2.93 -4.23
C ASN D 92 22.58 -3.29 -5.69
N CYS D 93 22.63 -4.60 -5.96
CA CYS D 93 22.85 -5.08 -7.32
C CYS D 93 21.91 -4.59 -8.40
N PRO D 94 20.59 -4.64 -8.18
CA PRO D 94 19.71 -4.15 -9.25
C PRO D 94 19.97 -2.69 -9.63
N GLY D 95 20.26 -1.87 -8.63
CA GLY D 95 20.56 -0.47 -8.88
C GLY D 95 21.81 -0.31 -9.71
N HIS D 96 22.81 -1.14 -9.43
CA HIS D 96 24.05 -1.08 -10.17
C HIS D 96 23.83 -1.45 -11.63
N VAL D 97 22.96 -2.43 -11.87
CA VAL D 97 22.68 -2.82 -13.24
C VAL D 97 21.96 -1.68 -13.94
N GLN D 98 21.08 -0.98 -13.24
CA GLN D 98 20.39 0.16 -13.85
C GLN D 98 21.40 1.21 -14.29
N ILE D 99 22.45 1.40 -13.50
CA ILE D 99 23.47 2.38 -13.85
C ILE D 99 24.27 1.85 -15.05
N PHE D 100 24.59 0.56 -15.02
CA PHE D 100 25.33 -0.05 -16.11
C PHE D 100 24.57 0.11 -17.42
N ASN D 101 23.24 0.00 -17.34
CA ASN D 101 22.37 0.10 -18.51
C ASN D 101 22.28 1.48 -19.14
N GLN D 102 22.84 2.49 -18.48
CA GLN D 102 22.82 3.85 -19.01
C GLN D 102 24.08 4.04 -19.85
N GLY D 103 23.89 4.18 -21.16
CA GLY D 103 25.02 4.37 -22.04
C GLY D 103 25.46 3.06 -22.66
N LEU D 104 25.76 3.11 -23.96
CA LEU D 104 26.19 1.93 -24.69
C LEU D 104 27.50 1.41 -24.11
N LYS D 105 27.55 0.12 -23.84
CA LYS D 105 28.75 -0.48 -23.28
C LYS D 105 29.46 -1.36 -24.30
N SER D 106 30.79 -1.30 -24.29
CA SER D 106 31.63 -2.08 -25.19
C SER D 106 32.49 -3.04 -24.38
N TYR D 107 33.06 -4.03 -25.04
CA TYR D 107 33.92 -4.99 -24.38
C TYR D 107 35.12 -4.24 -23.79
N ARG D 108 35.42 -3.08 -24.36
CA ARG D 108 36.55 -2.28 -23.88
C ARG D 108 36.26 -1.66 -22.51
N ASP D 109 35.00 -1.67 -22.10
CA ASP D 109 34.61 -1.10 -20.82
C ASP D 109 34.68 -2.15 -19.71
N LEU D 110 34.97 -3.39 -20.09
CA LEU D 110 35.03 -4.50 -19.14
C LEU D 110 36.46 -4.96 -18.83
N PRO D 111 36.72 -5.38 -17.58
CA PRO D 111 35.74 -5.43 -16.49
C PRO D 111 35.41 -4.06 -15.91
N LEU D 112 34.16 -3.88 -15.54
CA LEU D 112 33.69 -2.62 -14.96
C LEU D 112 33.38 -2.95 -13.49
N ARG D 113 34.17 -2.39 -12.58
CA ARG D 113 34.02 -2.65 -11.16
C ARG D 113 33.27 -1.50 -10.51
N MET D 114 32.05 -1.78 -10.06
CA MET D 114 31.19 -0.74 -9.49
C MET D 114 30.91 -0.95 -8.01
N ALA D 115 31.48 -0.08 -7.17
CA ALA D 115 31.31 -0.20 -5.72
C ALA D 115 30.35 0.81 -5.16
N GLU D 116 29.81 0.50 -3.98
CA GLU D 116 28.90 1.40 -3.27
C GLU D 116 28.84 1.02 -1.80
N PHE D 117 28.80 2.01 -0.91
CA PHE D 117 28.63 1.75 0.51
C PHE D 117 27.10 1.81 0.51
N GLY D 118 26.50 0.66 0.25
CA GLY D 118 25.06 0.57 0.09
C GLY D 118 24.24 0.24 1.30
N SER D 119 23.29 1.13 1.60
CA SER D 119 22.39 0.95 2.72
C SER D 119 21.31 -0.05 2.36
N CYS D 120 21.30 -1.18 3.04
CA CYS D 120 20.34 -2.25 2.79
C CYS D 120 19.41 -2.38 3.97
N HIS D 121 18.17 -2.76 3.70
CA HIS D 121 17.21 -2.99 4.75
C HIS D 121 16.57 -4.34 4.51
N ARG D 122 16.58 -5.18 5.53
CA ARG D 122 15.99 -6.51 5.43
C ARG D 122 15.15 -6.71 6.68
N ASN D 123 13.95 -7.24 6.47
CA ASN D 123 13.03 -7.48 7.58
C ASN D 123 13.38 -8.76 8.31
N GLU D 124 14.51 -8.74 9.01
CA GLU D 124 14.99 -9.89 9.77
C GLU D 124 14.05 -10.11 10.96
N PRO D 125 13.71 -11.39 11.25
CA PRO D 125 12.83 -11.67 12.39
C PRO D 125 13.41 -11.03 13.65
N SER D 126 12.57 -10.36 14.43
CA SER D 126 13.05 -9.68 15.62
C SER D 126 13.80 -10.58 16.59
N GLY D 127 13.40 -11.84 16.67
CA GLY D 127 14.08 -12.75 17.58
C GLY D 127 15.48 -13.13 17.15
N SER D 128 15.86 -12.76 15.93
CA SER D 128 17.19 -13.08 15.40
C SER D 128 18.15 -11.90 15.52
N LEU D 129 17.63 -10.73 15.87
CA LEU D 129 18.48 -9.55 15.97
C LEU D 129 19.49 -9.69 17.10
N HIS D 130 20.71 -9.22 16.85
CA HIS D 130 21.78 -9.31 17.84
C HIS D 130 22.78 -8.18 17.70
N GLY D 131 22.71 -7.22 18.61
CA GLY D 131 23.61 -6.09 18.60
C GLY D 131 23.85 -5.52 17.22
N LEU D 132 25.13 -5.35 16.87
CA LEU D 132 25.53 -4.83 15.57
C LEU D 132 25.72 -5.95 14.57
N MET D 133 25.75 -7.20 15.05
CA MET D 133 25.98 -8.35 14.19
C MET D 133 24.87 -8.70 13.22
N ARG D 134 23.63 -8.65 13.71
CA ARG D 134 22.47 -8.94 12.89
C ARG D 134 21.50 -7.80 13.12
N VAL D 135 21.39 -6.94 12.12
CA VAL D 135 20.50 -5.78 12.22
C VAL D 135 19.53 -5.76 11.03
N ARG D 136 18.62 -4.79 11.03
CA ARG D 136 17.67 -4.68 9.93
C ARG D 136 18.14 -3.64 8.91
N GLY D 137 18.93 -2.68 9.37
CA GLY D 137 19.46 -1.65 8.48
C GLY D 137 20.97 -1.72 8.58
N PHE D 138 21.65 -1.91 7.45
CA PHE D 138 23.11 -1.99 7.49
C PHE D 138 23.71 -1.48 6.21
N THR D 139 25.00 -1.14 6.26
CA THR D 139 25.69 -0.63 5.09
C THR D 139 26.73 -1.62 4.62
N GLN D 140 26.59 -2.10 3.39
CA GLN D 140 27.53 -3.05 2.84
C GLN D 140 28.66 -2.34 2.09
N ASP D 141 29.88 -2.88 2.17
CA ASP D 141 30.97 -2.32 1.36
C ASP D 141 30.86 -3.22 0.12
N ASP D 142 29.83 -2.92 -0.66
CA ASP D 142 29.44 -3.70 -1.82
C ASP D 142 30.08 -3.30 -3.12
N ALA D 143 30.02 -4.22 -4.08
CA ALA D 143 30.48 -3.94 -5.43
C ALA D 143 30.04 -5.05 -6.34
N HIS D 144 29.80 -4.69 -7.60
CA HIS D 144 29.45 -5.67 -8.61
C HIS D 144 30.40 -5.44 -9.74
N ILE D 145 31.00 -6.53 -10.21
CA ILE D 145 31.94 -6.45 -11.31
C ILE D 145 31.28 -7.05 -12.53
N PHE D 146 31.18 -6.25 -13.59
CA PHE D 146 30.61 -6.70 -14.86
C PHE D 146 31.79 -7.12 -15.73
N CYS D 147 31.79 -8.35 -16.19
CA CYS D 147 32.90 -8.84 -17.01
C CYS D 147 32.48 -9.92 -18.00
N THR D 148 33.44 -10.36 -18.82
CA THR D 148 33.20 -11.41 -19.79
C THR D 148 33.45 -12.74 -19.09
N GLU D 149 32.98 -13.83 -19.66
CA GLU D 149 33.20 -15.13 -19.04
C GLU D 149 34.70 -15.42 -18.92
N GLU D 150 35.48 -14.94 -19.89
CA GLU D 150 36.92 -15.16 -19.87
C GLU D 150 37.64 -14.37 -18.78
N GLN D 151 36.99 -13.35 -18.24
CA GLN D 151 37.60 -12.51 -17.20
C GLN D 151 37.22 -12.97 -15.79
N ILE D 152 36.33 -13.95 -15.70
CA ILE D 152 35.89 -14.45 -14.39
C ILE D 152 37.06 -14.88 -13.50
N ARG D 153 37.91 -15.75 -14.01
CA ARG D 153 39.05 -16.22 -13.21
C ARG D 153 39.83 -15.08 -12.56
N ASP D 154 40.27 -14.12 -13.36
CA ASP D 154 41.05 -13.01 -12.85
C ASP D 154 40.29 -12.11 -11.89
N GLU D 155 39.02 -11.84 -12.19
CA GLU D 155 38.23 -10.97 -11.32
C GLU D 155 37.90 -11.63 -9.99
N VAL D 156 37.55 -12.92 -10.00
CA VAL D 156 37.27 -13.60 -8.76
C VAL D 156 38.56 -13.68 -7.95
N ASN D 157 39.68 -13.96 -8.61
CA ASN D 157 40.95 -14.03 -7.90
C ASN D 157 41.28 -12.69 -7.24
N GLY D 158 40.94 -11.60 -7.94
CA GLY D 158 41.20 -10.28 -7.42
C GLY D 158 40.39 -10.02 -6.17
N CYS D 159 39.16 -10.50 -6.15
CA CYS D 159 38.31 -10.29 -4.99
C CYS D 159 38.87 -11.06 -3.80
N ILE D 160 39.32 -12.28 -4.03
CA ILE D 160 39.87 -13.11 -2.96
C ILE D 160 41.11 -12.44 -2.37
N ARG D 161 41.98 -11.94 -3.24
CA ARG D 161 43.19 -11.28 -2.77
C ARG D 161 42.82 -10.04 -1.97
N LEU D 162 41.76 -9.34 -2.40
CA LEU D 162 41.32 -8.14 -1.71
C LEU D 162 40.88 -8.48 -0.28
N VAL D 163 40.20 -9.61 -0.10
CA VAL D 163 39.75 -10.02 1.23
C VAL D 163 40.93 -10.22 2.17
N TYR D 164 41.90 -11.04 1.77
CA TYR D 164 43.05 -11.29 2.64
C TYR D 164 43.90 -10.03 2.82
N ASP D 165 43.97 -9.22 1.78
CA ASP D 165 44.71 -7.96 1.82
C ASP D 165 44.10 -7.09 2.93
N MET D 166 42.80 -6.80 2.80
CA MET D 166 42.13 -5.96 3.80
C MET D 166 42.11 -6.56 5.22
N TYR D 167 41.84 -7.86 5.33
CA TYR D 167 41.80 -8.46 6.66
C TYR D 167 43.15 -8.42 7.36
N SER D 168 44.24 -8.49 6.58
CA SER D 168 45.57 -8.47 7.18
C SER D 168 45.82 -7.20 7.99
N THR D 169 45.13 -6.12 7.63
CA THR D 169 45.29 -4.85 8.33
C THR D 169 44.85 -4.97 9.80
N PHE D 170 43.87 -5.83 10.04
CA PHE D 170 43.32 -6.02 11.37
C PHE D 170 43.93 -7.19 12.12
N GLY D 171 44.79 -7.93 11.42
CA GLY D 171 45.48 -9.06 12.03
C GLY D 171 44.64 -10.26 12.41
N PHE D 172 43.55 -10.52 11.70
CA PHE D 172 42.71 -11.66 12.02
C PHE D 172 43.48 -12.98 11.83
N GLU D 173 43.49 -13.81 12.86
CA GLU D 173 44.17 -15.09 12.76
C GLU D 173 43.22 -16.23 12.43
N LYS D 174 41.91 -15.97 12.49
CA LYS D 174 40.93 -17.00 12.17
C LYS D 174 39.97 -16.56 11.09
N ILE D 175 40.20 -17.06 9.87
CA ILE D 175 39.35 -16.75 8.72
C ILE D 175 38.95 -18.10 8.12
N VAL D 176 37.69 -18.46 8.28
CA VAL D 176 37.19 -19.74 7.77
C VAL D 176 36.42 -19.57 6.48
N VAL D 177 36.71 -20.41 5.49
CA VAL D 177 36.09 -20.31 4.19
C VAL D 177 35.14 -21.43 3.81
N LYS D 178 34.00 -21.06 3.24
CA LYS D 178 33.01 -22.03 2.81
C LYS D 178 32.51 -21.72 1.41
N LEU D 179 32.11 -22.75 0.68
CA LEU D 179 31.55 -22.56 -0.65
C LEU D 179 30.11 -23.00 -0.53
N SER D 180 29.19 -22.04 -0.57
CA SER D 180 27.76 -22.31 -0.45
C SER D 180 27.16 -22.55 -1.81
N THR D 181 26.64 -23.76 -1.99
CA THR D 181 26.08 -24.17 -3.27
C THR D 181 24.58 -23.98 -3.45
N ARG D 182 24.10 -24.33 -4.64
CA ARG D 182 22.71 -24.13 -5.02
C ARG D 182 21.65 -24.42 -3.96
N PRO D 183 20.79 -23.44 -3.69
CA PRO D 183 19.71 -23.58 -2.71
C PRO D 183 18.49 -24.20 -3.37
N GLU D 184 17.54 -24.64 -2.55
CA GLU D 184 16.31 -25.25 -3.06
C GLU D 184 15.57 -24.29 -3.97
N LYS D 185 15.35 -23.07 -3.47
CA LYS D 185 14.66 -22.01 -4.21
C LYS D 185 15.72 -21.21 -4.95
N ARG D 186 15.74 -21.30 -6.28
CA ARG D 186 16.75 -20.60 -7.06
C ARG D 186 16.31 -20.29 -8.48
N ILE D 187 17.07 -19.42 -9.14
CA ILE D 187 16.82 -19.07 -10.53
C ILE D 187 18.01 -19.54 -11.35
N GLY D 188 17.82 -19.70 -12.66
CA GLY D 188 18.91 -20.16 -13.51
C GLY D 188 18.91 -21.67 -13.70
N SER D 189 19.53 -22.14 -14.78
CA SER D 189 19.57 -23.58 -15.07
C SER D 189 20.65 -24.31 -14.28
N ASP D 190 20.51 -25.62 -14.16
CA ASP D 190 21.48 -26.43 -13.44
C ASP D 190 22.85 -26.32 -14.13
N GLU D 191 22.85 -26.18 -15.44
CA GLU D 191 24.10 -26.05 -16.20
C GLU D 191 24.83 -24.78 -15.77
N MET D 192 24.08 -23.70 -15.59
CA MET D 192 24.64 -22.43 -15.17
C MET D 192 25.23 -22.58 -13.77
N TRP D 193 24.51 -23.27 -12.90
CA TRP D 193 24.99 -23.49 -11.54
C TRP D 193 26.23 -24.37 -11.50
N ASP D 194 26.30 -25.35 -12.41
CA ASP D 194 27.47 -26.22 -12.45
C ASP D 194 28.69 -25.39 -12.78
N ARG D 195 28.56 -24.53 -13.79
CA ARG D 195 29.64 -23.68 -14.23
C ARG D 195 30.07 -22.71 -13.14
N ALA D 196 29.09 -22.06 -12.50
CA ALA D 196 29.37 -21.09 -11.46
C ALA D 196 30.04 -21.70 -10.23
N GLU D 197 29.51 -22.82 -9.75
CA GLU D 197 30.08 -23.47 -8.59
C GLU D 197 31.50 -23.95 -8.88
N ALA D 198 31.73 -24.38 -10.11
CA ALA D 198 33.06 -24.84 -10.51
C ALA D 198 34.03 -23.68 -10.58
N ASP D 199 33.58 -22.56 -11.14
CA ASP D 199 34.44 -21.39 -11.25
C ASP D 199 34.90 -20.93 -9.87
N LEU D 200 33.98 -20.89 -8.91
CA LEU D 200 34.36 -20.44 -7.57
C LEU D 200 35.29 -21.41 -6.86
N ALA D 201 35.09 -22.72 -7.07
CA ALA D 201 35.95 -23.71 -6.45
C ALA D 201 37.37 -23.60 -7.00
N VAL D 202 37.48 -23.45 -8.31
CA VAL D 202 38.80 -23.33 -8.94
C VAL D 202 39.55 -22.11 -8.42
N ALA D 203 38.85 -21.00 -8.24
CA ALA D 203 39.47 -19.77 -7.74
C ALA D 203 40.07 -20.01 -6.36
N LEU D 204 39.33 -20.72 -5.52
CA LEU D 204 39.79 -21.03 -4.17
C LEU D 204 41.05 -21.88 -4.24
N GLU D 205 41.00 -22.91 -5.07
CA GLU D 205 42.14 -23.82 -5.22
C GLU D 205 43.36 -23.09 -5.78
N GLU D 206 43.13 -22.17 -6.71
CA GLU D 206 44.19 -21.40 -7.35
C GLU D 206 44.88 -20.44 -6.38
N ASN D 207 44.22 -20.16 -5.26
CA ASN D 207 44.76 -19.26 -4.23
C ASN D 207 45.20 -20.07 -3.02
N ASN D 208 45.17 -21.39 -3.16
CA ASN D 208 45.58 -22.30 -2.09
C ASN D 208 44.76 -22.06 -0.83
N ILE D 209 43.45 -21.96 -0.99
CA ILE D 209 42.57 -21.72 0.14
C ILE D 209 41.75 -22.96 0.47
N PRO D 210 41.95 -23.54 1.65
CA PRO D 210 41.18 -24.74 2.03
C PRO D 210 39.76 -24.27 2.33
N PHE D 211 38.77 -25.11 2.02
CA PHE D 211 37.39 -24.74 2.30
C PHE D 211 36.50 -25.95 2.48
N GLU D 212 35.25 -25.72 2.88
CA GLU D 212 34.27 -26.77 3.08
C GLU D 212 33.03 -26.35 2.33
N TYR D 213 32.20 -27.30 1.93
CA TYR D 213 30.96 -26.95 1.24
C TYR D 213 29.91 -26.65 2.28
N GLN D 214 28.96 -25.80 1.92
CA GLN D 214 27.82 -25.49 2.79
C GLN D 214 26.65 -25.70 1.84
N LEU D 215 26.17 -26.94 1.81
CA LEU D 215 25.08 -27.33 0.91
C LEU D 215 23.81 -26.50 1.03
N GLY D 216 23.26 -26.12 -0.11
CA GLY D 216 22.02 -25.35 -0.18
C GLY D 216 21.99 -23.97 0.44
N GLU D 217 23.16 -23.39 0.69
CA GLU D 217 23.27 -22.08 1.31
C GLU D 217 23.58 -20.93 0.35
N GLY D 218 23.70 -21.24 -0.94
CA GLY D 218 24.00 -20.20 -1.90
C GLY D 218 22.85 -19.22 -2.06
N ALA D 219 23.11 -18.11 -2.73
CA ALA D 219 22.07 -17.10 -2.95
C ALA D 219 21.12 -17.66 -3.99
N PHE D 220 19.90 -17.14 -4.07
CA PHE D 220 18.98 -17.66 -5.08
C PHE D 220 19.48 -17.43 -6.50
N TYR D 221 20.39 -16.46 -6.65
CA TYR D 221 20.95 -16.09 -7.96
C TYR D 221 22.37 -16.59 -8.24
N GLY D 222 22.98 -17.27 -7.27
CA GLY D 222 24.33 -17.76 -7.53
C GLY D 222 25.05 -18.32 -6.32
N PRO D 223 26.08 -19.15 -6.54
CA PRO D 223 26.84 -19.74 -5.44
C PRO D 223 27.69 -18.67 -4.75
N LYS D 224 28.08 -18.94 -3.51
CA LYS D 224 28.84 -17.96 -2.75
C LYS D 224 30.03 -18.48 -1.98
N ILE D 225 31.12 -17.73 -2.03
CA ILE D 225 32.29 -18.07 -1.23
C ILE D 225 32.00 -17.22 0.01
N GLU D 226 32.02 -17.84 1.18
CA GLU D 226 31.79 -17.16 2.45
C GLU D 226 33.07 -17.05 3.28
N PHE D 227 33.42 -15.83 3.70
CA PHE D 227 34.59 -15.63 4.55
C PHE D 227 34.01 -15.41 5.94
N THR D 228 34.24 -16.37 6.83
CA THR D 228 33.70 -16.35 8.17
C THR D 228 34.66 -15.79 9.23
N LEU D 229 34.18 -14.85 10.05
CA LEU D 229 34.99 -14.30 11.14
C LEU D 229 34.26 -14.69 12.43
N TYR D 230 34.98 -14.70 13.54
CA TYR D 230 34.39 -15.14 14.80
C TYR D 230 34.38 -14.10 15.89
N ASP D 231 33.35 -14.16 16.74
CA ASP D 231 33.22 -13.22 17.84
C ASP D 231 33.85 -13.78 19.12
N CYS D 232 33.68 -13.07 20.23
CA CYS D 232 34.27 -13.48 21.50
C CYS D 232 33.79 -14.83 22.06
N LEU D 233 32.67 -15.33 21.56
CA LEU D 233 32.16 -16.62 22.01
C LEU D 233 32.47 -17.66 20.95
N ASP D 234 33.31 -17.27 20.00
CA ASP D 234 33.73 -18.11 18.90
C ASP D 234 32.57 -18.52 18.00
N ARG D 235 31.58 -17.64 17.87
CA ARG D 235 30.43 -17.88 17.01
C ARG D 235 30.79 -17.37 15.61
N ALA D 236 30.34 -18.09 14.59
CA ALA D 236 30.63 -17.74 13.19
C ALA D 236 29.70 -16.67 12.59
N TRP D 237 30.31 -15.70 11.93
CA TRP D 237 29.54 -14.64 11.26
C TRP D 237 30.05 -14.45 9.84
N GLN D 238 29.15 -14.52 8.87
CA GLN D 238 29.54 -14.32 7.48
C GLN D 238 29.88 -12.85 7.27
N CYS D 239 31.11 -12.59 6.85
CA CYS D 239 31.54 -11.22 6.61
C CYS D 239 31.81 -11.09 5.12
N GLY D 240 33.06 -11.27 4.69
CA GLY D 240 33.34 -11.17 3.27
C GLY D 240 32.60 -12.23 2.45
N THR D 241 32.30 -11.92 1.20
CA THR D 241 31.59 -12.87 0.34
C THR D 241 31.84 -12.54 -1.12
N VAL D 242 31.92 -13.57 -1.95
CA VAL D 242 32.11 -13.41 -3.40
C VAL D 242 31.08 -14.34 -4.04
N GLN D 243 30.24 -13.78 -4.91
CA GLN D 243 29.18 -14.54 -5.56
C GLN D 243 29.24 -14.38 -7.08
N LEU D 244 28.91 -15.45 -7.79
CA LEU D 244 28.96 -15.46 -9.25
C LEU D 244 27.54 -15.56 -9.78
N ASP D 245 27.16 -14.57 -10.58
CA ASP D 245 25.81 -14.42 -11.09
C ASP D 245 25.68 -14.44 -12.62
N PHE D 246 24.99 -15.44 -13.16
CA PHE D 246 24.76 -15.54 -14.60
C PHE D 246 23.28 -15.30 -14.92
N SER D 247 22.52 -14.77 -13.95
CA SER D 247 21.09 -14.56 -14.16
C SER D 247 20.58 -13.13 -14.15
N LEU D 248 20.98 -12.36 -13.15
CA LEU D 248 20.49 -10.99 -13.04
C LEU D 248 20.72 -10.09 -14.26
N PRO D 249 21.92 -10.13 -14.87
CA PRO D 249 22.15 -9.27 -16.03
C PRO D 249 21.11 -9.51 -17.14
N SER D 250 20.90 -10.78 -17.44
CA SER D 250 19.95 -11.14 -18.48
C SER D 250 18.56 -10.67 -18.10
N ARG D 251 18.16 -10.93 -16.87
CA ARG D 251 16.84 -10.54 -16.38
C ARG D 251 16.61 -9.04 -16.44
N LEU D 252 17.67 -8.25 -16.31
CA LEU D 252 17.54 -6.80 -16.34
C LEU D 252 18.01 -6.20 -17.67
N SER D 253 18.12 -7.05 -18.69
CA SER D 253 18.54 -6.64 -20.03
C SER D 253 19.88 -5.93 -20.15
N ALA D 254 20.89 -6.40 -19.41
CA ALA D 254 22.21 -5.79 -19.49
C ALA D 254 22.95 -6.43 -20.66
N SER D 255 23.70 -5.62 -21.41
CA SER D 255 24.46 -6.14 -22.55
C SER D 255 25.59 -5.20 -22.92
N TYR D 256 26.48 -5.67 -23.78
CA TYR D 256 27.59 -4.88 -24.27
C TYR D 256 27.96 -5.40 -25.66
N VAL D 257 28.58 -4.56 -26.46
CA VAL D 257 29.00 -4.93 -27.81
C VAL D 257 30.32 -5.67 -27.74
N GLY D 258 30.31 -6.93 -28.16
CA GLY D 258 31.53 -7.73 -28.14
C GLY D 258 32.53 -7.29 -29.20
N GLU D 259 33.72 -7.85 -29.14
CA GLU D 259 34.78 -7.52 -30.09
C GLU D 259 34.43 -8.05 -31.48
N ASP D 260 33.31 -8.76 -31.58
CA ASP D 260 32.84 -9.31 -32.84
C ASP D 260 31.64 -8.51 -33.33
N ASN D 261 31.42 -7.38 -32.67
CA ASN D 261 30.33 -6.46 -32.97
C ASN D 261 28.93 -7.01 -32.65
N GLU D 262 28.88 -8.17 -32.03
CA GLU D 262 27.60 -8.77 -31.66
C GLU D 262 27.26 -8.50 -30.19
N ARG D 263 25.96 -8.43 -29.90
CA ARG D 263 25.49 -8.16 -28.53
C ARG D 263 25.73 -9.32 -27.56
N LYS D 264 26.30 -8.99 -26.41
CA LYS D 264 26.60 -9.99 -25.40
C LYS D 264 26.08 -9.59 -24.03
N VAL D 265 25.86 -10.58 -23.17
CA VAL D 265 25.38 -10.32 -21.81
C VAL D 265 26.56 -10.49 -20.86
N PRO D 266 26.82 -9.48 -20.03
CA PRO D 266 27.95 -9.59 -19.09
C PRO D 266 27.67 -10.49 -17.90
N VAL D 267 28.74 -11.04 -17.35
CA VAL D 267 28.67 -11.87 -16.17
C VAL D 267 28.77 -10.87 -15.02
N MET D 268 28.19 -11.21 -13.87
CA MET D 268 28.26 -10.31 -12.73
C MET D 268 28.84 -11.02 -11.51
N ILE D 269 29.84 -10.39 -10.89
CA ILE D 269 30.42 -10.93 -9.66
C ILE D 269 29.98 -9.96 -8.57
N HIS D 270 29.40 -10.52 -7.51
CA HIS D 270 28.95 -9.74 -6.36
C HIS D 270 30.00 -9.94 -5.28
N ARG D 271 30.40 -8.88 -4.58
CA ARG D 271 31.32 -9.10 -3.46
C ARG D 271 31.28 -7.98 -2.44
N ALA D 272 31.49 -8.36 -1.19
CA ALA D 272 31.60 -7.42 -0.08
C ALA D 272 32.83 -7.94 0.63
N ILE D 273 33.72 -7.04 1.05
CA ILE D 273 34.94 -7.46 1.71
C ILE D 273 34.74 -7.50 3.21
N LEU D 274 34.34 -6.37 3.79
CA LEU D 274 34.08 -6.35 5.23
C LEU D 274 32.75 -7.05 5.53
N GLY D 275 31.80 -6.98 4.59
CA GLY D 275 30.49 -7.58 4.78
C GLY D 275 29.57 -6.39 4.94
N SER D 276 29.34 -5.99 6.18
CA SER D 276 28.58 -4.77 6.46
C SER D 276 29.41 -4.03 7.51
N MET D 277 29.30 -2.70 7.51
CA MET D 277 30.04 -1.89 8.47
C MET D 277 29.64 -2.24 9.88
N GLU D 278 28.33 -2.44 10.07
CA GLU D 278 27.79 -2.80 11.36
C GLU D 278 28.38 -4.09 11.92
N ARG D 279 28.27 -5.17 11.14
CA ARG D 279 28.79 -6.45 11.58
C ARG D 279 30.30 -6.41 11.75
N PHE D 280 31.00 -5.75 10.82
CA PHE D 280 32.46 -5.69 10.94
C PHE D 280 32.90 -4.93 12.17
N ILE D 281 32.25 -3.81 12.47
CA ILE D 281 32.60 -3.06 13.67
C ILE D 281 32.34 -3.93 14.90
N GLY D 282 31.28 -4.71 14.88
CA GLY D 282 30.99 -5.60 16.00
C GLY D 282 32.15 -6.58 16.18
N ILE D 283 32.60 -7.16 15.07
CA ILE D 283 33.71 -8.11 15.11
C ILE D 283 34.99 -7.45 15.62
N LEU D 284 35.28 -6.25 15.12
CA LEU D 284 36.49 -5.53 15.53
C LEU D 284 36.44 -5.18 17.01
N THR D 285 35.29 -4.73 17.48
CA THR D 285 35.15 -4.32 18.87
C THR D 285 35.50 -5.48 19.80
N GLU D 286 35.05 -6.68 19.45
CA GLU D 286 35.34 -7.84 20.30
C GLU D 286 36.77 -8.34 20.08
N GLU D 287 37.28 -8.27 18.84
CA GLU D 287 38.63 -8.72 18.56
C GLU D 287 39.64 -7.89 19.37
N PHE D 288 39.42 -6.59 19.44
CA PHE D 288 40.32 -5.70 20.16
C PHE D 288 39.89 -5.39 21.60
N ALA D 289 38.73 -5.89 22.00
CA ALA D 289 38.19 -5.64 23.34
C ALA D 289 38.13 -4.13 23.58
N GLY D 290 37.83 -3.38 22.52
CA GLY D 290 37.75 -1.94 22.65
C GLY D 290 39.04 -1.17 22.42
N PHE D 291 40.19 -1.85 22.39
CA PHE D 291 41.47 -1.17 22.15
C PHE D 291 41.68 -1.01 20.65
N PHE D 292 40.84 -0.18 20.04
CA PHE D 292 40.96 0.05 18.61
C PHE D 292 42.33 0.58 18.22
N PRO D 293 42.89 0.11 17.10
CA PRO D 293 44.20 0.63 16.68
C PRO D 293 44.03 2.15 16.58
N THR D 294 45.11 2.89 16.78
CA THR D 294 45.02 4.33 16.75
C THR D 294 44.30 4.95 15.54
N TRP D 295 44.53 4.42 14.36
CA TRP D 295 43.87 4.99 13.18
C TRP D 295 42.34 4.91 13.25
N LEU D 296 41.84 3.97 14.03
CA LEU D 296 40.40 3.77 14.18
C LEU D 296 39.82 4.37 15.45
N ALA D 297 40.67 4.63 16.43
CA ALA D 297 40.24 5.17 17.71
C ALA D 297 39.42 6.46 17.61
N PRO D 298 38.21 6.47 18.19
CA PRO D 298 37.37 7.66 18.14
C PRO D 298 38.13 8.92 18.61
N VAL D 299 38.79 8.79 19.76
CA VAL D 299 39.60 9.87 20.32
C VAL D 299 41.00 9.25 20.41
N GLN D 300 41.95 9.82 19.66
CA GLN D 300 43.30 9.28 19.63
C GLN D 300 44.22 9.76 20.75
N VAL D 301 43.99 11.00 21.18
CA VAL D 301 44.79 11.63 22.23
C VAL D 301 43.97 12.52 23.16
N VAL D 302 44.30 12.45 24.44
CA VAL D 302 43.64 13.32 25.41
C VAL D 302 44.78 14.04 26.11
N ILE D 303 44.70 15.37 26.15
CA ILE D 303 45.73 16.18 26.80
C ILE D 303 45.13 16.70 28.09
N MET D 304 45.84 16.48 29.20
CA MET D 304 45.36 16.88 30.51
C MET D 304 46.33 17.79 31.25
N ASN D 305 45.77 18.65 32.09
CA ASN D 305 46.57 19.57 32.90
C ASN D 305 46.50 19.10 34.34
N ILE D 306 47.44 19.55 35.16
CA ILE D 306 47.46 19.17 36.58
C ILE D 306 46.58 20.18 37.32
N THR D 307 46.83 21.46 37.09
CA THR D 307 46.06 22.53 37.70
C THR D 307 45.71 23.59 36.66
N ASP D 308 44.86 24.53 37.05
CA ASP D 308 44.42 25.61 36.18
C ASP D 308 45.61 26.34 35.56
N SER D 309 46.78 26.16 36.14
CA SER D 309 48.00 26.80 35.67
C SER D 309 48.50 26.33 34.31
N GLN D 310 48.05 25.15 33.87
CA GLN D 310 48.50 24.63 32.59
C GLN D 310 47.44 24.62 31.47
N SER D 311 46.23 25.07 31.78
CA SER D 311 45.15 25.09 30.80
C SER D 311 45.57 25.75 29.49
N GLU D 312 46.22 26.90 29.61
CA GLU D 312 46.70 27.65 28.45
C GLU D 312 47.51 26.76 27.52
N TYR D 313 48.54 26.13 28.08
CA TYR D 313 49.42 25.24 27.32
C TYR D 313 48.64 24.06 26.73
N VAL D 314 47.76 23.47 27.53
CA VAL D 314 46.97 22.33 27.06
C VAL D 314 46.07 22.72 25.89
N ASN D 315 45.42 23.88 25.98
CA ASN D 315 44.55 24.35 24.91
C ASN D 315 45.35 24.56 23.62
N GLU D 316 46.53 25.18 23.73
CA GLU D 316 47.34 25.42 22.55
C GLU D 316 47.81 24.12 21.92
N LEU D 317 48.23 23.17 22.77
CA LEU D 317 48.70 21.87 22.31
C LEU D 317 47.56 21.13 21.62
N THR D 318 46.36 21.28 22.18
CA THR D 318 45.17 20.63 21.62
C THR D 318 44.89 21.15 20.21
N GLN D 319 44.92 22.46 20.03
CA GLN D 319 44.66 23.04 18.72
C GLN D 319 45.76 22.62 17.75
N LYS D 320 46.98 22.54 18.24
CA LYS D 320 48.11 22.16 17.39
C LYS D 320 47.96 20.72 16.87
N LEU D 321 47.62 19.78 17.75
CA LEU D 321 47.44 18.41 17.32
C LEU D 321 46.22 18.30 16.41
N SER D 322 45.20 19.09 16.71
CA SER D 322 43.99 19.08 15.90
C SER D 322 44.32 19.52 14.48
N ASN D 323 45.06 20.62 14.36
CA ASN D 323 45.45 21.12 13.04
C ASN D 323 46.34 20.10 12.33
N ALA D 324 46.96 19.22 13.11
CA ALA D 324 47.82 18.19 12.55
C ALA D 324 47.03 16.96 12.11
N GLY D 325 45.70 17.03 12.21
CA GLY D 325 44.86 15.93 11.79
C GLY D 325 44.61 14.83 12.81
N ILE D 326 45.02 15.06 14.04
CA ILE D 326 44.84 14.07 15.10
C ILE D 326 43.55 14.34 15.87
N ARG D 327 42.81 13.28 16.17
CA ARG D 327 41.57 13.43 16.93
C ARG D 327 41.96 13.56 18.39
N VAL D 328 41.94 14.80 18.87
CA VAL D 328 42.37 15.12 20.23
C VAL D 328 41.36 15.92 21.04
N LYS D 329 41.35 15.71 22.35
CA LYS D 329 40.47 16.49 23.21
C LYS D 329 41.21 16.86 24.48
N ALA D 330 40.80 17.96 25.09
CA ALA D 330 41.43 18.43 26.30
C ALA D 330 40.60 18.08 27.52
N ASP D 331 41.27 17.74 28.61
CA ASP D 331 40.59 17.41 29.86
C ASP D 331 41.14 18.41 30.86
N LEU D 332 40.41 19.50 31.09
CA LEU D 332 40.83 20.55 32.02
C LEU D 332 40.08 20.52 33.34
N ARG D 333 39.39 19.41 33.60
CA ARG D 333 38.62 19.26 34.84
C ARG D 333 39.46 19.35 36.10
N ASN D 334 38.81 19.73 37.19
CA ASN D 334 39.47 19.84 38.49
C ASN D 334 39.44 18.47 39.14
N GLU D 335 40.27 17.57 38.62
CA GLU D 335 40.38 16.21 39.11
C GLU D 335 41.86 15.83 39.13
N LYS D 336 42.23 14.88 39.99
CA LYS D 336 43.61 14.45 40.05
C LYS D 336 43.96 13.71 38.77
N ILE D 337 45.22 13.79 38.35
CA ILE D 337 45.66 13.15 37.13
C ILE D 337 45.29 11.67 37.07
N GLY D 338 45.48 10.96 38.18
CA GLY D 338 45.15 9.54 38.20
C GLY D 338 43.70 9.30 37.84
N PHE D 339 42.83 10.15 38.34
CA PHE D 339 41.40 10.06 38.07
C PHE D 339 41.19 10.17 36.57
N LYS D 340 41.82 11.17 35.97
CA LYS D 340 41.69 11.40 34.52
C LYS D 340 42.22 10.23 33.69
N ILE D 341 43.40 9.74 34.05
CA ILE D 341 44.01 8.63 33.34
C ILE D 341 43.16 7.38 33.40
N ARG D 342 42.60 7.09 34.58
CA ARG D 342 41.76 5.91 34.70
C ARG D 342 40.54 6.02 33.82
N GLU D 343 39.93 7.20 33.78
CA GLU D 343 38.73 7.39 32.97
C GLU D 343 39.00 7.23 31.49
N HIS D 344 40.05 7.85 30.99
CA HIS D 344 40.35 7.75 29.58
C HIS D 344 40.88 6.38 29.19
N THR D 345 41.40 5.65 30.17
CA THR D 345 41.89 4.31 29.90
C THR D 345 40.66 3.43 29.67
N LEU D 346 39.62 3.66 30.47
CA LEU D 346 38.37 2.90 30.33
C LEU D 346 37.74 3.22 28.98
N ARG D 347 37.96 4.44 28.50
CA ARG D 347 37.42 4.83 27.20
C ARG D 347 38.37 4.40 26.08
N ARG D 348 39.44 3.71 26.46
CA ARG D 348 40.39 3.18 25.50
C ARG D 348 41.12 4.20 24.62
N VAL D 349 41.38 5.37 25.17
CA VAL D 349 42.09 6.41 24.42
C VAL D 349 43.55 5.98 24.31
N PRO D 350 44.06 5.81 23.08
CA PRO D 350 45.45 5.40 22.86
C PRO D 350 46.50 6.13 23.69
N TYR D 351 46.53 7.46 23.58
CA TYR D 351 47.52 8.26 24.28
C TYR D 351 46.98 9.36 25.16
N MET D 352 47.61 9.52 26.31
CA MET D 352 47.23 10.56 27.27
C MET D 352 48.48 11.38 27.53
N LEU D 353 48.40 12.67 27.23
CA LEU D 353 49.52 13.58 27.41
C LEU D 353 49.31 14.43 28.65
N VAL D 354 50.16 14.24 29.64
CA VAL D 354 50.07 14.98 30.89
C VAL D 354 50.93 16.23 30.85
N CYS D 355 50.37 17.36 31.26
CA CYS D 355 51.10 18.61 31.25
C CYS D 355 51.18 19.27 32.61
N GLY D 356 52.39 19.25 33.17
CA GLY D 356 52.64 19.88 34.46
C GLY D 356 53.50 21.10 34.24
N ASP D 357 53.84 21.81 35.30
CA ASP D 357 54.67 23.01 35.18
C ASP D 357 55.94 22.75 34.38
N LYS D 358 56.56 21.59 34.60
CA LYS D 358 57.79 21.24 33.90
C LYS D 358 57.58 21.16 32.39
N GLU D 359 56.49 20.54 31.97
CA GLU D 359 56.19 20.40 30.55
C GLU D 359 55.96 21.75 29.89
N VAL D 360 55.23 22.62 30.58
CA VAL D 360 54.94 23.95 30.05
C VAL D 360 56.19 24.77 29.77
N GLU D 361 57.06 24.88 30.77
CA GLU D 361 58.29 25.65 30.61
C GLU D 361 59.37 24.91 29.83
N SER D 362 59.03 23.72 29.32
CA SER D 362 59.99 22.95 28.55
C SER D 362 59.48 22.67 27.14
N GLY D 363 58.20 22.97 26.92
CA GLY D 363 57.61 22.75 25.61
C GLY D 363 57.45 21.28 25.28
N LYS D 364 57.40 20.44 26.32
CA LYS D 364 57.25 19.00 26.14
C LYS D 364 55.95 18.49 26.73
N VAL D 365 55.83 17.16 26.76
CA VAL D 365 54.65 16.53 27.31
C VAL D 365 55.00 15.16 27.87
N ALA D 366 54.32 14.77 28.95
CA ALA D 366 54.54 13.46 29.56
C ALA D 366 53.56 12.50 28.89
N VAL D 367 54.09 11.48 28.22
CA VAL D 367 53.24 10.53 27.49
C VAL D 367 52.97 9.19 28.19
N ARG D 368 51.70 8.81 28.22
CA ARG D 368 51.33 7.53 28.81
C ARG D 368 50.25 6.90 27.93
N THR D 369 50.13 5.58 28.00
CA THR D 369 49.15 4.88 27.16
C THR D 369 48.05 4.19 27.94
N ARG D 370 47.02 3.79 27.19
CA ARG D 370 45.87 3.09 27.73
C ARG D 370 46.25 1.68 28.18
N ARG D 371 47.50 1.29 27.99
CA ARG D 371 47.94 -0.04 28.41
C ARG D 371 48.63 0.07 29.77
N GLY D 372 48.47 1.23 30.40
CA GLY D 372 49.04 1.47 31.72
C GLY D 372 50.50 1.85 31.74
N LYS D 373 51.08 2.10 30.57
CA LYS D 373 52.49 2.44 30.47
C LYS D 373 52.86 3.91 30.44
N ASP D 374 54.07 4.20 30.94
CA ASP D 374 54.61 5.55 30.98
C ASP D 374 55.75 5.60 29.96
N LEU D 375 55.60 6.43 28.94
CA LEU D 375 56.60 6.55 27.89
C LEU D 375 57.55 7.73 28.12
N GLY D 376 57.45 8.34 29.30
CA GLY D 376 58.31 9.47 29.62
C GLY D 376 57.89 10.74 28.93
N SER D 377 58.73 11.77 29.01
CA SER D 377 58.40 13.04 28.37
C SER D 377 59.07 13.09 27.01
N MET D 378 58.41 13.71 26.04
CA MET D 378 59.00 13.83 24.72
C MET D 378 58.55 15.11 24.01
N ASP D 379 59.24 15.45 22.93
CA ASP D 379 58.95 16.65 22.17
C ASP D 379 57.58 16.59 21.50
N VAL D 380 56.86 17.71 21.55
CA VAL D 380 55.54 17.79 20.95
C VAL D 380 55.56 17.47 19.46
N ASN D 381 56.54 18.00 18.73
CA ASN D 381 56.61 17.72 17.31
C ASN D 381 56.96 16.26 17.07
N GLU D 382 57.74 15.68 17.97
CA GLU D 382 58.13 14.27 17.85
C GLU D 382 56.91 13.37 18.01
N VAL D 383 56.06 13.67 19.00
CA VAL D 383 54.88 12.87 19.21
C VAL D 383 53.92 13.01 18.03
N ILE D 384 53.80 14.21 17.50
CA ILE D 384 52.91 14.42 16.35
C ILE D 384 53.36 13.58 15.17
N GLU D 385 54.65 13.67 14.82
CA GLU D 385 55.18 12.89 13.70
C GLU D 385 54.97 11.39 13.92
N LYS D 386 55.27 10.91 15.11
CA LYS D 386 55.11 9.49 15.41
C LYS D 386 53.65 9.07 15.31
N LEU D 387 52.75 9.92 15.83
CA LEU D 387 51.32 9.65 15.78
C LEU D 387 50.84 9.58 14.33
N GLN D 388 51.28 10.53 13.51
CA GLN D 388 50.88 10.57 12.12
C GLN D 388 51.36 9.34 11.36
N GLN D 389 52.54 8.85 11.71
CA GLN D 389 53.08 7.66 11.06
C GLN D 389 52.26 6.44 11.47
N GLU D 390 51.88 6.39 12.75
CA GLU D 390 51.09 5.28 13.26
C GLU D 390 49.73 5.27 12.59
N ILE D 391 49.17 6.46 12.40
CA ILE D 391 47.87 6.61 11.77
C ILE D 391 47.91 6.31 10.27
N ARG D 392 48.85 6.93 9.57
CA ARG D 392 48.96 6.74 8.14
C ARG D 392 49.25 5.29 7.75
N SER D 393 50.03 4.59 8.57
CA SER D 393 50.37 3.20 8.28
C SER D 393 49.31 2.24 8.82
N ARG D 394 48.29 2.79 9.47
CA ARG D 394 47.22 1.98 10.07
C ARG D 394 47.83 0.83 10.88
N SER D 395 48.82 1.18 11.69
CA SER D 395 49.52 0.22 12.52
C SER D 395 48.68 -0.37 13.66
N LEU D 396 48.90 -1.64 13.94
CA LEU D 396 48.20 -2.36 15.01
C LEU D 396 48.82 -2.10 16.37
N LYS D 397 50.06 -1.63 16.38
CA LYS D 397 50.72 -1.40 17.66
C LYS D 397 51.06 0.06 17.92
N GLN D 398 51.04 0.42 19.21
CA GLN D 398 51.34 1.76 19.65
C GLN D 398 52.85 1.94 19.82
N LEU D 399 53.26 3.18 20.05
CA LEU D 399 54.67 3.50 20.23
C LEU D 399 55.26 2.71 21.39
N GLU D 400 56.51 2.27 21.24
CA GLU D 400 57.16 1.52 22.29
C GLU D 400 56.97 0.02 22.21
N GLU D 401 55.76 -0.42 21.86
CA GLU D 401 55.48 -1.85 21.76
C GLU D 401 55.85 -2.38 20.39
ZN ZN E . -21.93 -5.54 14.23
CG2 TSB F . -23.56 -9.73 14.16
N TSB F . -20.55 -7.40 13.95
CA TSB F . -21.30 -8.59 14.29
CB TSB F . -22.67 -8.63 13.57
OG1 TSB F . -23.35 -7.38 13.73
C TSB F . -20.48 -9.76 13.84
O TSB F . -19.81 -9.69 12.81
N8 TSB F . -20.51 -10.81 14.62
S1 TSB F . -19.66 -12.13 14.26
O1S TSB F . -18.25 -11.75 13.98
O2S TSB F . -19.94 -13.14 15.31
O5' TSB F . -20.27 -12.64 12.87
C5' TSB F . -21.67 -12.86 12.73
C4' TSB F . -21.95 -14.23 12.14
O4' TSB F . -21.28 -14.35 10.87
C3' TSB F . -21.42 -15.41 12.93
O3' TSB F . -22.32 -15.76 13.99
C2' TSB F . -21.32 -16.51 11.87
O2' TSB F . -22.53 -17.21 11.68
C1' TSB F . -20.95 -15.70 10.63
N9 TSB F . -19.53 -15.80 10.30
C8 TSB F . -18.46 -15.19 10.94
N7 TSB F . -17.30 -15.51 10.42
C5 TSB F . -17.62 -16.37 9.38
C6 TSB F . -16.81 -17.07 8.45
N6 TSB F . -15.48 -16.99 8.42
N1 TSB F . -17.44 -17.84 7.54
C2 TSB F . -18.77 -17.93 7.57
N3 TSB F . -19.63 -17.34 8.40
C4 TSB F . -18.98 -16.56 9.29
ZN ZN G . -17.80 -8.57 -18.96
CG2 TSB H . -20.66 -5.19 -19.36
N TSB H . -17.18 -6.41 -18.34
CA TSB H . -18.18 -5.54 -18.93
CB TSB H . -19.61 -5.96 -18.54
OG1 TSB H . -19.79 -7.36 -18.81
C TSB H . -17.93 -4.17 -18.37
O TSB H . -17.50 -4.04 -17.22
N8 TSB H . -18.18 -3.17 -19.17
S1 TSB H . -17.92 -1.68 -18.69
O1S TSB H . -16.55 -1.60 -18.13
O2S TSB H . -18.30 -0.78 -19.82
O5' TSB H . -18.93 -1.45 -17.46
C5' TSB H . -20.33 -1.69 -17.63
C4' TSB H . -21.14 -0.49 -17.17
O4' TSB H . -20.80 -0.20 -15.79
C3' TSB H . -20.84 0.81 -17.89
O3' TSB H . -21.57 0.91 -19.12
C2' TSB H . -21.29 1.87 -16.88
O2' TSB H . -22.66 2.22 -16.99
C1' TSB H . -20.97 1.19 -15.54
N9 TSB H . -19.76 1.73 -14.93
C8 TSB H . -18.45 1.52 -15.31
N7 TSB H . -17.58 2.17 -14.58
C5 TSB H . -18.36 2.84 -13.64
C6 TSB H . -18.03 3.71 -12.59
N6 TSB H . -16.79 4.09 -12.30
N1 TSB H . -19.04 4.20 -11.85
C2 TSB H . -20.30 3.85 -12.16
N3 TSB H . -20.73 3.05 -13.12
C4 TSB H . -19.70 2.57 -13.84
ZN ZN I . 15.27 19.34 11.77
CG2 TSB J . 16.83 21.70 8.34
N TSB J . 14.16 19.36 9.72
CA TSB J . 14.72 20.46 8.96
CB TSB J . 16.26 20.39 8.90
OG1 TSB J . 16.79 20.19 10.21
C TSB J . 14.18 20.34 7.57
O TSB J . 14.01 19.24 7.08
N8 TSB J . 13.94 21.46 6.94
S1 TSB J . 13.37 21.46 5.46
O1S TSB J . 12.16 20.60 5.43
O2S TSB J . 13.24 22.88 5.04
O5' TSB J . 14.49 20.74 4.57
C5' TSB J . 15.85 21.20 4.59
C4' TSB J . 16.35 21.43 3.18
O4' TSB J . 16.25 20.19 2.42
C3' TSB J . 15.56 22.42 2.34
O3' TSB J . 15.97 23.77 2.62
C2' TSB J . 15.88 22.00 0.91
O2' TSB J . 17.07 22.61 0.41
C1' TSB J . 16.05 20.49 1.04
N9 TSB J . 14.88 19.75 0.56
C8 TSB J . 13.65 19.62 1.15
N7 TSB J . 12.78 18.94 0.44
C5 TSB J . 13.49 18.59 -0.70
C6 TSB J . 13.14 17.87 -1.86
N6 TSB J . 11.93 17.36 -2.06
N1 TSB J . 14.09 17.69 -2.80
C2 TSB J . 15.30 18.21 -2.60
N3 TSB J . 15.76 18.92 -1.56
C4 TSB J . 14.79 19.07 -0.64
ZN ZN K . 24.87 -8.12 -5.08
CG2 TSB L . 27.58 -9.06 -1.65
N TSB L . 24.04 -8.84 -3.04
CA TSB L . 25.15 -9.36 -2.28
CB TSB L . 26.34 -8.36 -2.20
OG1 TSB L . 26.65 -7.87 -3.52
C TSB L . 24.65 -9.61 -0.89
O TSB L . 23.77 -8.90 -0.40
N8 TSB L . 25.18 -10.63 -0.26
S1 TSB L . 24.73 -11.03 1.21
O1S TSB L . 23.25 -11.09 1.26
O2S TSB L . 25.50 -12.24 1.57
O5' TSB L . 25.17 -9.81 2.15
C5' TSB L . 26.52 -9.32 2.13
C4' TSB L . 27.07 -9.19 3.54
O4' TSB L . 26.22 -8.28 4.28
C3' TSB L . 27.05 -10.44 4.38
O3' TSB L . 28.18 -11.27 4.12
C2' TSB L . 27.08 -9.89 5.81
O2' TSB L . 28.38 -9.61 6.30
C1' TSB L . 26.26 -8.61 5.66
N9 TSB L . 24.88 -8.76 6.16
C8 TSB L . 23.83 -9.41 5.56
N7 TSB L . 22.74 -9.42 6.28
C5 TSB L . 23.08 -8.69 7.42
C6 TSB L . 22.37 -8.34 8.57
N6 TSB L . 21.09 -8.68 8.79
N1 TSB L . 23.00 -7.61 9.52
C2 TSB L . 24.28 -7.29 9.31
N3 TSB L . 25.07 -7.56 8.28
C4 TSB L . 24.41 -8.27 7.35
#